data_9KYR
#
_entry.id   9KYR
#
_cell.length_a   40.830
_cell.length_b   61.530
_cell.length_c   195.400
_cell.angle_alpha   83.94
_cell.angle_beta   88.85
_cell.angle_gamma   89.09
#
_symmetry.space_group_name_H-M   'P 1'
#
loop_
_entity.id
_entity.type
_entity.pdbx_description
1 polymer 'Glycoside hydrolase family 57 N-terminal domain-containing protein'
2 branched Cyclooctakis-(1-4)-(alpha-D-glucopyranose)
3 non-polymer GLYCEROL
4 non-polymer DI(HYDROXYETHYL)ETHER
5 non-polymer 1,2-ETHANEDIOL
6 water water
#
_entity_poly.entity_id   1
_entity_poly.type   'polypeptide(L)'
_entity_poly.pdbx_seq_one_letter_code
;MKKLFLVFWWHMHQPLYREPYTGEYLLPWTFFHAVKDYYDMPAYLKDFEIKLNFNLTPVLIDQIQEYAQGKAKDVFLEAI
RKDPDDLEKEEVEKLIEFTKLNYEKPIYRFERIRELMNKEKLNREELLDLQTLNLLAWCGRTLRKDLKDLLNKGRNYTQE
EKEYVLNKYFEIIKKTLSIYREIKEEGKGSVSTSPYYHPLIPILLNPNCVYETTPNVKIPDFAVSFREDASKHVELAKEK
YFEIFGEHPVYMWPPEASVSNEALELYYEKGINMLATDEVILKNSVERASPYLRYYFRELISVFFRDKTLSDLIGFSYHA
WNAEDAVRDFIGRLKKIHESVDFQPVVFVVLNGENCWEYYEENGIPFLEKLYSTLEKEEWIETLTLEEAMRKEDVKTEVI
ESVKAGTWFDGNFLKWIGNKEKNEYWKILIEAKKKAKNDYILVAEGSDWFWWQGEEKAPFVEVFDKLFRSFVRRAQE
;
_entity_poly.pdbx_strand_id   A,B,C,D
#
loop_
_chem_comp.id
_chem_comp.type
_chem_comp.name
_chem_comp.formula
EDO non-polymer 1,2-ETHANEDIOL 'C2 H6 O2'
GLC D-saccharide, alpha linking alpha-D-glucopyranose 'C6 H12 O6'
GOL non-polymer GLYCEROL 'C3 H8 O3'
PEG non-polymer DI(HYDROXYETHYL)ETHER 'C4 H10 O3'
#
# COMPACT_ATOMS: atom_id res chain seq x y z
N LYS A 2 -10.53 12.30 -57.46
CA LYS A 2 -11.17 12.67 -56.19
C LYS A 2 -10.61 11.84 -55.03
N LYS A 3 -9.88 12.51 -54.15
CA LYS A 3 -9.17 11.86 -53.06
C LYS A 3 -9.93 12.04 -51.74
N LEU A 4 -9.68 11.11 -50.83
CA LEU A 4 -10.03 11.29 -49.43
C LEU A 4 -8.75 11.75 -48.74
N PHE A 5 -8.81 12.89 -48.04
CA PHE A 5 -7.63 13.41 -47.37
C PHE A 5 -7.66 12.93 -45.91
N LEU A 6 -6.65 12.16 -45.51
CA LEU A 6 -6.63 11.52 -44.21
C LEU A 6 -5.50 12.14 -43.39
N VAL A 7 -5.81 12.56 -42.17
CA VAL A 7 -4.82 13.25 -41.34
C VAL A 7 -4.76 12.54 -39.98
N PHE A 8 -3.67 11.81 -39.73
CA PHE A 8 -3.41 11.26 -38.39
C PHE A 8 -2.68 12.30 -37.55
N TRP A 9 -3.10 12.47 -36.30
CA TRP A 9 -2.42 13.39 -35.40
C TRP A 9 -2.34 12.67 -34.06
N TRP A 10 -1.16 12.19 -33.73
CA TRP A 10 -1.00 11.35 -32.56
C TRP A 10 -0.56 12.25 -31.41
N HIS A 11 -1.32 12.26 -30.33
CA HIS A 11 -1.04 13.17 -29.22
C HIS A 11 -0.25 12.45 -28.13
N MET A 12 0.90 13.01 -27.74
CA MET A 12 1.83 12.42 -26.76
C MET A 12 1.97 13.34 -25.57
N HIS A 13 1.71 12.82 -24.37
CA HIS A 13 1.77 13.67 -23.19
C HIS A 13 2.05 12.82 -21.95
N GLN A 14 2.84 13.36 -21.01
CA GLN A 14 2.94 12.82 -19.64
C GLN A 14 3.01 14.03 -18.71
N PRO A 15 2.25 14.03 -17.61
CA PRO A 15 2.46 15.05 -16.58
C PRO A 15 3.87 14.93 -15.98
N LEU A 16 4.25 15.94 -15.18
CA LEU A 16 5.58 15.94 -14.59
C LEU A 16 5.61 15.01 -13.37
N TYR A 17 6.32 13.90 -13.51
CA TYR A 17 6.42 12.89 -12.45
C TYR A 17 7.58 13.18 -11.51
N ARG A 18 8.35 14.22 -11.78
CA ARG A 18 9.54 14.55 -11.02
C ARG A 18 9.11 15.36 -9.82
N GLU A 19 9.19 14.73 -8.65
CA GLU A 19 8.90 15.41 -7.40
C GLU A 19 9.92 16.52 -7.20
N PRO A 20 9.50 17.75 -6.88
CA PRO A 20 10.44 18.88 -6.95
C PRO A 20 11.38 18.98 -5.75
N TYR A 21 11.12 18.27 -4.66
CA TYR A 21 11.98 18.37 -3.48
C TYR A 21 13.06 17.30 -3.44
N THR A 22 12.77 16.10 -3.95
CA THR A 22 13.76 15.04 -4.09
C THR A 22 14.37 14.99 -5.48
N GLY A 23 13.65 15.48 -6.48
CA GLY A 23 14.10 15.29 -7.84
C GLY A 23 13.89 13.89 -8.36
N GLU A 24 13.05 13.08 -7.70
CA GLU A 24 12.80 11.71 -8.13
C GLU A 24 11.54 11.63 -8.99
N TYR A 25 11.65 10.91 -10.11
CA TYR A 25 10.47 10.53 -10.88
C TYR A 25 9.76 9.42 -10.12
N LEU A 26 8.57 9.73 -9.62
CA LEU A 26 7.88 8.88 -8.66
C LEU A 26 7.10 7.76 -9.33
N LEU A 27 6.92 7.85 -10.64
CA LEU A 27 6.23 6.89 -11.48
C LEU A 27 7.04 6.79 -12.76
N PRO A 28 7.16 5.59 -13.33
CA PRO A 28 8.06 5.37 -14.47
C PRO A 28 7.40 5.57 -15.83
N TRP A 29 6.21 6.18 -15.89
CA TRP A 29 5.38 6.14 -17.10
C TRP A 29 6.01 6.90 -18.26
N THR A 30 6.76 7.96 -17.98
CA THR A 30 7.44 8.64 -19.08
C THR A 30 8.51 7.74 -19.70
N PHE A 31 9.30 7.08 -18.84
CA PHE A 31 10.30 6.14 -19.31
C PHE A 31 9.67 5.02 -20.16
N PHE A 32 8.63 4.37 -19.62
CA PHE A 32 8.06 3.21 -20.31
C PHE A 32 7.34 3.60 -21.61
N HIS A 33 6.62 4.74 -21.66
CA HIS A 33 6.04 5.13 -22.95
C HIS A 33 7.08 5.70 -23.90
N ALA A 34 8.23 6.13 -23.40
CA ALA A 34 9.31 6.53 -24.30
C ALA A 34 9.93 5.29 -24.98
N VAL A 35 10.28 4.27 -24.20
CA VAL A 35 10.93 3.11 -24.84
C VAL A 35 9.95 2.36 -25.72
N LYS A 36 8.65 2.43 -25.43
CA LYS A 36 7.63 1.69 -26.16
C LYS A 36 7.04 2.48 -27.32
N ASP A 37 6.62 3.74 -27.08
CA ASP A 37 5.81 4.46 -28.08
C ASP A 37 6.44 5.73 -28.62
N TYR A 38 7.14 6.53 -27.81
CA TYR A 38 7.39 7.90 -28.25
C TYR A 38 8.42 7.97 -29.37
N TYR A 39 9.38 7.04 -29.40
CA TYR A 39 10.26 6.97 -30.56
C TYR A 39 9.62 6.14 -31.66
N ASP A 40 8.96 5.07 -31.27
CA ASP A 40 8.52 4.08 -32.22
C ASP A 40 7.34 4.53 -33.05
N MET A 41 6.45 5.40 -32.52
CA MET A 41 5.33 5.88 -33.32
C MET A 41 5.79 6.69 -34.53
N PRO A 42 6.65 7.71 -34.39
CA PRO A 42 7.22 8.32 -35.60
C PRO A 42 8.15 7.41 -36.38
N ALA A 43 8.80 6.42 -35.74
CA ALA A 43 9.71 5.57 -36.51
C ALA A 43 8.99 4.75 -37.58
N TYR A 44 7.68 4.56 -37.47
CA TYR A 44 6.96 3.90 -38.56
C TYR A 44 7.19 4.62 -39.90
N LEU A 45 7.37 5.95 -39.85
CA LEU A 45 7.58 6.72 -41.07
C LEU A 45 8.87 6.35 -41.79
N LYS A 46 9.78 5.63 -41.14
CA LYS A 46 10.96 5.10 -41.84
C LYS A 46 10.60 3.97 -42.79
N ASP A 47 9.49 3.28 -42.55
CA ASP A 47 9.17 2.08 -43.32
C ASP A 47 7.91 2.20 -44.14
N PHE A 48 7.11 3.25 -43.94
CA PHE A 48 5.84 3.41 -44.64
C PHE A 48 5.75 4.80 -45.22
N GLU A 49 5.37 4.87 -46.49
CA GLU A 49 5.32 6.11 -47.25
C GLU A 49 3.94 6.74 -47.10
N ILE A 50 3.65 7.14 -45.87
CA ILE A 50 2.47 7.90 -45.53
C ILE A 50 2.94 9.10 -44.72
N LYS A 51 2.01 10.01 -44.49
CA LYS A 51 2.25 11.15 -43.61
C LYS A 51 1.60 10.89 -42.26
N LEU A 52 2.32 11.22 -41.18
CA LEU A 52 1.77 11.09 -39.83
C LEU A 52 2.20 12.30 -39.01
N ASN A 53 1.28 12.83 -38.21
CA ASN A 53 1.51 14.05 -37.44
C ASN A 53 1.48 13.75 -35.97
N PHE A 54 2.20 14.58 -35.21
CA PHE A 54 2.41 14.30 -33.80
C PHE A 54 2.28 15.57 -33.01
N ASN A 55 1.76 15.43 -31.79
CA ASN A 55 1.78 16.51 -30.82
C ASN A 55 2.64 16.05 -29.66
N LEU A 56 3.56 16.91 -29.21
CA LEU A 56 4.41 16.66 -28.05
C LEU A 56 4.20 17.78 -27.04
N THR A 57 3.72 17.46 -25.83
CA THR A 57 3.60 18.52 -24.85
C THR A 57 4.98 18.95 -24.37
N PRO A 58 5.16 20.23 -24.06
CA PRO A 58 6.47 20.69 -23.58
C PRO A 58 6.88 20.03 -22.28
N VAL A 59 5.91 19.69 -21.41
CA VAL A 59 6.26 19.00 -20.17
C VAL A 59 6.80 17.61 -20.47
N LEU A 60 6.26 16.94 -21.51
CA LEU A 60 6.78 15.62 -21.89
C LEU A 60 8.17 15.75 -22.51
N ILE A 61 8.39 16.76 -23.33
CA ILE A 61 9.72 16.96 -23.91
C ILE A 61 10.77 17.12 -22.80
N ASP A 62 10.46 17.94 -21.80
CA ASP A 62 11.39 18.17 -20.69
C ASP A 62 11.84 16.84 -20.09
N GLN A 63 10.88 15.94 -19.85
CA GLN A 63 11.20 14.68 -19.21
C GLN A 63 11.99 13.77 -20.14
N ILE A 64 11.58 13.67 -21.41
CA ILE A 64 12.38 12.92 -22.38
C ILE A 64 13.82 13.44 -22.36
N GLN A 65 13.99 14.77 -22.36
CA GLN A 65 15.35 15.32 -22.32
C GLN A 65 16.10 14.85 -21.09
N GLU A 66 15.40 14.68 -19.96
CA GLU A 66 16.12 14.36 -18.74
C GLU A 66 16.53 12.90 -18.71
N TYR A 67 15.68 12.00 -19.21
CA TYR A 67 16.10 10.61 -19.33
C TYR A 67 17.23 10.46 -20.33
N ALA A 68 17.11 11.12 -21.50
CA ALA A 68 18.16 11.01 -22.52
C ALA A 68 19.51 11.50 -22.01
N GLN A 69 19.54 12.52 -21.14
CA GLN A 69 20.82 13.01 -20.64
C GLN A 69 21.33 12.20 -19.44
N GLY A 70 20.61 11.15 -19.04
CA GLY A 70 21.03 10.37 -17.89
C GLY A 70 20.81 11.04 -16.55
N LYS A 71 19.96 12.06 -16.47
CA LYS A 71 19.79 12.82 -15.23
C LYS A 71 18.51 12.46 -14.47
N ALA A 72 17.63 11.66 -15.05
CA ALA A 72 16.37 11.32 -14.38
C ALA A 72 16.59 10.25 -13.33
N LYS A 73 16.12 10.53 -12.11
CA LYS A 73 16.18 9.58 -10.99
C LYS A 73 14.80 8.94 -10.86
N ASP A 74 14.67 7.72 -11.38
CA ASP A 74 13.38 7.03 -11.51
C ASP A 74 13.35 5.88 -10.50
N VAL A 75 12.45 5.98 -9.51
CA VAL A 75 12.50 5.07 -8.38
C VAL A 75 12.10 3.66 -8.80
N PHE A 76 11.07 3.56 -9.65
CA PHE A 76 10.66 2.24 -10.12
C PHE A 76 11.74 1.63 -10.99
N LEU A 77 12.37 2.44 -11.83
CA LEU A 77 13.40 1.91 -12.72
C LEU A 77 14.62 1.46 -11.95
N GLU A 78 14.98 2.14 -10.84
CA GLU A 78 16.14 1.71 -10.08
C GLU A 78 15.90 0.37 -9.42
N ALA A 79 14.64 0.08 -9.09
CA ALA A 79 14.30 -1.24 -8.58
C ALA A 79 14.45 -2.30 -9.67
N ILE A 80 14.14 -1.93 -10.92
CA ILE A 80 14.42 -2.81 -12.06
C ILE A 80 15.91 -3.05 -12.20
N ARG A 81 16.70 -1.97 -12.17
CA ARG A 81 18.13 -2.08 -12.46
C ARG A 81 18.85 -2.95 -11.46
N LYS A 82 18.47 -2.87 -10.18
CA LYS A 82 19.27 -3.46 -9.12
C LYS A 82 19.35 -4.98 -9.24
N ASP A 83 20.50 -5.53 -8.86
CA ASP A 83 20.59 -6.94 -8.50
C ASP A 83 19.51 -7.25 -7.46
N PRO A 84 18.80 -8.37 -7.59
CA PRO A 84 17.72 -8.68 -6.64
C PRO A 84 18.18 -8.80 -5.19
N ASP A 85 19.44 -9.14 -4.94
CA ASP A 85 19.85 -9.23 -3.54
C ASP A 85 19.93 -7.87 -2.87
N ASP A 86 19.87 -6.78 -3.63
CA ASP A 86 19.88 -5.43 -3.10
C ASP A 86 18.48 -4.84 -2.96
N LEU A 87 17.45 -5.52 -3.43
CA LEU A 87 16.10 -4.97 -3.40
C LEU A 87 15.63 -4.79 -1.96
N GLU A 88 14.97 -3.67 -1.71
CA GLU A 88 14.28 -3.53 -0.44
C GLU A 88 12.93 -4.21 -0.53
N LYS A 89 12.42 -4.62 0.63
CA LYS A 89 11.06 -5.13 0.69
C LYS A 89 10.10 -4.20 -0.01
N GLU A 90 10.25 -2.90 0.21
CA GLU A 90 9.35 -1.93 -0.40
C GLU A 90 9.46 -1.96 -1.92
N GLU A 91 10.66 -2.22 -2.43
CA GLU A 91 10.89 -2.27 -3.87
C GLU A 91 10.34 -3.55 -4.47
N VAL A 92 10.52 -4.69 -3.79
CA VAL A 92 9.88 -5.92 -4.24
C VAL A 92 8.36 -5.76 -4.27
N GLU A 93 7.80 -5.09 -3.25
CA GLU A 93 6.34 -4.90 -3.20
C GLU A 93 5.89 -4.01 -4.35
N LYS A 94 6.63 -2.94 -4.63
CA LYS A 94 6.24 -2.06 -5.72
C LYS A 94 6.36 -2.77 -7.06
N LEU A 95 7.37 -3.62 -7.20
CA LEU A 95 7.55 -4.39 -8.43
C LEU A 95 6.42 -5.39 -8.63
N ILE A 96 6.03 -6.09 -7.56
CA ILE A 96 4.88 -6.99 -7.61
C ILE A 96 3.62 -6.20 -7.92
N GLU A 97 3.42 -5.08 -7.21
CA GLU A 97 2.24 -4.25 -7.45
C GLU A 97 2.20 -3.77 -8.89
N PHE A 98 3.34 -3.36 -9.43
CA PHE A 98 3.33 -2.87 -10.80
C PHE A 98 2.97 -3.97 -11.78
N THR A 99 3.43 -5.20 -11.52
CA THR A 99 3.12 -6.34 -12.37
C THR A 99 1.62 -6.65 -12.39
N LYS A 100 0.97 -6.74 -11.22
CA LYS A 100 -0.45 -7.10 -11.20
C LYS A 100 -1.33 -6.00 -11.77
N LEU A 101 -0.85 -4.74 -11.78
CA LEU A 101 -1.60 -3.65 -12.39
C LEU A 101 -1.65 -3.81 -13.91
N ASN A 102 -0.57 -4.30 -14.49
CA ASN A 102 -0.44 -4.52 -15.93
C ASN A 102 -0.68 -5.98 -16.33
N TYR A 103 -1.05 -6.83 -15.39
CA TYR A 103 -1.03 -8.29 -15.57
C TYR A 103 -1.88 -8.77 -16.76
N GLU A 104 -3.01 -8.11 -17.01
CA GLU A 104 -3.97 -8.62 -18.00
C GLU A 104 -3.79 -7.99 -19.37
N LYS A 105 -2.83 -7.11 -19.52
CA LYS A 105 -2.56 -6.51 -20.83
C LYS A 105 -1.82 -7.48 -21.74
N PRO A 106 -2.19 -7.54 -23.02
CA PRO A 106 -1.49 -8.43 -23.95
C PRO A 106 0.03 -8.28 -23.96
N ILE A 107 0.55 -7.09 -23.68
CA ILE A 107 2.01 -6.95 -23.68
C ILE A 107 2.66 -7.62 -22.48
N TYR A 108 1.87 -8.01 -21.47
CA TYR A 108 2.37 -8.76 -20.34
C TYR A 108 2.12 -10.27 -20.46
N ARG A 109 1.70 -10.77 -21.62
CA ARG A 109 1.40 -12.19 -21.75
C ARG A 109 2.69 -12.97 -21.91
N PHE A 110 3.35 -13.19 -20.78
CA PHE A 110 4.45 -14.12 -20.65
C PHE A 110 4.02 -15.19 -19.66
N GLU A 111 4.21 -16.47 -20.01
CA GLU A 111 3.82 -17.51 -19.06
C GLU A 111 4.59 -17.37 -17.75
N ARG A 112 5.84 -16.90 -17.83
CA ARG A 112 6.64 -16.76 -16.62
C ARG A 112 6.02 -15.75 -15.65
N ILE A 113 5.39 -14.69 -16.18
CA ILE A 113 4.71 -13.75 -15.30
C ILE A 113 3.60 -14.45 -14.52
N ARG A 114 2.84 -15.31 -15.20
CA ARG A 114 1.79 -16.05 -14.51
C ARG A 114 2.37 -16.90 -13.39
N GLU A 115 3.49 -17.55 -13.64
CA GLU A 115 4.14 -18.37 -12.62
C GLU A 115 4.56 -17.52 -11.43
N LEU A 116 5.32 -16.45 -11.69
CA LEU A 116 5.85 -15.61 -10.61
C LEU A 116 4.73 -15.01 -9.75
N MET A 117 3.61 -14.72 -10.32
CA MET A 117 2.53 -14.03 -9.61
C MET A 117 1.85 -14.94 -8.66
N ASN A 118 1.92 -16.22 -9.00
CA ASN A 118 1.33 -17.21 -8.19
C ASN A 118 2.25 -17.65 -7.13
N LYS A 119 3.25 -16.86 -6.81
CA LYS A 119 4.23 -17.36 -5.92
C LYS A 119 4.48 -16.69 -4.58
N GLU A 120 5.06 -17.44 -3.68
CA GLU A 120 5.24 -17.00 -2.32
C GLU A 120 6.30 -16.05 -2.01
N LYS A 121 7.51 -16.57 -1.98
CA LYS A 121 8.58 -15.70 -1.82
C LYS A 121 9.22 -15.89 -3.16
N LEU A 122 10.07 -14.99 -3.56
CA LEU A 122 10.62 -15.11 -4.83
C LEU A 122 12.06 -15.08 -4.60
N ASN A 123 12.76 -15.97 -5.22
CA ASN A 123 14.19 -16.05 -5.08
C ASN A 123 14.92 -15.14 -6.05
N ARG A 124 16.21 -15.14 -5.98
CA ARG A 124 16.93 -14.16 -6.77
C ARG A 124 16.66 -14.32 -8.26
N GLU A 125 16.74 -15.55 -8.76
CA GLU A 125 16.53 -15.81 -10.17
C GLU A 125 15.11 -15.43 -10.60
N GLU A 126 14.15 -15.67 -9.73
CA GLU A 126 12.76 -15.31 -10.03
C GLU A 126 12.55 -13.80 -9.98
N LEU A 127 13.24 -13.11 -9.08
CA LEU A 127 13.12 -11.65 -9.04
C LEU A 127 13.77 -11.03 -10.27
N LEU A 128 14.85 -11.63 -10.76
CA LEU A 128 15.48 -11.16 -11.99
C LEU A 128 14.54 -11.28 -13.17
N ASP A 129 13.75 -12.35 -13.20
CA ASP A 129 12.78 -12.50 -14.29
C ASP A 129 11.63 -11.53 -14.12
N LEU A 130 11.21 -11.25 -12.89
CA LEU A 130 10.18 -10.23 -12.71
C LEU A 130 10.69 -8.87 -13.14
N GLN A 131 11.95 -8.56 -12.81
CA GLN A 131 12.53 -7.28 -13.22
C GLN A 131 12.59 -7.17 -14.75
N THR A 132 13.15 -8.18 -15.39
CA THR A 132 13.48 -8.08 -16.81
C THR A 132 12.23 -8.26 -17.68
N LEU A 133 11.29 -9.09 -17.24
CA LEU A 133 10.04 -9.22 -17.97
C LEU A 133 9.21 -7.94 -17.87
N ASN A 134 9.28 -7.23 -16.74
CA ASN A 134 8.62 -5.94 -16.69
C ASN A 134 9.23 -4.98 -17.71
N LEU A 135 10.56 -4.91 -17.76
CA LEU A 135 11.25 -4.17 -18.81
C LEU A 135 10.79 -4.57 -20.21
N LEU A 136 10.91 -5.87 -20.54
CA LEU A 136 10.69 -6.34 -21.90
C LEU A 136 9.23 -6.23 -22.32
N ALA A 137 8.31 -6.26 -21.35
CA ALA A 137 6.90 -6.03 -21.66
C ALA A 137 6.68 -4.71 -22.39
N TRP A 138 7.51 -3.71 -22.11
CA TRP A 138 7.33 -2.37 -22.63
C TRP A 138 8.18 -2.11 -23.87
N CYS A 139 8.72 -3.17 -24.46
CA CYS A 139 9.62 -3.05 -25.59
C CYS A 139 8.90 -2.55 -26.84
N GLY A 140 9.53 -1.56 -27.54
CA GLY A 140 8.91 -0.97 -28.71
C GLY A 140 9.12 -1.79 -29.97
N ARG A 141 8.45 -1.34 -31.03
CA ARG A 141 8.54 -2.00 -32.33
C ARG A 141 10.00 -2.22 -32.74
N THR A 142 10.81 -1.15 -32.71
CA THR A 142 12.19 -1.20 -33.20
C THR A 142 13.00 -2.28 -32.48
N LEU A 143 12.94 -2.32 -31.13
CA LEU A 143 13.79 -3.26 -30.41
C LEU A 143 13.19 -4.64 -30.31
N ARG A 144 11.87 -4.77 -30.54
CA ARG A 144 11.31 -6.12 -30.60
C ARG A 144 11.96 -6.97 -31.68
N LYS A 145 12.63 -6.37 -32.67
CA LYS A 145 13.42 -7.12 -33.64
C LYS A 145 14.85 -7.37 -33.17
N ASP A 146 15.56 -6.32 -32.74
CA ASP A 146 16.92 -6.49 -32.24
C ASP A 146 16.97 -7.47 -31.06
N LEU A 147 16.02 -7.36 -30.12
CA LEU A 147 16.03 -8.19 -28.92
C LEU A 147 15.15 -9.44 -29.07
N LYS A 148 14.87 -9.86 -30.31
CA LYS A 148 13.91 -10.93 -30.54
C LYS A 148 14.27 -12.21 -29.78
N ASP A 149 15.56 -12.54 -29.70
CA ASP A 149 15.95 -13.77 -29.01
C ASP A 149 15.72 -13.66 -27.50
N LEU A 150 15.94 -12.47 -26.91
CA LEU A 150 15.72 -12.32 -25.47
C LEU A 150 14.24 -12.36 -25.13
N LEU A 151 13.39 -11.77 -25.99
CA LEU A 151 11.95 -11.80 -25.78
C LEU A 151 11.41 -13.23 -25.81
N ASN A 152 11.81 -14.02 -26.82
CA ASN A 152 11.35 -15.41 -26.92
C ASN A 152 11.83 -16.27 -25.77
N LYS A 153 12.97 -15.92 -25.20
CA LYS A 153 13.46 -16.60 -24.01
C LYS A 153 12.37 -16.69 -22.95
N GLY A 154 11.77 -15.56 -22.58
CA GLY A 154 10.63 -15.48 -21.69
C GLY A 154 10.90 -15.79 -20.24
N ARG A 155 12.11 -16.23 -19.87
CA ARG A 155 12.40 -16.65 -18.50
C ARG A 155 13.91 -16.77 -18.34
N ASN A 156 14.34 -16.92 -17.08
CA ASN A 156 15.74 -17.24 -16.75
C ASN A 156 16.70 -16.18 -17.28
N TYR A 157 16.33 -14.93 -17.05
CA TYR A 157 17.17 -13.82 -17.46
C TYR A 157 18.33 -13.64 -16.49
N THR A 158 19.43 -13.10 -17.00
CA THR A 158 20.56 -12.76 -16.16
C THR A 158 20.65 -11.25 -16.01
N GLN A 159 21.38 -10.83 -14.97
CA GLN A 159 21.60 -9.40 -14.74
C GLN A 159 22.26 -8.74 -15.97
N GLU A 160 23.19 -9.44 -16.62
CA GLU A 160 23.86 -8.85 -17.77
C GLU A 160 22.91 -8.71 -18.95
N GLU A 161 21.91 -9.58 -19.06
CA GLU A 161 20.92 -9.42 -20.11
C GLU A 161 19.97 -8.27 -19.79
N LYS A 162 19.56 -8.19 -18.53
CA LYS A 162 18.72 -7.07 -18.12
C LYS A 162 19.43 -5.75 -18.39
N GLU A 163 20.73 -5.69 -18.11
CA GLU A 163 21.45 -4.44 -18.34
C GLU A 163 21.64 -4.17 -19.82
N TYR A 164 21.83 -5.21 -20.62
CA TYR A 164 21.87 -5.04 -22.07
C TYR A 164 20.58 -4.38 -22.57
N VAL A 165 19.44 -4.92 -22.13
CA VAL A 165 18.14 -4.36 -22.49
C VAL A 165 18.04 -2.89 -22.06
N LEU A 166 18.47 -2.58 -20.82
CA LEU A 166 18.36 -1.21 -20.32
C LEU A 166 19.18 -0.24 -21.17
N ASN A 167 20.37 -0.66 -21.58
CA ASN A 167 21.23 0.18 -22.40
C ASN A 167 20.57 0.50 -23.73
N LYS A 168 20.00 -0.52 -24.39
CA LYS A 168 19.32 -0.32 -25.67
C LYS A 168 18.13 0.60 -25.50
N TYR A 169 17.37 0.43 -24.40
CA TYR A 169 16.25 1.30 -24.11
C TYR A 169 16.69 2.77 -24.03
N PHE A 170 17.80 3.06 -23.36
CA PHE A 170 18.22 4.47 -23.24
C PHE A 170 18.74 5.01 -24.57
N GLU A 171 19.27 4.15 -25.43
CA GLU A 171 19.65 4.59 -26.78
C GLU A 171 18.42 5.02 -27.56
N ILE A 172 17.28 4.35 -27.35
CA ILE A 172 16.03 4.73 -27.99
C ILE A 172 15.59 6.11 -27.54
N ILE A 173 15.65 6.37 -26.21
CA ILE A 173 15.27 7.67 -25.69
C ILE A 173 16.19 8.76 -26.22
N LYS A 174 17.49 8.49 -26.25
CA LYS A 174 18.44 9.45 -26.80
C LYS A 174 18.16 9.79 -28.27
N LYS A 175 17.44 8.92 -29.00
CA LYS A 175 17.12 9.11 -30.42
C LYS A 175 15.79 9.82 -30.64
N THR A 176 15.03 10.04 -29.58
CA THR A 176 13.60 10.27 -29.73
C THR A 176 13.27 11.68 -30.22
N LEU A 177 13.88 12.72 -29.64
CA LEU A 177 13.59 14.05 -30.14
C LEU A 177 14.17 14.24 -31.54
N SER A 178 15.27 13.53 -31.86
CA SER A 178 15.90 13.68 -33.17
C SER A 178 15.04 13.11 -34.27
N ILE A 179 14.20 12.12 -33.97
CA ILE A 179 13.40 11.56 -35.05
C ILE A 179 12.17 12.42 -35.33
N TYR A 180 11.62 13.09 -34.30
CA TYR A 180 10.56 14.06 -34.56
C TYR A 180 11.08 15.19 -35.44
N ARG A 181 12.29 15.67 -35.16
CA ARG A 181 12.88 16.70 -36.00
C ARG A 181 13.19 16.18 -37.41
N GLU A 182 13.55 14.90 -37.55
CA GLU A 182 13.84 14.37 -38.88
C GLU A 182 12.56 14.22 -39.71
N ILE A 183 11.50 13.61 -39.13
CA ILE A 183 10.27 13.47 -39.91
C ILE A 183 9.70 14.85 -40.25
N LYS A 184 9.85 15.81 -39.34
CA LYS A 184 9.44 17.18 -39.66
C LYS A 184 10.25 17.73 -40.81
N GLU A 185 11.55 17.51 -40.81
CA GLU A 185 12.38 18.11 -41.84
C GLU A 185 12.18 17.43 -43.18
N GLU A 186 11.94 16.12 -43.17
CA GLU A 186 11.78 15.38 -44.40
C GLU A 186 10.38 15.52 -45.01
N GLY A 187 9.51 16.34 -44.41
CA GLY A 187 8.16 16.49 -44.88
C GLY A 187 7.27 15.29 -44.66
N LYS A 188 7.68 14.36 -43.78
CA LYS A 188 6.87 13.17 -43.53
C LYS A 188 5.79 13.40 -42.48
N GLY A 189 5.87 14.49 -41.73
CA GLY A 189 4.85 14.81 -40.75
C GLY A 189 5.07 16.20 -40.21
N SER A 190 4.00 16.76 -39.65
CA SER A 190 4.14 18.00 -38.90
C SER A 190 4.15 17.65 -37.41
N VAL A 191 4.84 18.45 -36.62
CA VAL A 191 4.86 18.28 -35.17
C VAL A 191 4.24 19.53 -34.55
N SER A 192 3.28 19.34 -33.66
CA SER A 192 2.67 20.44 -32.94
C SER A 192 3.06 20.35 -31.47
N THR A 193 2.65 21.35 -30.70
CA THR A 193 2.80 21.25 -29.26
C THR A 193 1.51 21.75 -28.61
N SER A 194 1.45 21.66 -27.24
CA SER A 194 0.29 22.17 -26.49
C SER A 194 0.74 23.27 -25.53
N PRO A 195 -0.17 24.04 -24.92
CA PRO A 195 0.23 24.87 -23.78
C PRO A 195 0.98 24.02 -22.76
N TYR A 196 1.96 24.63 -22.10
CA TYR A 196 3.14 23.94 -21.58
C TYR A 196 2.80 22.69 -20.78
N TYR A 197 1.95 22.83 -19.76
CA TYR A 197 1.69 21.72 -18.84
C TYR A 197 0.33 21.05 -19.08
N HIS A 198 -0.20 21.09 -20.31
CA HIS A 198 -1.48 20.45 -20.63
C HIS A 198 -2.63 20.93 -19.72
N PRO A 199 -2.79 22.24 -19.52
CA PRO A 199 -3.94 22.73 -18.74
C PRO A 199 -5.19 22.83 -19.58
N LEU A 200 -6.30 23.03 -18.87
CA LEU A 200 -7.57 23.39 -19.51
C LEU A 200 -7.60 24.90 -19.72
N ILE A 201 -7.16 25.34 -20.92
CA ILE A 201 -7.12 26.78 -21.21
C ILE A 201 -8.47 27.46 -21.06
N PRO A 202 -9.59 26.91 -21.55
CA PRO A 202 -10.85 27.63 -21.35
C PRO A 202 -11.15 27.91 -19.88
N ILE A 203 -10.85 26.96 -19.00
CA ILE A 203 -11.14 27.22 -17.59
C ILE A 203 -10.21 28.30 -17.05
N LEU A 204 -8.93 28.24 -17.39
CA LEU A 204 -8.02 29.26 -16.86
C LEU A 204 -8.42 30.64 -17.34
N LEU A 205 -8.94 30.75 -18.57
CA LEU A 205 -9.35 32.05 -19.07
C LEU A 205 -10.66 32.50 -18.44
N ASN A 206 -11.59 31.57 -18.18
CA ASN A 206 -12.93 31.95 -17.75
C ASN A 206 -13.65 30.74 -17.17
N PRO A 207 -13.58 30.54 -15.86
CA PRO A 207 -14.22 29.36 -15.23
C PRO A 207 -15.72 29.25 -15.49
N ASN A 208 -16.40 30.36 -15.73
CA ASN A 208 -17.83 30.30 -16.02
C ASN A 208 -18.11 29.62 -17.36
N CYS A 209 -17.10 29.40 -18.21
CA CYS A 209 -17.40 28.70 -19.45
C CYS A 209 -17.93 27.28 -19.21
N VAL A 210 -17.77 26.70 -18.01
CA VAL A 210 -18.34 25.38 -17.79
C VAL A 210 -19.87 25.41 -17.87
N TYR A 211 -20.49 26.55 -17.59
CA TYR A 211 -21.94 26.68 -17.63
C TYR A 211 -22.52 26.71 -19.04
N GLU A 212 -21.70 26.70 -20.09
CA GLU A 212 -22.30 26.62 -21.42
C GLU A 212 -22.87 25.24 -21.70
N THR A 213 -22.36 24.20 -21.03
CA THR A 213 -22.78 22.82 -21.26
C THR A 213 -23.44 22.19 -20.04
N THR A 214 -22.98 22.51 -18.83
CA THR A 214 -23.46 21.87 -17.60
C THR A 214 -23.87 22.98 -16.64
N PRO A 215 -25.06 23.55 -16.83
CA PRO A 215 -25.46 24.69 -16.00
C PRO A 215 -25.59 24.39 -14.51
N ASN A 216 -25.83 23.14 -14.13
CA ASN A 216 -26.09 22.82 -12.73
C ASN A 216 -24.83 22.51 -11.95
N VAL A 217 -23.67 22.54 -12.60
CA VAL A 217 -22.43 22.16 -11.92
C VAL A 217 -22.09 23.19 -10.85
N LYS A 218 -21.46 22.72 -9.79
CA LYS A 218 -20.98 23.56 -8.70
C LYS A 218 -19.47 23.71 -8.85
N ILE A 219 -18.99 24.94 -8.81
CA ILE A 219 -17.55 25.17 -8.91
C ILE A 219 -17.13 26.08 -7.76
N PRO A 220 -15.84 26.06 -7.40
CA PRO A 220 -15.39 26.90 -6.28
C PRO A 220 -15.30 28.38 -6.66
N ASP A 221 -15.03 29.19 -5.64
CA ASP A 221 -14.91 30.64 -5.78
C ASP A 221 -13.56 30.95 -6.44
N PHE A 222 -13.56 31.26 -7.74
CA PHE A 222 -12.32 31.60 -8.44
C PHE A 222 -11.97 33.05 -8.11
N ALA A 223 -11.38 33.23 -6.92
CA ALA A 223 -11.09 34.56 -6.40
C ALA A 223 -9.78 35.14 -6.94
N VAL A 224 -9.05 34.43 -7.79
CA VAL A 224 -7.89 35.01 -8.48
C VAL A 224 -8.07 34.81 -9.97
N SER A 225 -7.26 35.54 -10.75
CA SER A 225 -7.25 35.43 -12.21
C SER A 225 -6.20 34.43 -12.66
N PHE A 226 -6.58 33.51 -13.55
CA PHE A 226 -5.61 32.63 -14.17
C PHE A 226 -5.36 33.00 -15.63
N ARG A 227 -5.88 34.15 -16.09
CA ARG A 227 -5.81 34.51 -17.50
C ARG A 227 -4.38 34.74 -17.95
N GLU A 228 -3.54 35.37 -17.13
CA GLU A 228 -2.17 35.54 -17.58
C GLU A 228 -1.37 34.23 -17.49
N ASP A 229 -1.72 33.33 -16.56
CA ASP A 229 -1.11 32.01 -16.57
C ASP A 229 -1.46 31.27 -17.85
N ALA A 230 -2.69 31.42 -18.35
CA ALA A 230 -3.07 30.75 -19.60
C ALA A 230 -2.17 31.21 -20.74
N SER A 231 -1.92 32.51 -20.82
CA SER A 231 -0.98 33.02 -21.81
C SER A 231 0.41 32.44 -21.62
N LYS A 232 0.86 32.27 -20.37
CA LYS A 232 2.21 31.81 -20.17
C LYS A 232 2.36 30.36 -20.58
N HIS A 233 1.35 29.53 -20.35
CA HIS A 233 1.40 28.16 -20.84
C HIS A 233 1.65 28.16 -22.36
N VAL A 234 0.98 29.05 -23.08
CA VAL A 234 1.14 29.08 -24.54
C VAL A 234 2.50 29.69 -24.90
N GLU A 235 2.84 30.82 -24.28
CA GLU A 235 4.10 31.46 -24.61
C GLU A 235 5.30 30.55 -24.33
N LEU A 236 5.34 29.93 -23.14
CA LEU A 236 6.48 29.07 -22.82
C LEU A 236 6.53 27.84 -23.71
N ALA A 237 5.36 27.35 -24.16
CA ALA A 237 5.35 26.23 -25.09
C ALA A 237 5.98 26.61 -26.42
N LYS A 238 5.69 27.81 -26.89
CA LYS A 238 6.31 28.34 -28.10
C LYS A 238 7.84 28.39 -27.97
N GLU A 239 8.33 28.75 -26.78
CA GLU A 239 9.79 28.80 -26.57
C GLU A 239 10.40 27.40 -26.58
N LYS A 240 9.77 26.44 -25.90
CA LYS A 240 10.32 25.10 -25.88
C LYS A 240 10.27 24.48 -27.26
N TYR A 241 9.17 24.69 -27.99
CA TYR A 241 9.09 24.19 -29.36
C TYR A 241 10.15 24.85 -30.23
N PHE A 242 10.37 26.15 -30.04
CA PHE A 242 11.38 26.83 -30.83
C PHE A 242 12.77 26.24 -30.57
N GLU A 243 13.07 25.91 -29.32
CA GLU A 243 14.33 25.28 -29.00
C GLU A 243 14.48 23.94 -29.72
N ILE A 244 13.42 23.15 -29.75
CA ILE A 244 13.57 21.79 -30.26
C ILE A 244 13.49 21.75 -31.77
N PHE A 245 12.62 22.56 -32.38
CA PHE A 245 12.33 22.46 -33.81
C PHE A 245 12.69 23.71 -34.60
N GLY A 246 13.13 24.77 -33.93
CA GLY A 246 13.71 25.90 -34.62
C GLY A 246 12.73 26.84 -35.29
N GLU A 247 11.46 26.78 -34.90
CA GLU A 247 10.45 27.72 -35.36
C GLU A 247 9.43 27.88 -34.23
N HIS A 248 8.73 28.98 -34.26
CA HIS A 248 7.57 29.01 -33.38
C HIS A 248 6.46 28.12 -33.96
N PRO A 249 5.71 27.42 -33.11
CA PRO A 249 4.71 26.47 -33.63
C PRO A 249 3.49 27.18 -34.19
N VAL A 250 3.07 26.78 -35.38
CA VAL A 250 1.86 27.35 -35.94
C VAL A 250 0.67 26.42 -35.76
N TYR A 251 0.90 25.18 -35.32
CA TYR A 251 -0.16 24.23 -34.97
C TYR A 251 -0.09 23.92 -33.49
N MET A 252 -1.25 23.84 -32.83
CA MET A 252 -1.28 23.34 -31.47
C MET A 252 -2.43 22.36 -31.34
N TRP A 253 -2.26 21.40 -30.43
CA TRP A 253 -3.36 20.57 -30.01
C TRP A 253 -3.82 21.07 -28.67
N PRO A 254 -5.06 21.57 -28.55
CA PRO A 254 -5.56 22.00 -27.25
C PRO A 254 -5.77 20.81 -26.34
N PRO A 255 -5.19 20.83 -25.14
CA PRO A 255 -5.40 19.73 -24.19
C PRO A 255 -6.87 19.39 -24.07
N GLU A 256 -7.14 18.14 -24.14
CA GLU A 256 -8.52 17.65 -24.04
C GLU A 256 -9.42 18.15 -25.17
N ALA A 257 -8.85 18.47 -26.32
CA ALA A 257 -9.58 19.09 -27.42
C ALA A 257 -10.32 20.33 -26.97
N SER A 258 -9.92 20.92 -25.84
N SER A 258 -9.91 20.93 -25.86
CA SER A 258 -10.75 21.89 -25.15
CA SER A 258 -10.76 21.90 -25.18
C SER A 258 -10.63 23.26 -25.81
C SER A 258 -10.63 23.27 -25.81
N VAL A 259 -11.77 23.84 -26.20
CA VAL A 259 -11.81 25.15 -26.81
C VAL A 259 -12.98 25.92 -26.23
N SER A 260 -12.92 27.22 -26.40
CA SER A 260 -13.99 28.18 -26.11
C SER A 260 -13.73 29.38 -27.00
N ASN A 261 -14.71 30.29 -27.08
CA ASN A 261 -14.47 31.52 -27.83
C ASN A 261 -13.22 32.23 -27.34
N GLU A 262 -13.03 32.32 -26.02
CA GLU A 262 -11.90 33.06 -25.49
C GLU A 262 -10.58 32.31 -25.70
N ALA A 263 -10.60 30.98 -25.64
CA ALA A 263 -9.35 30.26 -25.85
C ALA A 263 -8.94 30.31 -27.31
N LEU A 264 -9.91 30.27 -28.23
CA LEU A 264 -9.59 30.39 -29.65
C LEU A 264 -8.96 31.73 -29.96
N GLU A 265 -9.45 32.80 -29.33
CA GLU A 265 -8.85 34.13 -29.47
C GLU A 265 -7.42 34.16 -28.96
N LEU A 266 -7.17 33.57 -27.77
CA LEU A 266 -5.83 33.53 -27.21
C LEU A 266 -4.86 32.81 -28.14
N TYR A 267 -5.25 31.65 -28.65
CA TYR A 267 -4.38 30.92 -29.57
C TYR A 267 -4.07 31.76 -30.81
N TYR A 268 -5.09 32.44 -31.36
CA TYR A 268 -4.87 33.34 -32.49
C TYR A 268 -3.87 34.43 -32.10
N GLU A 269 -4.08 35.06 -30.94
CA GLU A 269 -3.20 36.14 -30.53
C GLU A 269 -1.77 35.68 -30.39
N LYS A 270 -1.57 34.39 -30.07
CA LYS A 270 -0.24 33.84 -29.85
C LYS A 270 0.39 33.23 -31.09
N GLY A 271 -0.19 33.48 -32.26
CA GLY A 271 0.40 33.06 -33.53
C GLY A 271 0.06 31.67 -33.97
N ILE A 272 -0.93 31.02 -33.35
CA ILE A 272 -1.34 29.70 -33.80
C ILE A 272 -2.28 29.86 -34.98
N ASN A 273 -1.96 29.18 -36.08
CA ASN A 273 -2.80 29.34 -37.26
C ASN A 273 -3.78 28.22 -37.46
N MET A 274 -3.54 27.09 -36.84
N MET A 274 -3.54 27.09 -36.84
CA MET A 274 -4.49 25.99 -36.87
CA MET A 274 -4.49 25.99 -36.88
C MET A 274 -4.52 25.08 -35.67
C MET A 274 -4.52 25.07 -35.67
N LEU A 275 -5.69 24.61 -35.33
CA LEU A 275 -5.79 23.58 -34.31
C LEU A 275 -6.88 22.61 -34.74
N ALA A 276 -7.07 21.57 -33.94
CA ALA A 276 -8.19 20.66 -34.09
C ALA A 276 -8.88 20.54 -32.75
N THR A 277 -10.15 20.19 -32.79
CA THR A 277 -10.92 19.88 -31.58
C THR A 277 -11.86 18.76 -31.97
N ASP A 278 -12.92 18.55 -31.17
CA ASP A 278 -13.70 17.33 -31.28
C ASP A 278 -15.01 17.54 -32.02
N GLU A 279 -15.47 16.46 -32.64
CA GLU A 279 -16.75 16.52 -33.34
C GLU A 279 -17.92 16.87 -32.41
N VAL A 280 -17.87 16.48 -31.13
CA VAL A 280 -18.98 16.80 -30.23
C VAL A 280 -19.09 18.31 -30.06
N ILE A 281 -17.95 19.00 -30.04
CA ILE A 281 -17.95 20.47 -29.97
C ILE A 281 -18.67 21.06 -31.16
N LEU A 282 -18.29 20.60 -32.36
CA LEU A 282 -18.94 21.08 -33.58
C LEU A 282 -20.44 20.86 -33.53
N LYS A 283 -20.87 19.65 -33.15
CA LYS A 283 -22.30 19.34 -33.09
C LYS A 283 -23.03 20.23 -32.11
N ASN A 284 -22.40 20.51 -30.96
CA ASN A 284 -22.98 21.42 -29.97
C ASN A 284 -23.07 22.86 -30.46
N SER A 285 -22.23 23.25 -31.41
CA SER A 285 -21.98 24.63 -31.79
C SER A 285 -22.71 25.06 -33.06
N VAL A 286 -22.86 24.15 -34.03
CA VAL A 286 -23.45 24.46 -35.32
C VAL A 286 -24.48 23.40 -35.67
N GLU A 287 -25.67 23.83 -36.10
CA GLU A 287 -26.66 22.93 -36.68
C GLU A 287 -26.07 22.14 -37.85
N ARG A 288 -25.66 22.85 -38.91
CA ARG A 288 -25.13 22.24 -40.12
C ARG A 288 -23.65 21.92 -39.94
N ALA A 289 -23.34 20.68 -39.57
CA ALA A 289 -22.01 20.34 -39.08
C ALA A 289 -21.45 19.14 -39.84
N SER A 290 -20.81 19.40 -41.03
CA SER A 290 -19.97 18.34 -41.59
C SER A 290 -18.55 18.45 -41.02
N PRO A 291 -17.98 17.39 -40.47
CA PRO A 291 -16.59 17.46 -39.98
C PRO A 291 -15.55 17.29 -41.06
N TYR A 292 -15.94 17.28 -42.34
CA TYR A 292 -15.02 17.03 -43.43
C TYR A 292 -14.49 18.32 -44.03
N LEU A 293 -14.85 19.46 -43.46
CA LEU A 293 -14.52 20.78 -43.95
C LEU A 293 -13.38 21.35 -43.12
N ARG A 294 -12.64 22.27 -43.73
CA ARG A 294 -11.71 23.11 -42.96
C ARG A 294 -12.49 24.33 -42.48
N TYR A 295 -12.53 24.53 -41.16
CA TYR A 295 -13.28 25.65 -40.62
C TYR A 295 -12.37 26.82 -40.30
N TYR A 296 -12.95 28.03 -40.32
CA TYR A 296 -12.22 29.22 -39.93
C TYR A 296 -13.01 29.91 -38.84
N PHE A 297 -12.46 29.94 -37.63
CA PHE A 297 -13.12 30.61 -36.51
C PHE A 297 -12.95 32.12 -36.65
N ARG A 298 -14.06 32.82 -36.95
CA ARG A 298 -14.08 34.28 -37.10
C ARG A 298 -13.02 34.78 -38.07
N GLU A 299 -12.66 33.94 -39.04
CA GLU A 299 -11.60 34.26 -40.00
C GLU A 299 -10.27 34.59 -39.29
N LEU A 300 -10.10 34.08 -38.07
CA LEU A 300 -8.90 34.35 -37.29
C LEU A 300 -7.94 33.17 -37.23
N ILE A 301 -8.45 31.94 -37.31
CA ILE A 301 -7.64 30.76 -37.07
C ILE A 301 -8.36 29.59 -37.71
N SER A 302 -7.60 28.64 -38.26
CA SER A 302 -8.22 27.46 -38.84
C SER A 302 -8.48 26.42 -37.77
N VAL A 303 -9.57 25.67 -37.94
CA VAL A 303 -10.03 24.67 -36.98
C VAL A 303 -10.52 23.46 -37.76
N PHE A 304 -9.92 22.29 -37.53
CA PHE A 304 -10.50 21.04 -37.98
C PHE A 304 -11.22 20.36 -36.80
N PHE A 305 -12.30 19.67 -37.12
CA PHE A 305 -13.02 18.88 -36.11
C PHE A 305 -12.76 17.41 -36.41
N ARG A 306 -12.12 16.72 -35.45
CA ARG A 306 -11.72 15.36 -35.71
C ARG A 306 -12.94 14.46 -35.94
N ASP A 307 -12.69 13.36 -36.63
CA ASP A 307 -13.71 12.33 -36.86
C ASP A 307 -13.73 11.43 -35.64
N LYS A 308 -14.74 11.63 -34.80
CA LYS A 308 -14.81 10.92 -33.53
C LYS A 308 -14.87 9.41 -33.73
N THR A 309 -15.72 8.92 -34.65
CA THR A 309 -15.91 7.48 -34.77
C THR A 309 -14.62 6.79 -35.19
N LEU A 310 -13.93 7.33 -36.20
CA LEU A 310 -12.69 6.73 -36.66
C LEU A 310 -11.62 6.78 -35.57
N SER A 311 -11.56 7.92 -34.87
CA SER A 311 -10.62 8.04 -33.77
C SER A 311 -10.93 7.03 -32.66
N ASP A 312 -12.22 6.80 -32.38
CA ASP A 312 -12.59 5.89 -31.30
C ASP A 312 -12.48 4.43 -31.71
N LEU A 313 -12.54 4.14 -33.00
CA LEU A 313 -12.31 2.77 -33.45
C LEU A 313 -10.91 2.31 -33.03
N ILE A 314 -9.90 3.16 -33.26
CA ILE A 314 -8.53 2.80 -32.93
C ILE A 314 -8.32 2.82 -31.42
N GLY A 315 -8.80 3.87 -30.75
CA GLY A 315 -8.56 4.05 -29.33
C GLY A 315 -9.45 3.21 -28.42
N PHE A 316 -10.61 2.79 -28.89
CA PHE A 316 -11.54 2.07 -28.02
C PHE A 316 -11.86 0.67 -28.51
N SER A 317 -11.94 0.45 -29.81
CA SER A 317 -12.57 -0.78 -30.27
C SER A 317 -11.56 -1.86 -30.65
N TYR A 318 -10.50 -1.51 -31.39
CA TYR A 318 -9.74 -2.44 -32.20
C TYR A 318 -8.76 -3.28 -31.41
N HIS A 319 -8.43 -2.86 -30.18
CA HIS A 319 -7.61 -3.70 -29.31
C HIS A 319 -8.21 -5.08 -29.15
N ALA A 320 -9.53 -5.18 -29.23
CA ALA A 320 -10.27 -6.42 -29.03
C ALA A 320 -10.45 -7.21 -30.32
N TRP A 321 -9.91 -6.74 -31.44
CA TRP A 321 -10.05 -7.38 -32.74
C TRP A 321 -8.71 -7.96 -33.19
N ASN A 322 -8.80 -8.96 -34.05
CA ASN A 322 -7.66 -9.36 -34.87
C ASN A 322 -7.26 -8.22 -35.80
N ALA A 323 -5.96 -8.06 -36.02
CA ALA A 323 -5.45 -6.92 -36.79
C ALA A 323 -6.05 -6.87 -38.20
N GLU A 324 -6.07 -8.01 -38.90
CA GLU A 324 -6.62 -8.03 -40.26
C GLU A 324 -8.06 -7.52 -40.30
N ASP A 325 -8.90 -8.01 -39.40
CA ASP A 325 -10.31 -7.61 -39.39
C ASP A 325 -10.47 -6.13 -39.06
N ALA A 326 -9.66 -5.63 -38.11
CA ALA A 326 -9.66 -4.21 -37.76
C ALA A 326 -9.34 -3.34 -38.97
N VAL A 327 -8.27 -3.67 -39.68
CA VAL A 327 -7.79 -2.87 -40.82
C VAL A 327 -8.79 -2.89 -41.98
N ARG A 328 -9.31 -4.06 -42.32
CA ARG A 328 -10.35 -4.12 -43.35
C ARG A 328 -11.58 -3.31 -42.94
N ASP A 329 -11.89 -3.26 -41.64
CA ASP A 329 -13.04 -2.49 -41.19
C ASP A 329 -12.78 -1.00 -41.35
N PHE A 330 -11.60 -0.56 -40.92
CA PHE A 330 -11.19 0.83 -41.03
C PHE A 330 -11.16 1.30 -42.49
N ILE A 331 -10.52 0.52 -43.36
CA ILE A 331 -10.45 0.88 -44.78
C ILE A 331 -11.87 0.92 -45.39
N GLY A 332 -12.71 -0.04 -45.01
CA GLY A 332 -14.10 0.00 -45.43
C GLY A 332 -14.80 1.29 -45.04
N ARG A 333 -14.54 1.81 -43.83
CA ARG A 333 -15.23 3.01 -43.38
C ARG A 333 -14.77 4.23 -44.16
N LEU A 334 -13.46 4.36 -44.36
CA LEU A 334 -12.93 5.41 -45.22
C LEU A 334 -13.53 5.33 -46.62
N LYS A 335 -13.73 4.13 -47.13
CA LYS A 335 -14.32 3.98 -48.46
C LYS A 335 -15.73 4.54 -48.53
N LYS A 336 -16.55 4.31 -47.50
CA LYS A 336 -17.90 4.88 -47.48
C LYS A 336 -17.86 6.39 -47.35
N ILE A 337 -16.96 6.93 -46.54
CA ILE A 337 -16.76 8.38 -46.52
C ILE A 337 -16.38 8.88 -47.92
N HIS A 338 -15.42 8.21 -48.56
CA HIS A 338 -14.98 8.63 -49.88
C HIS A 338 -16.14 8.64 -50.87
N GLU A 339 -17.01 7.63 -50.77
CA GLU A 339 -18.15 7.52 -51.66
C GLU A 339 -19.37 8.29 -51.17
N SER A 340 -19.32 8.88 -49.98
CA SER A 340 -20.48 9.58 -49.46
C SER A 340 -20.57 11.03 -49.90
N VAL A 341 -19.48 11.62 -50.39
CA VAL A 341 -19.50 13.04 -50.74
C VAL A 341 -18.89 13.23 -52.13
N ASP A 342 -19.31 14.29 -52.81
CA ASP A 342 -18.76 14.62 -54.11
C ASP A 342 -17.50 15.47 -54.06
N PHE A 343 -17.16 16.03 -52.90
CA PHE A 343 -15.95 16.81 -52.77
C PHE A 343 -14.86 15.95 -52.13
N GLN A 344 -13.67 16.53 -51.95
CA GLN A 344 -12.61 15.78 -51.29
C GLN A 344 -12.65 16.07 -49.79
N PRO A 345 -13.16 15.17 -48.98
CA PRO A 345 -13.26 15.43 -47.53
C PRO A 345 -11.92 15.38 -46.82
N VAL A 346 -11.81 16.10 -45.71
CA VAL A 346 -10.62 16.07 -44.86
C VAL A 346 -11.00 15.35 -43.59
N VAL A 347 -10.30 14.25 -43.30
CA VAL A 347 -10.68 13.34 -42.24
C VAL A 347 -9.56 13.30 -41.21
N PHE A 348 -9.80 13.91 -40.07
CA PHE A 348 -8.80 14.02 -39.00
C PHE A 348 -9.01 12.88 -38.01
N VAL A 349 -8.01 12.01 -37.88
CA VAL A 349 -8.00 10.94 -36.89
C VAL A 349 -7.05 11.41 -35.78
N VAL A 350 -7.62 11.75 -34.63
CA VAL A 350 -6.85 12.39 -33.56
C VAL A 350 -7.08 11.64 -32.26
N LEU A 351 -6.01 11.12 -31.68
CA LEU A 351 -6.09 10.48 -30.36
C LEU A 351 -4.71 10.45 -29.75
N ASN A 352 -4.66 10.00 -28.50
CA ASN A 352 -3.39 9.79 -27.84
C ASN A 352 -2.57 8.72 -28.61
N GLY A 353 -1.31 9.01 -28.83
CA GLY A 353 -0.44 8.09 -29.54
C GLY A 353 0.22 6.98 -28.75
N GLU A 354 -0.03 6.86 -27.44
CA GLU A 354 0.79 5.93 -26.67
C GLU A 354 0.01 5.07 -25.66
N ASN A 355 -1.30 5.27 -25.51
CA ASN A 355 -2.02 4.59 -24.43
C ASN A 355 -2.86 3.41 -24.88
N CYS A 356 -3.22 3.32 -26.16
CA CYS A 356 -4.11 2.25 -26.58
C CYS A 356 -3.37 0.98 -26.95
N TRP A 357 -2.09 1.07 -27.33
CA TRP A 357 -1.38 -0.08 -27.89
C TRP A 357 -1.09 -1.17 -26.86
N GLU A 358 -0.88 -0.81 -25.59
CA GLU A 358 -0.61 -1.86 -24.60
C GLU A 358 -1.76 -2.85 -24.46
N TYR A 359 -2.95 -2.49 -24.93
CA TYR A 359 -4.10 -3.39 -24.89
C TYR A 359 -4.29 -4.18 -26.18
N TYR A 360 -3.51 -3.88 -27.22
CA TYR A 360 -3.55 -4.66 -28.45
C TYR A 360 -2.59 -5.83 -28.35
N GLU A 361 -2.90 -6.92 -29.06
CA GLU A 361 -1.92 -7.98 -29.21
C GLU A 361 -0.62 -7.44 -29.80
N GLU A 362 0.49 -7.88 -29.21
CA GLU A 362 1.84 -7.46 -29.60
C GLU A 362 1.97 -5.95 -29.74
N ASN A 363 1.42 -5.20 -28.79
CA ASN A 363 1.62 -3.77 -28.71
C ASN A 363 1.10 -3.05 -29.96
N GLY A 364 0.06 -3.61 -30.58
CA GLY A 364 -0.52 -2.99 -31.75
C GLY A 364 0.35 -2.98 -32.98
N ILE A 365 1.45 -3.73 -33.00
CA ILE A 365 2.38 -3.64 -34.13
C ILE A 365 1.77 -4.35 -35.34
N PRO A 366 1.20 -5.55 -35.21
CA PRO A 366 0.50 -6.13 -36.38
C PRO A 366 -0.60 -5.22 -36.91
N PHE A 367 -1.32 -4.54 -36.03
CA PHE A 367 -2.38 -3.64 -36.47
C PHE A 367 -1.81 -2.45 -37.25
N LEU A 368 -0.83 -1.76 -36.67
CA LEU A 368 -0.34 -0.55 -37.32
C LEU A 368 0.45 -0.87 -38.59
N GLU A 369 1.22 -1.97 -38.59
CA GLU A 369 1.96 -2.32 -39.80
C GLU A 369 1.00 -2.68 -40.93
N LYS A 370 -0.12 -3.33 -40.63
CA LYS A 370 -1.06 -3.63 -41.70
C LYS A 370 -1.89 -2.41 -42.06
N LEU A 371 -2.22 -1.55 -41.09
CA LEU A 371 -2.93 -0.31 -41.40
C LEU A 371 -2.11 0.56 -42.35
N TYR A 372 -0.88 0.85 -41.97
CA TYR A 372 -0.04 1.76 -42.73
C TYR A 372 0.31 1.19 -44.10
N SER A 373 0.55 -0.12 -44.17
CA SER A 373 0.84 -0.77 -45.44
C SER A 373 -0.36 -0.72 -46.38
N THR A 374 -1.57 -0.91 -45.84
CA THR A 374 -2.77 -0.83 -46.66
C THR A 374 -3.08 0.60 -47.07
N LEU A 375 -2.88 1.55 -46.15
CA LEU A 375 -3.11 2.96 -46.48
C LEU A 375 -2.22 3.41 -47.63
N GLU A 376 -0.93 3.06 -47.56
CA GLU A 376 -0.01 3.49 -48.59
C GLU A 376 -0.31 2.87 -49.95
N LYS A 377 -1.19 1.86 -50.00
CA LYS A 377 -1.57 1.20 -51.24
C LYS A 377 -2.76 1.85 -51.93
N GLU A 378 -3.56 2.65 -51.23
CA GLU A 378 -4.83 3.13 -51.77
C GLU A 378 -4.62 4.42 -52.56
N GLU A 379 -4.91 4.35 -53.88
CA GLU A 379 -4.73 5.51 -54.74
C GLU A 379 -5.67 6.65 -54.37
N TRP A 380 -6.86 6.34 -53.83
CA TRP A 380 -7.86 7.34 -53.47
C TRP A 380 -7.69 7.91 -52.06
N ILE A 381 -6.68 7.50 -51.31
CA ILE A 381 -6.33 8.12 -50.03
C ILE A 381 -5.01 8.86 -50.20
N GLU A 382 -4.98 10.14 -49.83
CA GLU A 382 -3.74 10.89 -49.66
C GLU A 382 -3.65 11.31 -48.20
N THR A 383 -2.70 10.74 -47.48
CA THR A 383 -2.46 11.21 -46.11
C THR A 383 -1.73 12.56 -46.18
N LEU A 384 -2.10 13.45 -45.27
CA LEU A 384 -1.56 14.82 -45.26
C LEU A 384 -0.78 15.08 -43.98
N THR A 385 0.27 15.88 -44.10
CA THR A 385 0.79 16.53 -42.91
C THR A 385 -0.19 17.60 -42.46
N LEU A 386 0.01 18.11 -41.23
CA LEU A 386 -0.80 19.24 -40.77
C LEU A 386 -0.62 20.44 -41.69
N GLU A 387 0.61 20.69 -42.14
CA GLU A 387 0.88 21.81 -43.02
C GLU A 387 0.05 21.70 -44.29
N GLU A 388 0.00 20.50 -44.87
CA GLU A 388 -0.77 20.29 -46.09
C GLU A 388 -2.26 20.48 -45.84
N ALA A 389 -2.78 19.92 -44.74
CA ALA A 389 -4.19 20.07 -44.43
C ALA A 389 -4.57 21.53 -44.28
N MET A 390 -3.65 22.35 -43.79
CA MET A 390 -3.95 23.75 -43.55
C MET A 390 -3.96 24.53 -44.86
N ARG A 391 -3.05 24.22 -45.79
CA ARG A 391 -2.89 24.99 -47.02
C ARG A 391 -3.60 24.39 -48.22
N LYS A 392 -4.04 23.13 -48.15
CA LYS A 392 -4.67 22.44 -49.28
C LYS A 392 -5.82 23.26 -49.87
N GLU A 393 -5.80 23.43 -51.19
CA GLU A 393 -6.73 24.33 -51.86
C GLU A 393 -7.97 23.64 -52.39
N ASP A 394 -7.90 22.35 -52.73
CA ASP A 394 -9.05 21.64 -53.30
C ASP A 394 -9.88 20.99 -52.19
N VAL A 395 -10.16 21.77 -51.15
CA VAL A 395 -10.86 21.33 -49.95
C VAL A 395 -11.98 22.31 -49.71
N LYS A 396 -13.06 21.85 -49.06
CA LYS A 396 -14.17 22.75 -48.80
C LYS A 396 -14.06 23.37 -47.41
N THR A 397 -14.65 24.54 -47.28
CA THR A 397 -14.27 25.50 -46.25
C THR A 397 -15.53 26.10 -45.65
N GLU A 398 -15.45 26.53 -44.40
CA GLU A 398 -16.60 27.16 -43.78
C GLU A 398 -16.13 28.07 -42.65
N VAL A 399 -16.83 29.19 -42.47
CA VAL A 399 -16.56 30.09 -41.35
C VAL A 399 -17.50 29.73 -40.20
N ILE A 400 -16.98 29.76 -38.98
CA ILE A 400 -17.77 29.57 -37.77
C ILE A 400 -17.50 30.77 -36.85
N GLU A 401 -18.55 31.28 -36.21
CA GLU A 401 -18.39 32.50 -35.41
C GLU A 401 -18.39 32.24 -33.91
N SER A 402 -18.89 31.09 -33.46
CA SER A 402 -19.04 30.81 -32.05
C SER A 402 -18.92 29.30 -31.82
N VAL A 403 -18.34 28.95 -30.67
CA VAL A 403 -18.28 27.56 -30.23
C VAL A 403 -18.81 27.49 -28.80
N LYS A 404 -19.39 26.35 -28.48
CA LYS A 404 -19.82 26.03 -27.11
C LYS A 404 -18.65 25.36 -26.39
N ALA A 405 -18.11 26.04 -25.38
CA ALA A 405 -16.93 25.56 -24.66
C ALA A 405 -17.11 24.11 -24.22
N GLY A 406 -16.02 23.35 -24.26
CA GLY A 406 -16.12 21.94 -23.93
C GLY A 406 -14.81 21.20 -24.13
N THR A 407 -14.87 19.88 -23.98
CA THR A 407 -13.75 18.98 -24.19
C THR A 407 -14.23 17.80 -25.00
N TRP A 408 -13.30 16.92 -25.39
CA TRP A 408 -13.73 15.70 -26.07
C TRP A 408 -14.29 14.64 -25.13
N PHE A 409 -14.34 14.90 -23.82
CA PHE A 409 -15.12 14.06 -22.89
C PHE A 409 -16.51 14.65 -22.74
N ASP A 410 -17.46 14.14 -23.54
CA ASP A 410 -18.88 14.48 -23.50
C ASP A 410 -19.16 15.93 -23.86
N GLY A 411 -18.19 16.64 -24.44
CA GLY A 411 -18.38 18.04 -24.71
C GLY A 411 -18.43 18.93 -23.47
N ASN A 412 -17.93 18.47 -22.33
CA ASN A 412 -18.02 19.29 -21.12
C ASN A 412 -16.78 19.04 -20.27
N PHE A 413 -16.77 19.68 -19.09
CA PHE A 413 -15.59 19.75 -18.23
C PHE A 413 -15.74 18.93 -16.96
N LEU A 414 -16.73 18.03 -16.91
CA LEU A 414 -17.08 17.38 -15.65
C LEU A 414 -15.95 16.51 -15.10
N LYS A 415 -15.09 16.00 -15.97
CA LYS A 415 -14.03 15.11 -15.52
C LYS A 415 -12.87 15.81 -14.84
N TRP A 416 -12.92 17.16 -14.72
CA TRP A 416 -11.87 17.94 -14.08
C TRP A 416 -12.39 19.03 -13.13
N ILE A 417 -13.69 19.26 -13.09
CA ILE A 417 -14.27 20.19 -12.13
C ILE A 417 -15.71 19.74 -11.86
N GLY A 418 -16.20 20.01 -10.66
CA GLY A 418 -17.61 19.81 -10.45
C GLY A 418 -18.03 18.97 -9.26
N ASN A 419 -17.22 18.01 -8.86
CA ASN A 419 -17.56 17.25 -7.66
C ASN A 419 -16.70 17.75 -6.51
N LYS A 420 -17.01 17.25 -5.31
CA LYS A 420 -16.36 17.77 -4.10
C LYS A 420 -14.86 17.61 -4.19
N GLU A 421 -14.38 16.44 -4.66
CA GLU A 421 -12.96 16.15 -4.62
C GLU A 421 -12.20 16.93 -5.69
N LYS A 422 -12.71 17.05 -6.88
CA LYS A 422 -12.07 17.85 -7.91
C LYS A 422 -12.11 19.35 -7.54
N ASN A 423 -13.24 19.77 -6.97
CA ASN A 423 -13.35 21.17 -6.58
C ASN A 423 -12.33 21.56 -5.49
N GLU A 424 -11.95 20.59 -4.69
CA GLU A 424 -11.00 20.85 -3.63
C GLU A 424 -9.64 21.15 -4.22
N TYR A 425 -9.26 20.46 -5.28
CA TYR A 425 -8.02 20.73 -5.96
C TYR A 425 -8.03 22.16 -6.51
N TRP A 426 -9.14 22.52 -7.09
CA TRP A 426 -9.23 23.85 -7.59
C TRP A 426 -9.07 24.95 -6.46
N LYS A 427 -9.72 24.76 -5.36
CA LYS A 427 -9.58 25.71 -4.24
C LYS A 427 -8.16 25.77 -3.72
N ILE A 428 -7.50 24.65 -3.68
CA ILE A 428 -6.13 24.59 -3.30
C ILE A 428 -5.29 25.38 -4.28
N LEU A 429 -5.58 25.24 -5.55
CA LEU A 429 -4.88 26.00 -6.60
C LEU A 429 -5.13 27.48 -6.49
N ILE A 430 -6.36 27.85 -6.29
CA ILE A 430 -6.70 29.26 -6.12
C ILE A 430 -5.97 29.94 -4.93
N GLU A 431 -6.07 29.31 -3.79
CA GLU A 431 -5.40 29.84 -2.62
C GLU A 431 -3.94 29.93 -2.86
N ALA A 432 -3.37 28.90 -3.43
CA ALA A 432 -1.97 28.90 -3.74
C ALA A 432 -1.51 29.93 -4.80
N LYS A 433 -2.32 30.16 -5.82
CA LYS A 433 -2.05 31.17 -6.84
C LYS A 433 -1.89 32.56 -6.21
N LYS A 434 -2.64 32.77 -5.15
CA LYS A 434 -2.54 34.01 -4.47
C LYS A 434 -1.20 34.19 -3.86
N LYS A 435 -0.56 33.09 -3.53
CA LYS A 435 0.73 33.13 -2.84
C LYS A 435 1.89 32.67 -3.66
N ALA A 436 1.71 32.61 -4.94
CA ALA A 436 2.70 32.04 -5.79
C ALA A 436 3.83 32.92 -6.12
N LYS A 437 4.98 32.32 -6.19
CA LYS A 437 6.18 33.02 -6.47
C LYS A 437 6.97 32.46 -7.58
N ASN A 438 6.59 31.33 -8.10
CA ASN A 438 7.27 30.76 -9.21
C ASN A 438 6.41 29.89 -10.16
N ASP A 439 7.05 29.35 -11.18
CA ASP A 439 6.31 28.62 -12.23
C ASP A 439 5.84 27.22 -11.95
N TYR A 440 6.08 26.77 -10.76
CA TYR A 440 5.54 25.51 -10.37
C TYR A 440 4.02 25.54 -10.25
N ILE A 441 3.43 26.71 -10.12
CA ILE A 441 2.00 26.92 -10.12
C ILE A 441 1.42 26.52 -11.49
N LEU A 442 2.15 26.76 -12.54
CA LEU A 442 1.81 26.31 -13.86
C LEU A 442 1.80 24.77 -13.95
N VAL A 443 2.75 24.14 -13.32
CA VAL A 443 2.80 22.69 -13.27
C VAL A 443 1.51 22.18 -12.61
N ALA A 444 1.11 22.77 -11.53
CA ALA A 444 -0.08 22.37 -10.84
C ALA A 444 -1.39 22.65 -11.58
N GLU A 445 -1.32 23.44 -12.63
CA GLU A 445 -2.49 23.69 -13.43
C GLU A 445 -2.72 22.59 -14.54
N GLY A 446 -1.89 21.61 -14.55
CA GLY A 446 -2.02 20.53 -15.47
C GLY A 446 -3.29 19.80 -15.25
N SER A 447 -3.89 19.45 -16.40
CA SER A 447 -5.13 18.71 -16.36
C SER A 447 -5.12 17.39 -15.58
N ASP A 448 -4.05 16.65 -15.73
CA ASP A 448 -3.95 15.27 -15.22
C ASP A 448 -4.29 15.11 -13.70
N TRP A 449 -3.90 16.08 -12.93
CA TRP A 449 -4.17 16.10 -11.46
C TRP A 449 -5.65 16.10 -11.16
N PHE A 450 -6.33 16.89 -11.92
CA PHE A 450 -7.75 16.98 -11.75
C PHE A 450 -8.47 15.74 -12.27
N TRP A 451 -7.99 15.18 -13.35
CA TRP A 451 -8.56 13.92 -13.86
C TRP A 451 -8.57 12.80 -12.83
N TRP A 452 -7.42 12.54 -12.22
CA TRP A 452 -7.30 11.45 -11.31
C TRP A 452 -8.03 11.65 -9.95
N GLN A 453 -8.26 12.90 -9.62
CA GLN A 453 -8.89 13.18 -8.38
C GLN A 453 -10.31 12.90 -8.41
N GLY A 454 -10.78 12.56 -7.27
CA GLY A 454 -12.21 12.45 -7.17
C GLY A 454 -12.71 11.31 -7.86
N GLU A 455 -11.89 10.31 -7.83
CA GLU A 455 -12.25 9.06 -8.41
C GLU A 455 -11.01 8.39 -8.16
N GLU A 456 -10.70 8.02 -6.95
CA GLU A 456 -9.41 7.29 -6.84
C GLU A 456 -9.67 5.83 -7.14
N LYS A 457 -9.57 4.97 -6.14
CA LYS A 457 -9.89 3.61 -6.34
C LYS A 457 -8.85 2.81 -7.12
N ALA A 458 -7.69 3.40 -7.37
CA ALA A 458 -6.65 2.74 -8.20
C ALA A 458 -5.31 2.66 -7.64
N PRO A 459 -4.61 1.68 -8.06
CA PRO A 459 -3.26 1.55 -7.63
C PRO A 459 -2.36 2.72 -8.17
N PHE A 460 -1.62 3.38 -7.30
CA PHE A 460 -0.77 4.55 -7.66
C PHE A 460 -1.42 5.94 -7.76
N VAL A 461 -2.70 6.07 -7.62
CA VAL A 461 -3.30 7.40 -7.77
C VAL A 461 -2.86 8.37 -6.68
N GLU A 462 -2.45 7.86 -5.51
CA GLU A 462 -1.96 8.76 -4.47
C GLU A 462 -0.67 9.44 -4.89
N VAL A 463 0.10 8.81 -5.79
CA VAL A 463 1.31 9.46 -6.31
C VAL A 463 0.95 10.75 -7.06
N PHE A 464 -0.13 10.73 -7.87
CA PHE A 464 -0.55 11.97 -8.54
C PHE A 464 -0.93 13.03 -7.52
N ASP A 465 -1.59 12.63 -6.44
CA ASP A 465 -1.95 13.57 -5.41
C ASP A 465 -0.71 14.13 -4.70
N LYS A 466 0.28 13.28 -4.44
CA LYS A 466 1.52 13.75 -3.83
C LYS A 466 2.24 14.73 -4.75
N LEU A 467 2.26 14.44 -6.06
CA LEU A 467 2.88 15.36 -7.01
C LEU A 467 2.16 16.69 -7.04
N PHE A 468 0.84 16.69 -7.22
CA PHE A 468 0.10 17.95 -7.28
C PHE A 468 0.36 18.80 -6.05
N ARG A 469 0.18 18.21 -4.85
CA ARG A 469 0.36 19.00 -3.64
C ARG A 469 1.80 19.44 -3.47
N SER A 470 2.76 18.63 -3.90
CA SER A 470 4.16 19.03 -3.82
C SER A 470 4.45 20.22 -4.74
N PHE A 471 3.90 20.20 -5.96
CA PHE A 471 4.06 21.33 -6.86
C PHE A 471 3.36 22.57 -6.30
N VAL A 472 2.16 22.40 -5.74
CA VAL A 472 1.45 23.49 -5.09
C VAL A 472 2.28 24.09 -3.97
N ARG A 473 2.95 23.24 -3.20
CA ARG A 473 3.75 23.74 -2.08
C ARG A 473 5.00 24.44 -2.58
N ARG A 474 5.67 23.82 -3.57
CA ARG A 474 6.86 24.41 -4.15
C ARG A 474 6.57 25.77 -4.79
N ALA A 475 5.38 25.94 -5.38
CA ALA A 475 5.04 27.19 -6.04
C ALA A 475 5.01 28.39 -5.10
N GLN A 476 4.88 28.18 -3.78
CA GLN A 476 4.78 29.27 -2.83
C GLN A 476 6.08 29.56 -2.10
N GLU A 477 7.19 28.93 -2.51
CA GLU A 477 8.43 29.07 -1.77
C GLU A 477 9.54 29.76 -2.57
N LYS B 2 19.46 -5.08 58.51
CA LYS B 2 19.63 -5.87 57.28
C LYS B 2 18.74 -5.34 56.16
N LYS B 3 19.35 -4.82 55.10
CA LYS B 3 18.59 -4.21 54.03
C LYS B 3 18.63 -5.08 52.78
N LEU B 4 17.62 -4.91 51.95
CA LEU B 4 17.64 -5.37 50.58
C LEU B 4 18.09 -4.20 49.72
N PHE B 5 19.05 -4.45 48.83
CA PHE B 5 19.55 -3.41 47.94
C PHE B 5 18.88 -3.58 46.58
N LEU B 6 18.08 -2.60 46.17
CA LEU B 6 17.31 -2.65 44.94
C LEU B 6 17.91 -1.68 43.93
N VAL B 7 18.10 -2.14 42.71
CA VAL B 7 18.76 -1.36 41.67
C VAL B 7 17.91 -1.42 40.42
N PHE B 8 17.25 -0.31 40.10
CA PHE B 8 16.59 -0.14 38.81
C PHE B 8 17.57 0.41 37.79
N TRP B 9 17.63 -0.23 36.62
CA TRP B 9 18.43 0.23 35.51
C TRP B 9 17.53 0.19 34.28
N TRP B 10 17.05 1.31 33.88
CA TRP B 10 16.14 1.47 32.76
C TRP B 10 16.90 1.75 31.48
N HIS B 11 16.71 0.92 30.49
CA HIS B 11 17.43 1.00 29.25
C HIS B 11 16.65 1.73 28.18
N MET B 12 17.33 2.69 27.59
CA MET B 12 16.69 3.52 26.61
C MET B 12 17.41 3.50 25.30
N HIS B 13 16.67 3.15 24.28
CA HIS B 13 17.24 3.03 22.99
C HIS B 13 16.33 3.11 21.81
N GLN B 14 16.80 3.80 20.76
CA GLN B 14 16.16 3.73 19.45
C GLN B 14 17.23 3.57 18.38
N PRO B 15 17.01 2.71 17.37
CA PRO B 15 17.90 2.71 16.22
C PRO B 15 17.73 4.01 15.43
N LEU B 16 18.64 4.24 14.50
CA LEU B 16 18.64 5.47 13.71
C LEU B 16 17.56 5.42 12.63
N TYR B 17 16.49 6.20 12.83
CA TYR B 17 15.41 6.26 11.85
C TYR B 17 15.67 7.28 10.76
N ARG B 18 16.77 8.03 10.84
CA ARG B 18 17.08 9.11 9.91
C ARG B 18 17.71 8.51 8.66
N GLU B 19 16.95 8.52 7.57
CA GLU B 19 17.43 8.02 6.29
C GLU B 19 18.58 8.88 5.80
N PRO B 20 19.74 8.31 5.47
CA PRO B 20 20.91 9.15 5.25
C PRO B 20 20.90 9.92 3.94
N TYR B 21 20.07 9.55 2.95
CA TYR B 21 20.08 10.29 1.70
C TYR B 21 19.06 11.41 1.66
N THR B 22 17.95 11.28 2.39
CA THR B 22 16.97 12.36 2.48
C THR B 22 17.03 13.12 3.79
N GLY B 23 17.61 12.55 4.84
CA GLY B 23 17.59 13.17 6.15
C GLY B 23 16.26 13.08 6.88
N GLU B 24 15.30 12.37 6.32
CA GLU B 24 13.98 12.27 6.93
C GLU B 24 13.93 11.14 7.95
N TYR B 25 13.28 11.40 9.07
CA TYR B 25 13.04 10.34 10.04
C TYR B 25 11.84 9.54 9.55
N LEU B 26 12.09 8.29 9.14
CA LEU B 26 11.08 7.50 8.45
C LEU B 26 10.02 6.96 9.40
N LEU B 27 10.34 6.80 10.69
CA LEU B 27 9.40 6.44 11.74
C LEU B 27 9.46 7.47 12.86
N PRO B 28 8.35 7.67 13.59
CA PRO B 28 8.32 8.73 14.62
C PRO B 28 8.60 8.23 16.04
N TRP B 29 9.14 7.03 16.16
CA TRP B 29 9.20 6.40 17.48
C TRP B 29 10.16 7.09 18.43
N THR B 30 11.26 7.66 17.91
CA THR B 30 12.12 8.45 18.79
C THR B 30 11.37 9.65 19.35
N PHE B 31 10.57 10.32 18.50
CA PHE B 31 9.81 11.48 18.96
C PHE B 31 8.76 11.07 19.99
N PHE B 32 7.99 10.02 19.71
CA PHE B 32 6.89 9.71 20.61
C PHE B 32 7.43 9.18 21.94
N HIS B 33 8.51 8.39 21.93
CA HIS B 33 9.05 7.94 23.21
C HIS B 33 9.84 9.02 23.93
N ALA B 34 10.35 10.02 23.21
CA ALA B 34 10.98 11.16 23.87
C ALA B 34 9.95 12.02 24.60
N VAL B 35 8.80 12.28 23.98
CA VAL B 35 7.77 13.05 24.66
C VAL B 35 7.00 12.21 25.69
N LYS B 36 7.03 10.89 25.59
CA LYS B 36 6.30 10.08 26.56
C LYS B 36 7.17 9.55 27.69
N ASP B 37 8.41 9.14 27.39
CA ASP B 37 9.16 8.36 28.37
C ASP B 37 10.54 8.92 28.69
N TYR B 38 11.28 9.42 27.70
CA TYR B 38 12.70 9.69 27.92
C TYR B 38 12.96 10.84 28.89
N TYR B 39 12.09 11.85 28.92
CA TYR B 39 12.16 12.84 29.97
C TYR B 39 11.39 12.39 31.21
N ASP B 40 10.24 11.77 30.99
CA ASP B 40 9.35 11.51 32.12
C ASP B 40 9.86 10.40 33.04
N MET B 41 10.63 9.42 32.53
CA MET B 41 11.11 8.37 33.42
C MET B 41 12.07 8.92 34.47
N PRO B 42 13.17 9.63 34.11
CA PRO B 42 13.97 10.28 35.16
C PRO B 42 13.25 11.43 35.88
N ALA B 43 12.24 12.06 35.27
CA ALA B 43 11.51 13.10 35.98
C ALA B 43 10.79 12.56 37.22
N TYR B 44 10.54 11.25 37.31
CA TYR B 44 9.96 10.73 38.55
C TYR B 44 10.82 11.07 39.74
N LEU B 45 12.15 11.11 39.56
CA LEU B 45 13.07 11.46 40.63
C LEU B 45 12.79 12.83 41.22
N LYS B 46 12.07 13.69 40.49
CA LYS B 46 11.74 15.00 41.04
C LYS B 46 10.76 14.87 42.20
N ASP B 47 9.92 13.83 42.20
CA ASP B 47 8.85 13.69 43.17
C ASP B 47 9.06 12.55 44.16
N PHE B 48 10.03 11.66 43.95
CA PHE B 48 10.19 10.49 44.80
C PHE B 48 11.65 10.37 45.22
N GLU B 49 11.86 10.20 46.52
CA GLU B 49 13.20 10.12 47.08
C GLU B 49 13.68 8.67 47.04
N ILE B 50 13.92 8.20 45.83
CA ILE B 50 14.54 6.91 45.57
C ILE B 50 15.64 7.12 44.55
N LYS B 51 16.41 6.07 44.31
CA LYS B 51 17.45 6.08 43.31
C LYS B 51 16.95 5.33 42.08
N LEU B 52 17.16 5.91 40.90
CA LEU B 52 16.82 5.25 39.65
C LEU B 52 17.95 5.47 38.66
N ASN B 53 18.31 4.42 37.91
CA ASN B 53 19.44 4.49 37.00
C ASN B 53 18.98 4.26 35.56
N PHE B 54 19.78 4.76 34.63
CA PHE B 54 19.36 4.87 33.23
C PHE B 54 20.52 4.52 32.31
N ASN B 55 20.20 3.81 31.23
CA ASN B 55 21.10 3.66 30.11
C ASN B 55 20.54 4.43 28.93
N LEU B 56 21.39 5.25 28.29
CA LEU B 56 21.06 5.91 27.03
C LEU B 56 22.06 5.47 25.97
N THR B 57 21.58 4.85 24.90
CA THR B 57 22.49 4.51 23.82
C THR B 57 22.89 5.78 23.07
N PRO B 58 24.12 5.84 22.56
CA PRO B 58 24.55 7.05 21.83
C PRO B 58 23.69 7.38 20.61
N VAL B 59 23.22 6.37 19.89
CA VAL B 59 22.39 6.64 18.70
C VAL B 59 21.06 7.27 19.11
N LEU B 60 20.55 6.93 20.30
CA LEU B 60 19.36 7.61 20.79
C LEU B 60 19.67 9.06 21.12
N ILE B 61 20.77 9.31 21.83
CA ILE B 61 21.14 10.67 22.18
C ILE B 61 21.24 11.53 20.92
N ASP B 62 21.87 11.01 19.87
CA ASP B 62 21.99 11.76 18.62
C ASP B 62 20.63 12.22 18.12
N GLN B 63 19.64 11.32 18.14
CA GLN B 63 18.31 11.68 17.69
C GLN B 63 17.63 12.65 18.64
N ILE B 64 17.74 12.42 19.94
CA ILE B 64 17.16 13.38 20.87
C ILE B 64 17.71 14.77 20.59
N GLN B 65 19.02 14.87 20.39
CA GLN B 65 19.64 16.16 20.09
C GLN B 65 19.07 16.78 18.83
N GLU B 66 18.89 15.96 17.78
CA GLU B 66 18.39 16.49 16.52
C GLU B 66 16.97 17.03 16.68
N TYR B 67 16.09 16.27 17.36
CA TYR B 67 14.74 16.79 17.60
C TYR B 67 14.77 18.05 18.47
N ALA B 68 15.65 18.08 19.47
CA ALA B 68 15.72 19.25 20.35
C ALA B 68 16.14 20.50 19.58
N GLN B 69 17.10 20.38 18.67
CA GLN B 69 17.54 21.51 17.87
C GLN B 69 16.57 21.88 16.74
N GLY B 70 15.44 21.21 16.62
CA GLY B 70 14.52 21.52 15.54
C GLY B 70 15.00 21.11 14.15
N LYS B 71 15.94 20.18 14.06
CA LYS B 71 16.53 19.81 12.80
C LYS B 71 16.01 18.47 12.27
N ALA B 72 15.16 17.78 13.04
CA ALA B 72 14.67 16.47 12.65
C ALA B 72 13.52 16.62 11.65
N LYS B 73 13.68 16.02 10.48
CA LYS B 73 12.60 15.99 9.48
C LYS B 73 11.86 14.67 9.68
N ASP B 74 10.74 14.74 10.38
CA ASP B 74 10.00 13.55 10.78
C ASP B 74 8.75 13.48 9.90
N VAL B 75 8.70 12.49 8.99
CA VAL B 75 7.64 12.55 7.98
C VAL B 75 6.29 12.29 8.61
N PHE B 76 6.20 11.36 9.52
CA PHE B 76 4.94 11.09 10.25
C PHE B 76 4.54 12.26 11.08
N LEU B 77 5.46 12.95 11.74
CA LEU B 77 5.09 14.14 12.51
C LEU B 77 4.65 15.30 11.61
N GLU B 78 5.19 15.38 10.39
CA GLU B 78 4.73 16.38 9.44
C GLU B 78 3.26 16.17 9.08
N ALA B 79 2.85 14.91 8.90
CA ALA B 79 1.44 14.61 8.67
C ALA B 79 0.56 15.00 9.85
N ILE B 80 1.07 14.89 11.08
CA ILE B 80 0.28 15.32 12.23
C ILE B 80 0.13 16.84 12.20
N ARG B 81 1.24 17.54 11.96
CA ARG B 81 1.27 18.97 12.19
C ARG B 81 0.44 19.73 11.16
N LYS B 82 0.39 19.22 9.92
CA LYS B 82 -0.29 19.88 8.82
C LYS B 82 -1.75 20.18 9.14
N ASP B 83 -2.23 21.33 8.69
CA ASP B 83 -3.67 21.50 8.55
C ASP B 83 -4.22 20.39 7.65
N PRO B 84 -5.30 19.71 8.05
CA PRO B 84 -5.75 18.53 7.29
C PRO B 84 -6.04 18.79 5.81
N ASP B 85 -6.37 20.03 5.44
CA ASP B 85 -6.62 20.31 4.03
C ASP B 85 -5.35 20.25 3.18
N ASP B 86 -4.18 20.32 3.81
CA ASP B 86 -2.93 20.16 3.10
C ASP B 86 -2.44 18.72 3.08
N LEU B 87 -3.17 17.81 3.72
CA LEU B 87 -2.77 16.41 3.79
C LEU B 87 -2.79 15.75 2.42
N GLU B 88 -1.74 15.00 2.13
CA GLU B 88 -1.77 14.13 0.96
C GLU B 88 -2.53 12.87 1.30
N LYS B 89 -3.10 12.24 0.28
CA LYS B 89 -3.75 10.95 0.49
C LYS B 89 -2.82 9.95 1.17
N GLU B 90 -1.54 9.92 0.76
CA GLU B 90 -0.59 9.02 1.38
C GLU B 90 -0.43 9.32 2.87
N GLU B 91 -0.55 10.59 3.26
CA GLU B 91 -0.39 10.96 4.66
C GLU B 91 -1.62 10.58 5.47
N VAL B 92 -2.83 10.71 4.90
CA VAL B 92 -4.02 10.22 5.57
C VAL B 92 -3.93 8.70 5.78
N GLU B 93 -3.57 7.97 4.72
CA GLU B 93 -3.44 6.51 4.88
C GLU B 93 -2.45 6.17 6.00
N LYS B 94 -1.28 6.82 6.00
CA LYS B 94 -0.27 6.53 7.02
C LYS B 94 -0.80 6.84 8.41
N LEU B 95 -1.58 7.91 8.55
CA LEU B 95 -2.14 8.28 9.86
C LEU B 95 -3.16 7.25 10.32
N ILE B 96 -4.01 6.79 9.39
CA ILE B 96 -4.96 5.72 9.66
C ILE B 96 -4.23 4.44 10.04
N GLU B 97 -3.23 4.03 9.24
CA GLU B 97 -2.48 2.81 9.54
C GLU B 97 -1.81 2.89 10.91
N PHE B 98 -1.20 4.04 11.22
CA PHE B 98 -0.57 4.21 12.52
C PHE B 98 -1.58 4.06 13.65
N THR B 99 -2.74 4.69 13.51
CA THR B 99 -3.79 4.57 14.52
C THR B 99 -4.21 3.13 14.72
N LYS B 100 -4.47 2.40 13.62
CA LYS B 100 -4.84 1.00 13.72
C LYS B 100 -3.75 0.17 14.38
N LEU B 101 -2.48 0.53 14.14
CA LEU B 101 -1.39 -0.21 14.77
C LEU B 101 -1.44 -0.07 16.28
N ASN B 102 -1.85 1.10 16.79
CA ASN B 102 -1.79 1.42 18.22
C ASN B 102 -3.14 1.33 18.91
N TYR B 103 -4.18 0.97 18.14
CA TYR B 103 -5.58 1.21 18.50
C TYR B 103 -5.97 0.53 19.82
N GLU B 104 -5.41 -0.63 20.11
CA GLU B 104 -5.83 -1.40 21.26
C GLU B 104 -5.02 -1.09 22.51
N LYS B 105 -4.00 -0.25 22.39
CA LYS B 105 -3.20 0.13 23.56
C LYS B 105 -4.01 1.03 24.48
N PRO B 106 -3.89 0.86 25.80
CA PRO B 106 -4.66 1.71 26.72
C PRO B 106 -4.43 3.19 26.51
N ILE B 107 -3.23 3.61 26.13
CA ILE B 107 -3.01 5.03 25.88
C ILE B 107 -3.80 5.57 24.68
N TYR B 108 -4.36 4.68 23.85
CA TYR B 108 -5.23 5.09 22.76
C TYR B 108 -6.70 4.93 23.11
N ARG B 109 -7.04 4.64 24.37
CA ARG B 109 -8.43 4.46 24.78
C ARG B 109 -9.14 5.81 24.78
N PHE B 110 -9.58 6.21 23.59
CA PHE B 110 -10.37 7.42 23.38
C PHE B 110 -11.61 7.04 22.59
N GLU B 111 -12.78 7.34 23.15
CA GLU B 111 -14.03 7.10 22.45
C GLU B 111 -14.03 7.72 21.05
N ARG B 112 -13.39 8.87 20.88
CA ARG B 112 -13.38 9.50 19.57
C ARG B 112 -12.59 8.68 18.55
N ILE B 113 -11.48 8.06 18.98
CA ILE B 113 -10.72 7.22 18.06
C ILE B 113 -11.56 6.04 17.59
N ARG B 114 -12.41 5.51 18.47
CA ARG B 114 -13.30 4.43 18.06
C ARG B 114 -14.25 4.89 16.96
N GLU B 115 -14.81 6.09 17.11
CA GLU B 115 -15.70 6.63 16.09
C GLU B 115 -14.97 6.93 14.79
N LEU B 116 -13.79 7.55 14.89
CA LEU B 116 -13.07 7.94 13.69
C LEU B 116 -12.72 6.73 12.84
N MET B 117 -12.31 5.63 13.48
CA MET B 117 -12.00 4.42 12.74
C MET B 117 -13.24 3.72 12.20
N ASN B 118 -14.44 4.15 12.60
CA ASN B 118 -15.69 3.54 12.18
C ASN B 118 -16.30 4.23 10.96
N LYS B 119 -15.67 5.27 10.42
CA LYS B 119 -16.23 6.04 9.34
C LYS B 119 -15.51 5.76 8.02
N GLU B 120 -16.28 5.73 6.93
CA GLU B 120 -15.69 5.37 5.64
C GLU B 120 -14.81 6.51 5.11
N LYS B 121 -15.27 7.75 5.25
CA LYS B 121 -14.50 8.93 4.87
C LYS B 121 -14.40 9.88 6.07
N LEU B 122 -13.38 10.73 6.04
CA LEU B 122 -13.09 11.64 7.15
C LEU B 122 -13.04 13.08 6.63
N ASN B 123 -13.79 13.97 7.29
CA ASN B 123 -13.76 15.38 6.91
C ASN B 123 -12.61 16.09 7.64
N ARG B 124 -12.53 17.41 7.49
CA ARG B 124 -11.41 18.15 8.06
C ARG B 124 -11.44 18.13 9.59
N GLU B 125 -12.63 18.26 10.20
CA GLU B 125 -12.73 18.25 11.66
C GLU B 125 -12.29 16.90 12.24
N GLU B 126 -12.70 15.82 11.57
CA GLU B 126 -12.37 14.48 12.03
C GLU B 126 -10.88 14.21 11.89
N LEU B 127 -10.27 14.64 10.78
CA LEU B 127 -8.83 14.51 10.62
C LEU B 127 -8.09 15.28 11.70
N LEU B 128 -8.54 16.51 12.01
CA LEU B 128 -7.93 17.28 13.09
C LEU B 128 -7.95 16.52 14.41
N ASP B 129 -9.05 15.80 14.68
CA ASP B 129 -9.10 14.99 15.90
C ASP B 129 -8.18 13.80 15.81
N LEU B 130 -8.13 13.15 14.64
CA LEU B 130 -7.27 11.99 14.47
C LEU B 130 -5.81 12.36 14.64
N GLN B 131 -5.41 13.50 14.07
CA GLN B 131 -4.04 13.97 14.26
C GLN B 131 -3.77 14.22 15.73
N THR B 132 -4.59 15.05 16.36
CA THR B 132 -4.31 15.52 17.71
C THR B 132 -4.42 14.40 18.75
N LEU B 133 -5.33 13.45 18.53
CA LEU B 133 -5.44 12.34 19.47
C LEU B 133 -4.25 11.40 19.38
N ASN B 134 -3.69 11.20 18.17
CA ASN B 134 -2.45 10.44 18.08
C ASN B 134 -1.35 11.15 18.87
N LEU B 135 -1.27 12.47 18.75
CA LEU B 135 -0.34 13.24 19.56
C LEU B 135 -0.59 13.04 21.05
N LEU B 136 -1.80 13.37 21.49
CA LEU B 136 -2.13 13.31 22.92
C LEU B 136 -1.99 11.90 23.47
N ALA B 137 -2.18 10.87 22.64
CA ALA B 137 -2.04 9.49 23.12
C ALA B 137 -0.66 9.23 23.70
N TRP B 138 0.37 9.85 23.15
CA TRP B 138 1.74 9.69 23.64
C TRP B 138 2.13 10.73 24.68
N CYS B 139 1.15 11.35 25.34
CA CYS B 139 1.48 12.41 26.29
C CYS B 139 2.08 11.79 27.56
N GLY B 140 3.18 12.38 28.04
CA GLY B 140 3.87 11.87 29.20
C GLY B 140 3.30 12.37 30.51
N ARG B 141 3.85 11.84 31.61
CA ARG B 141 3.34 12.13 32.94
C ARG B 141 3.31 13.65 33.21
N THR B 142 4.41 14.35 32.91
CA THR B 142 4.49 15.78 33.21
C THR B 142 3.39 16.56 32.50
N LEU B 143 3.29 16.41 31.18
CA LEU B 143 2.29 17.14 30.42
C LEU B 143 0.87 16.63 30.63
N ARG B 144 0.71 15.37 31.09
CA ARG B 144 -0.64 14.91 31.38
C ARG B 144 -1.31 15.71 32.49
N LYS B 145 -0.57 16.50 33.27
CA LYS B 145 -1.20 17.44 34.18
C LYS B 145 -1.46 18.79 33.52
N ASP B 146 -0.44 19.36 32.86
CA ASP B 146 -0.60 20.65 32.20
C ASP B 146 -1.73 20.64 31.18
N LEU B 147 -1.78 19.60 30.35
CA LEU B 147 -2.76 19.51 29.26
C LEU B 147 -3.99 18.71 29.65
N LYS B 148 -4.21 18.49 30.95
CA LYS B 148 -5.31 17.66 31.40
C LYS B 148 -6.64 18.09 30.79
N ASP B 149 -6.88 19.40 30.68
CA ASP B 149 -8.15 19.86 30.14
C ASP B 149 -8.29 19.55 28.65
N LEU B 150 -7.17 19.53 27.91
CA LEU B 150 -7.20 19.12 26.50
C LEU B 150 -7.48 17.64 26.37
N LEU B 151 -6.84 16.84 27.22
CA LEU B 151 -7.00 15.39 27.14
C LEU B 151 -8.43 14.97 27.48
N ASN B 152 -9.03 15.61 28.48
CA ASN B 152 -10.41 15.30 28.86
C ASN B 152 -11.40 15.69 27.78
N LYS B 153 -11.06 16.67 26.93
CA LYS B 153 -11.88 16.96 25.75
C LYS B 153 -12.12 15.69 24.94
N GLY B 154 -11.05 15.03 24.53
CA GLY B 154 -11.14 13.83 23.72
C GLY B 154 -11.67 14.04 22.31
N ARG B 155 -12.19 15.22 22.01
CA ARG B 155 -12.87 15.49 20.75
C ARG B 155 -12.63 16.95 20.34
N ASN B 156 -12.99 17.23 19.09
CA ASN B 156 -13.19 18.59 18.58
C ASN B 156 -11.95 19.47 18.79
N TYR B 157 -10.82 19.00 18.31
CA TYR B 157 -9.59 19.77 18.48
C TYR B 157 -9.42 20.77 17.34
N THR B 158 -8.83 21.91 17.67
CA THR B 158 -8.53 22.92 16.67
C THR B 158 -7.04 22.86 16.34
N GLN B 159 -6.68 23.42 15.18
CA GLN B 159 -5.28 23.46 14.80
C GLN B 159 -4.44 24.18 15.85
N GLU B 160 -5.00 25.25 16.46
CA GLU B 160 -4.29 26.00 17.49
C GLU B 160 -4.01 25.16 18.72
N GLU B 161 -4.94 24.28 19.09
CA GLU B 161 -4.72 23.42 20.25
C GLU B 161 -3.71 22.33 19.92
N LYS B 162 -3.78 21.77 18.72
CA LYS B 162 -2.78 20.79 18.28
C LYS B 162 -1.39 21.40 18.24
N GLU B 163 -1.27 22.61 17.72
CA GLU B 163 0.03 23.28 17.73
C GLU B 163 0.46 23.63 19.16
N TYR B 164 -0.51 23.82 20.06
CA TYR B 164 -0.13 24.09 21.45
C TYR B 164 0.48 22.84 22.08
N VAL B 165 -0.08 21.68 21.77
CA VAL B 165 0.47 20.42 22.28
C VAL B 165 1.87 20.18 21.70
N LEU B 166 2.04 20.39 20.39
CA LEU B 166 3.35 20.16 19.77
C LEU B 166 4.42 21.02 20.39
N ASN B 167 4.10 22.29 20.67
CA ASN B 167 5.09 23.19 21.24
C ASN B 167 5.49 22.72 22.64
N LYS B 168 4.54 22.21 23.43
CA LYS B 168 4.89 21.71 24.75
C LYS B 168 5.72 20.44 24.64
N TYR B 169 5.44 19.62 23.61
CA TYR B 169 6.19 18.38 23.42
C TYR B 169 7.65 18.69 23.11
N PHE B 170 7.90 19.63 22.20
CA PHE B 170 9.29 19.99 21.94
C PHE B 170 9.94 20.66 23.16
N GLU B 171 9.16 21.37 24.00
CA GLU B 171 9.73 21.82 25.26
C GLU B 171 10.26 20.66 26.09
N ILE B 172 9.51 19.55 26.12
CA ILE B 172 9.94 18.40 26.89
C ILE B 172 11.22 17.79 26.29
N ILE B 173 11.27 17.70 24.96
CA ILE B 173 12.44 17.11 24.33
C ILE B 173 13.69 17.94 24.62
N LYS B 174 13.57 19.26 24.57
CA LYS B 174 14.75 20.12 24.75
C LYS B 174 15.32 20.04 26.16
N LYS B 175 14.54 19.68 27.17
CA LYS B 175 15.06 19.62 28.54
C LYS B 175 15.46 18.22 28.95
N THR B 176 15.49 17.29 28.00
CA THR B 176 15.60 15.88 28.32
C THR B 176 17.03 15.49 28.71
N LEU B 177 18.01 15.91 27.93
CA LEU B 177 19.39 15.62 28.33
C LEU B 177 19.73 16.34 29.62
N SER B 178 19.13 17.53 29.83
CA SER B 178 19.39 18.28 31.06
C SER B 178 18.99 17.49 32.29
N ILE B 179 17.85 16.79 32.24
CA ILE B 179 17.40 16.12 33.46
C ILE B 179 18.30 14.94 33.79
N TYR B 180 18.89 14.29 32.78
CA TYR B 180 19.83 13.21 33.04
C TYR B 180 21.09 13.75 33.70
N ARG B 181 21.64 14.87 33.21
CA ARG B 181 22.69 15.57 33.95
C ARG B 181 22.22 15.91 35.36
N GLU B 182 21.05 16.53 35.48
CA GLU B 182 20.44 16.85 36.76
C GLU B 182 20.47 15.70 37.75
N ILE B 183 19.83 14.58 37.42
CA ILE B 183 19.70 13.51 38.40
C ILE B 183 21.05 12.86 38.69
N LYS B 184 21.94 12.87 37.71
CA LYS B 184 23.28 12.30 37.87
C LYS B 184 24.11 13.12 38.85
N GLU B 185 24.12 14.44 38.68
CA GLU B 185 24.91 15.31 39.51
C GLU B 185 24.39 15.33 40.94
N GLU B 186 23.07 15.20 41.11
CA GLU B 186 22.47 15.16 42.44
C GLU B 186 22.61 13.78 43.08
N GLY B 187 23.22 12.82 42.38
CA GLY B 187 23.38 11.48 42.90
C GLY B 187 22.09 10.71 43.01
N LYS B 188 21.01 11.19 42.41
CA LYS B 188 19.75 10.45 42.41
C LYS B 188 19.77 9.26 41.46
N GLY B 189 20.81 9.13 40.64
CA GLY B 189 20.87 8.06 39.66
C GLY B 189 22.18 8.11 38.90
N SER B 190 22.66 6.95 38.47
CA SER B 190 23.81 6.89 37.59
C SER B 190 23.30 6.72 36.16
N VAL B 191 24.08 7.24 35.21
CA VAL B 191 23.75 7.13 33.79
C VAL B 191 24.86 6.35 33.10
N SER B 192 24.47 5.30 32.40
CA SER B 192 25.36 4.49 31.59
C SER B 192 25.05 4.71 30.11
N THR B 193 25.86 4.09 29.26
CA THR B 193 25.59 4.03 27.83
C THR B 193 25.86 2.61 27.35
N SER B 194 25.68 2.41 26.06
CA SER B 194 25.98 1.18 25.43
C SER B 194 26.87 1.43 24.20
N PRO B 195 27.51 0.36 23.72
CA PRO B 195 28.24 0.48 22.47
C PRO B 195 27.36 1.22 21.45
N TYR B 196 27.90 2.17 20.69
CA TYR B 196 27.14 3.18 19.90
C TYR B 196 25.85 2.86 19.29
N TYR B 197 25.88 1.90 18.42
CA TYR B 197 24.70 1.58 17.68
C TYR B 197 23.92 0.36 18.20
N HIS B 198 24.16 0.02 19.45
CA HIS B 198 23.47 -1.09 20.08
C HIS B 198 23.69 -2.40 19.31
N PRO B 199 24.96 -2.77 18.96
CA PRO B 199 25.17 -4.03 18.23
C PRO B 199 25.32 -5.22 19.15
N LEU B 200 25.46 -6.42 18.56
CA LEU B 200 25.75 -7.63 19.33
C LEU B 200 27.26 -7.80 19.39
N ILE B 201 27.89 -7.23 20.42
CA ILE B 201 29.36 -7.25 20.51
C ILE B 201 29.93 -8.66 20.48
N PRO B 202 29.39 -9.68 21.17
CA PRO B 202 30.01 -11.02 21.09
C PRO B 202 30.13 -11.55 19.67
N ILE B 203 29.19 -11.21 18.79
CA ILE B 203 29.21 -11.68 17.42
C ILE B 203 30.25 -10.93 16.60
N LEU B 204 30.40 -9.63 16.81
CA LEU B 204 31.40 -8.90 16.04
C LEU B 204 32.80 -9.36 16.43
N LEU B 205 33.02 -9.62 17.73
CA LEU B 205 34.30 -10.15 18.17
C LEU B 205 34.53 -11.55 17.66
N ASN B 206 33.48 -12.36 17.55
CA ASN B 206 33.64 -13.78 17.27
C ASN B 206 32.31 -14.43 16.94
N PRO B 207 31.93 -14.49 15.67
CA PRO B 207 30.61 -15.06 15.33
C PRO B 207 30.44 -16.51 15.76
N ASN B 208 31.51 -17.26 15.93
CA ASN B 208 31.40 -18.66 16.34
C ASN B 208 30.91 -18.82 17.77
N CYS B 209 30.84 -17.73 18.54
CA CYS B 209 30.34 -17.82 19.91
C CYS B 209 28.87 -18.23 19.97
N VAL B 210 28.13 -18.11 18.86
CA VAL B 210 26.76 -18.59 18.84
C VAL B 210 26.69 -20.09 19.07
N TYR B 211 27.78 -20.83 18.86
CA TYR B 211 27.75 -22.27 18.99
C TYR B 211 27.92 -22.75 20.42
N GLU B 212 28.12 -21.84 21.36
CA GLU B 212 28.14 -22.21 22.77
C GLU B 212 26.75 -22.60 23.29
N THR B 213 25.68 -22.22 22.58
CA THR B 213 24.32 -22.44 23.07
C THR B 213 23.41 -23.07 22.03
N THR B 214 23.67 -22.83 20.74
CA THR B 214 22.88 -23.42 19.66
C THR B 214 23.85 -24.05 18.67
N PRO B 215 24.29 -25.27 18.92
CA PRO B 215 25.30 -25.90 18.05
C PRO B 215 24.79 -26.17 16.65
N ASN B 216 23.48 -26.23 16.45
CA ASN B 216 22.91 -26.60 15.17
C ASN B 216 22.70 -25.43 14.22
N VAL B 217 22.90 -24.20 14.69
CA VAL B 217 22.55 -23.04 13.89
C VAL B 217 23.50 -22.89 12.71
N LYS B 218 22.93 -22.65 11.53
CA LYS B 218 23.72 -22.25 10.37
C LYS B 218 23.93 -20.74 10.43
N ILE B 219 25.17 -20.31 10.19
CA ILE B 219 25.47 -18.88 10.03
C ILE B 219 26.22 -18.69 8.72
N PRO B 220 26.23 -17.48 8.18
CA PRO B 220 26.95 -17.23 6.93
C PRO B 220 28.45 -17.21 7.16
N ASP B 221 29.18 -17.28 6.05
CA ASP B 221 30.65 -17.30 6.00
C ASP B 221 31.16 -15.90 6.38
N PHE B 222 31.64 -15.74 7.61
CA PHE B 222 32.12 -14.44 8.10
C PHE B 222 33.52 -14.19 7.54
N ALA B 223 33.57 -13.75 6.28
CA ALA B 223 34.79 -13.61 5.51
C ALA B 223 35.60 -12.37 5.84
N VAL B 224 35.06 -11.44 6.63
CA VAL B 224 35.76 -10.25 7.09
C VAL B 224 35.68 -10.20 8.61
N SER B 225 36.50 -9.35 9.21
CA SER B 225 36.54 -9.18 10.66
C SER B 225 35.75 -7.95 11.10
N PHE B 226 34.98 -8.10 12.18
CA PHE B 226 34.29 -6.99 12.82
C PHE B 226 34.90 -6.64 14.17
N ARG B 227 36.06 -7.21 14.49
CA ARG B 227 36.64 -7.01 15.82
C ARG B 227 36.97 -5.54 16.05
N GLU B 228 37.60 -4.89 15.06
CA GLU B 228 37.93 -3.48 15.28
C GLU B 228 36.66 -2.63 15.31
N ASP B 229 35.61 -3.05 14.60
CA ASP B 229 34.34 -2.36 14.68
C ASP B 229 33.71 -2.49 16.07
N ALA B 230 33.89 -3.63 16.71
CA ALA B 230 33.39 -3.79 18.07
C ALA B 230 34.04 -2.76 18.99
N SER B 231 35.35 -2.59 18.89
CA SER B 231 36.03 -1.62 19.74
C SER B 231 35.54 -0.22 19.45
N LYS B 232 35.24 0.06 18.17
CA LYS B 232 34.83 1.39 17.76
C LYS B 232 33.50 1.76 18.39
N HIS B 233 32.52 0.83 18.36
CA HIS B 233 31.24 1.06 19.02
C HIS B 233 31.46 1.46 20.48
N VAL B 234 32.33 0.73 21.17
CA VAL B 234 32.60 1.01 22.59
C VAL B 234 33.31 2.35 22.74
N GLU B 235 34.38 2.58 21.96
CA GLU B 235 35.15 3.81 22.15
C GLU B 235 34.34 5.04 21.74
N LEU B 236 33.60 4.96 20.62
CA LEU B 236 32.79 6.09 20.20
C LEU B 236 31.68 6.35 21.21
N ALA B 237 31.15 5.31 21.85
CA ALA B 237 30.17 5.54 22.90
C ALA B 237 30.79 6.32 24.05
N LYS B 238 31.99 5.90 24.49
CA LYS B 238 32.74 6.65 25.49
C LYS B 238 32.86 8.12 25.13
N GLU B 239 33.15 8.43 23.86
CA GLU B 239 33.31 9.82 23.44
C GLU B 239 31.97 10.56 23.44
N LYS B 240 30.88 9.92 23.00
CA LYS B 240 29.59 10.60 23.04
C LYS B 240 29.13 10.84 24.47
N TYR B 241 29.30 9.85 25.35
CA TYR B 241 28.97 10.06 26.75
C TYR B 241 29.79 11.21 27.33
N PHE B 242 31.10 11.21 27.09
CA PHE B 242 31.98 12.31 27.45
C PHE B 242 31.43 13.66 26.98
N GLU B 243 30.90 13.71 25.75
CA GLU B 243 30.36 14.96 25.24
C GLU B 243 29.16 15.45 26.06
N ILE B 244 28.33 14.52 26.52
CA ILE B 244 27.08 14.92 27.17
C ILE B 244 27.30 15.23 28.64
N PHE B 245 28.07 14.39 29.33
CA PHE B 245 28.16 14.41 30.79
C PHE B 245 29.50 14.91 31.31
N GLY B 246 30.54 14.99 30.48
CA GLY B 246 31.84 15.44 30.91
C GLY B 246 32.72 14.39 31.56
N GLU B 247 32.26 13.14 31.64
CA GLU B 247 33.01 12.01 32.17
C GLU B 247 33.09 10.94 31.08
N HIS B 248 34.13 10.13 31.13
CA HIS B 248 34.04 8.86 30.43
C HIS B 248 33.11 7.94 31.21
N PRO B 249 32.32 7.11 30.53
CA PRO B 249 31.44 6.19 31.27
C PRO B 249 32.23 5.07 31.92
N VAL B 250 31.82 4.71 33.14
CA VAL B 250 32.42 3.60 33.85
C VAL B 250 31.49 2.39 33.93
N TYR B 251 30.20 2.57 33.65
CA TYR B 251 29.23 1.49 33.54
C TYR B 251 28.66 1.44 32.13
N MET B 252 28.46 0.25 31.60
CA MET B 252 27.76 0.10 30.34
C MET B 252 26.72 -1.00 30.45
N TRP B 253 25.61 -0.84 29.72
CA TRP B 253 24.67 -1.92 29.52
C TRP B 253 24.98 -2.59 28.19
N PRO B 254 25.40 -3.85 28.18
CA PRO B 254 25.61 -4.56 26.93
C PRO B 254 24.30 -4.77 26.21
N PRO B 255 24.25 -4.35 24.96
CA PRO B 255 23.01 -4.62 24.25
C PRO B 255 22.54 -6.09 24.28
N GLU B 256 21.28 -6.23 24.52
CA GLU B 256 20.66 -7.52 24.60
C GLU B 256 21.18 -8.34 25.80
N ALA B 257 21.81 -7.67 26.74
CA ALA B 257 22.44 -8.33 27.86
C ALA B 257 23.51 -9.32 27.38
N SER B 258 24.06 -9.03 26.21
CA SER B 258 24.98 -9.93 25.57
C SER B 258 26.37 -9.83 25.97
N VAL B 259 26.84 -10.95 26.42
CA VAL B 259 28.17 -11.06 26.85
C VAL B 259 28.81 -12.32 26.36
N SER B 260 30.12 -12.35 26.49
CA SER B 260 30.93 -13.48 26.10
C SER B 260 32.27 -13.27 26.77
N ASN B 261 33.09 -14.32 26.83
CA ASN B 261 34.40 -14.13 27.43
C ASN B 261 35.17 -13.01 26.70
N GLU B 262 35.14 -13.01 25.36
CA GLU B 262 35.88 -11.98 24.64
C GLU B 262 35.25 -10.60 24.80
N ALA B 263 33.92 -10.51 24.88
CA ALA B 263 33.28 -9.21 25.06
C ALA B 263 33.57 -8.63 26.43
N LEU B 264 33.57 -9.48 27.48
CA LEU B 264 33.90 -8.99 28.82
C LEU B 264 35.33 -8.46 28.87
N GLU B 265 36.26 -9.16 28.21
CA GLU B 265 37.63 -8.67 28.07
C GLU B 265 37.66 -7.30 27.40
N LEU B 266 36.95 -7.15 26.28
CA LEU B 266 36.92 -5.87 25.55
C LEU B 266 36.40 -4.75 26.43
N TYR B 267 35.26 -4.99 27.10
CA TYR B 267 34.74 -4.00 28.04
C TYR B 267 35.76 -3.61 29.09
N TYR B 268 36.54 -4.58 29.57
CA TYR B 268 37.56 -4.32 30.57
C TYR B 268 38.70 -3.46 30.02
N GLU B 269 39.16 -3.79 28.81
CA GLU B 269 40.24 -3.04 28.19
C GLU B 269 39.81 -1.62 27.80
N LYS B 270 38.52 -1.37 27.69
CA LYS B 270 38.03 -0.03 27.40
C LYS B 270 37.70 0.77 28.66
N GLY B 271 38.06 0.27 29.85
CA GLY B 271 37.88 1.02 31.08
C GLY B 271 36.51 0.93 31.72
N ILE B 272 35.66 -0.02 31.30
CA ILE B 272 34.36 -0.20 31.94
C ILE B 272 34.55 -1.00 33.22
N ASN B 273 34.08 -0.45 34.35
CA ASN B 273 34.25 -1.09 35.66
C ASN B 273 33.19 -2.12 35.97
N MET B 274 31.97 -1.93 35.45
CA MET B 274 30.84 -2.76 35.85
C MET B 274 29.83 -2.81 34.71
N LEU B 275 29.21 -3.97 34.53
CA LEU B 275 28.08 -4.10 33.61
C LEU B 275 27.08 -5.06 34.24
N ALA B 276 25.96 -5.23 33.58
CA ALA B 276 24.96 -6.20 33.99
C ALA B 276 24.63 -7.10 32.80
N THR B 277 24.12 -8.28 33.11
CA THR B 277 23.66 -9.19 32.08
C THR B 277 22.50 -9.98 32.68
N ASP B 278 22.13 -11.09 32.04
CA ASP B 278 20.88 -11.78 32.37
C ASP B 278 21.09 -12.99 33.27
N GLU B 279 20.06 -13.30 34.06
CA GLU B 279 20.08 -14.48 34.90
C GLU B 279 20.27 -15.76 34.09
N VAL B 280 19.69 -15.83 32.89
CA VAL B 280 19.87 -17.04 32.08
C VAL B 280 21.34 -17.30 31.81
N ILE B 281 22.11 -16.25 31.49
CA ILE B 281 23.54 -16.41 31.27
C ILE B 281 24.20 -17.01 32.51
N LEU B 282 23.97 -16.39 33.67
CA LEU B 282 24.49 -16.94 34.91
C LEU B 282 24.16 -18.43 35.05
N LYS B 283 22.90 -18.80 34.80
CA LYS B 283 22.49 -20.19 34.97
C LYS B 283 23.20 -21.11 34.00
N ASN B 284 23.59 -20.61 32.81
CA ASN B 284 24.30 -21.40 31.82
C ASN B 284 25.79 -21.51 32.10
N SER B 285 26.35 -20.59 32.89
CA SER B 285 27.80 -20.45 33.10
C SER B 285 28.30 -20.97 34.44
N VAL B 286 27.44 -21.06 35.46
CA VAL B 286 27.83 -21.54 36.80
C VAL B 286 26.70 -22.42 37.34
N GLU B 287 27.05 -23.28 38.30
CA GLU B 287 26.03 -24.16 38.88
C GLU B 287 25.17 -23.43 39.92
N ARG B 288 25.78 -22.92 40.99
CA ARG B 288 25.07 -22.17 42.02
C ARG B 288 24.94 -20.74 41.52
N ALA B 289 23.75 -20.38 41.05
CA ALA B 289 23.55 -19.21 40.20
C ALA B 289 22.64 -18.21 40.90
N SER B 290 23.12 -17.65 42.01
CA SER B 290 22.30 -16.66 42.69
C SER B 290 22.54 -15.28 42.11
N PRO B 291 21.49 -14.56 41.70
CA PRO B 291 21.68 -13.22 41.14
C PRO B 291 21.82 -12.13 42.19
N TYR B 292 21.83 -12.48 43.47
CA TYR B 292 21.83 -11.49 44.53
C TYR B 292 23.23 -11.13 45.00
N LEU B 293 24.25 -11.52 44.25
CA LEU B 293 25.65 -11.30 44.56
C LEU B 293 26.30 -10.42 43.50
N ARG B 294 27.25 -9.60 43.92
CA ARG B 294 28.14 -8.93 42.98
C ARG B 294 29.20 -9.92 42.50
N TYR B 295 29.37 -10.02 41.18
CA TYR B 295 30.32 -10.96 40.60
C TYR B 295 31.49 -10.19 40.00
N TYR B 296 32.66 -10.82 40.04
CA TYR B 296 33.87 -10.30 39.40
C TYR B 296 34.31 -11.31 38.35
N PHE B 297 34.31 -10.89 37.08
CA PHE B 297 34.77 -11.76 36.00
C PHE B 297 36.28 -11.69 35.95
N ARG B 298 36.93 -12.80 36.34
CA ARG B 298 38.39 -12.96 36.32
C ARG B 298 39.09 -11.84 37.10
N GLU B 299 38.43 -11.31 38.12
CA GLU B 299 38.96 -10.18 38.91
C GLU B 299 39.35 -9.02 38.01
N LEU B 300 38.67 -8.88 36.86
CA LEU B 300 38.91 -7.78 35.93
C LEU B 300 37.78 -6.76 35.90
N ILE B 301 36.54 -7.21 35.98
CA ILE B 301 35.40 -6.33 35.80
C ILE B 301 34.25 -6.90 36.60
N SER B 302 33.45 -6.02 37.17
CA SER B 302 32.33 -6.44 37.99
C SER B 302 31.11 -6.66 37.12
N VAL B 303 30.32 -7.66 37.49
CA VAL B 303 29.14 -8.06 36.72
C VAL B 303 28.01 -8.31 37.69
N PHE B 304 26.85 -7.73 37.42
CA PHE B 304 25.63 -8.11 38.10
C PHE B 304 24.74 -8.85 37.14
N PHE B 305 23.98 -9.79 37.66
CA PHE B 305 23.03 -10.54 36.86
C PHE B 305 21.64 -10.11 37.29
N ARG B 306 20.84 -9.66 36.34
CA ARG B 306 19.58 -9.05 36.74
C ARG B 306 18.65 -10.14 37.25
N ASP B 307 17.73 -9.74 38.11
CA ASP B 307 16.68 -10.65 38.58
C ASP B 307 15.64 -10.75 37.47
N LYS B 308 15.68 -11.85 36.73
CA LYS B 308 14.89 -11.93 35.50
C LYS B 308 13.39 -11.95 35.80
N THR B 309 12.97 -12.65 36.86
CA THR B 309 11.53 -12.71 37.17
C THR B 309 10.95 -11.33 37.48
N LEU B 310 11.60 -10.57 38.35
CA LEU B 310 11.09 -9.24 38.72
C LEU B 310 11.13 -8.29 37.52
N SER B 311 12.21 -8.35 36.75
CA SER B 311 12.30 -7.54 35.53
C SER B 311 11.18 -7.88 34.56
N ASP B 312 10.94 -9.17 34.34
CA ASP B 312 9.89 -9.57 33.39
C ASP B 312 8.50 -9.22 33.92
N LEU B 313 8.30 -9.22 35.24
CA LEU B 313 6.99 -8.88 35.81
C LEU B 313 6.58 -7.45 35.46
N ILE B 314 7.53 -6.50 35.59
CA ILE B 314 7.25 -5.12 35.22
C ILE B 314 7.11 -4.99 33.70
N GLY B 315 8.02 -5.63 32.96
CA GLY B 315 8.08 -5.45 31.53
C GLY B 315 6.98 -6.15 30.77
N PHE B 316 6.42 -7.23 31.34
CA PHE B 316 5.54 -8.14 30.60
C PHE B 316 4.23 -8.41 31.29
N SER B 317 4.22 -8.43 32.62
CA SER B 317 3.05 -8.93 33.34
C SER B 317 2.16 -7.83 33.91
N TYR B 318 2.73 -6.84 34.60
CA TYR B 318 1.89 -5.95 35.41
C TYR B 318 0.97 -5.03 34.59
N HIS B 319 1.19 -4.89 33.28
CA HIS B 319 0.24 -4.11 32.49
C HIS B 319 -1.17 -4.67 32.58
N ALA B 320 -1.29 -5.97 32.82
CA ALA B 320 -2.56 -6.66 32.89
C ALA B 320 -3.09 -6.75 34.32
N TRP B 321 -2.45 -6.07 35.26
CA TRP B 321 -2.86 -6.02 36.66
C TRP B 321 -3.38 -4.65 37.02
N ASN B 322 -4.30 -4.63 37.96
CA ASN B 322 -4.57 -3.42 38.73
C ASN B 322 -3.25 -2.89 39.31
N ALA B 323 -3.13 -1.56 39.41
CA ALA B 323 -1.89 -0.98 39.91
C ALA B 323 -1.65 -1.35 41.38
N GLU B 324 -2.69 -1.30 42.21
CA GLU B 324 -2.50 -1.63 43.63
C GLU B 324 -2.09 -3.10 43.80
N ASP B 325 -2.70 -4.01 43.04
CA ASP B 325 -2.35 -5.42 43.14
C ASP B 325 -0.92 -5.68 42.65
N ALA B 326 -0.47 -4.94 41.64
CA ALA B 326 0.85 -5.20 41.08
C ALA B 326 1.95 -4.78 42.05
N VAL B 327 1.80 -3.61 42.67
CA VAL B 327 2.82 -3.15 43.62
C VAL B 327 2.89 -4.09 44.82
N ARG B 328 1.73 -4.58 45.28
CA ARG B 328 1.74 -5.48 46.44
C ARG B 328 2.47 -6.78 46.10
N ASP B 329 2.21 -7.33 44.92
CA ASP B 329 2.94 -8.52 44.47
C ASP B 329 4.44 -8.26 44.42
N PHE B 330 4.85 -7.17 43.76
CA PHE B 330 6.26 -6.81 43.68
C PHE B 330 6.88 -6.65 45.07
N ILE B 331 6.19 -5.94 45.96
CA ILE B 331 6.73 -5.74 47.30
C ILE B 331 6.84 -7.08 48.01
N GLY B 332 5.79 -7.91 47.90
CA GLY B 332 5.81 -9.20 48.56
C GLY B 332 6.94 -10.10 48.11
N ARG B 333 7.33 -10.02 46.83
CA ARG B 333 8.45 -10.84 46.36
C ARG B 333 9.77 -10.33 46.91
N LEU B 334 9.92 -9.01 47.04
CA LEU B 334 11.14 -8.47 47.62
C LEU B 334 11.27 -8.85 49.09
N LYS B 335 10.14 -9.01 49.77
CA LYS B 335 10.18 -9.44 51.16
C LYS B 335 10.64 -10.89 51.26
N LYS B 336 10.21 -11.73 50.32
CA LYS B 336 10.63 -13.13 50.34
C LYS B 336 12.11 -13.26 50.00
N ILE B 337 12.62 -12.43 49.09
CA ILE B 337 14.05 -12.38 48.86
C ILE B 337 14.76 -11.92 50.14
N HIS B 338 14.23 -10.87 50.77
CA HIS B 338 14.84 -10.29 51.96
C HIS B 338 14.96 -11.32 53.09
N GLU B 339 13.97 -12.21 53.21
CA GLU B 339 13.97 -13.20 54.29
C GLU B 339 14.67 -14.50 53.94
N SER B 340 14.93 -14.75 52.65
CA SER B 340 15.48 -16.04 52.24
C SER B 340 16.98 -16.14 52.43
N VAL B 341 17.64 -15.02 52.66
CA VAL B 341 19.09 -14.93 52.78
C VAL B 341 19.40 -14.16 54.05
N ASP B 342 20.48 -14.53 54.73
CA ASP B 342 20.92 -13.83 55.92
C ASP B 342 21.89 -12.69 55.61
N PHE B 343 22.34 -12.55 54.36
CA PHE B 343 23.16 -11.42 53.96
C PHE B 343 22.27 -10.36 53.30
N GLN B 344 22.90 -9.30 52.79
CA GLN B 344 22.13 -8.24 52.16
C GLN B 344 22.14 -8.47 50.65
N PRO B 345 21.06 -8.97 50.06
CA PRO B 345 21.06 -9.22 48.62
C PRO B 345 20.96 -7.93 47.82
N VAL B 346 21.57 -7.95 46.63
CA VAL B 346 21.43 -6.84 45.69
C VAL B 346 20.56 -7.31 44.52
N VAL B 347 19.46 -6.60 44.29
CA VAL B 347 18.44 -7.06 43.35
C VAL B 347 18.40 -6.07 42.18
N PHE B 348 18.98 -6.46 41.06
CA PHE B 348 19.02 -5.64 39.86
C PHE B 348 17.76 -5.88 39.04
N VAL B 349 16.96 -4.85 38.87
CA VAL B 349 15.79 -4.87 38.02
C VAL B 349 16.16 -4.07 36.77
N VAL B 350 16.30 -4.76 35.64
CA VAL B 350 16.85 -4.17 34.42
C VAL B 350 15.97 -4.56 33.22
N LEU B 351 15.51 -3.56 32.47
CA LEU B 351 14.64 -3.76 31.34
C LEU B 351 14.58 -2.46 30.56
N ASN B 352 14.05 -2.48 29.34
CA ASN B 352 13.79 -1.26 28.64
C ASN B 352 12.81 -0.47 29.46
N GLY B 353 12.95 0.84 29.46
CA GLY B 353 12.02 1.64 30.22
C GLY B 353 11.13 2.57 29.43
N GLU B 354 10.90 2.27 28.15
CA GLU B 354 10.02 3.11 27.35
C GLU B 354 8.96 2.31 26.61
N ASN B 355 9.06 0.99 26.60
CA ASN B 355 8.24 0.15 25.76
C ASN B 355 7.05 -0.48 26.48
N CYS B 356 7.12 -0.66 27.78
CA CYS B 356 6.07 -1.42 28.45
C CYS B 356 4.92 -0.54 28.91
N TRP B 357 5.17 0.76 29.10
CA TRP B 357 4.18 1.62 29.74
C TRP B 357 2.94 1.81 28.87
N GLU B 358 3.08 1.81 27.54
CA GLU B 358 1.94 2.05 26.66
C GLU B 358 0.85 0.97 26.78
N TYR B 359 1.19 -0.22 27.27
CA TYR B 359 0.19 -1.24 27.55
C TYR B 359 -0.42 -1.11 28.94
N TYR B 360 0.16 -0.29 29.81
CA TYR B 360 -0.40 -0.08 31.12
C TYR B 360 -1.56 0.91 31.06
N GLU B 361 -2.53 0.71 31.94
CA GLU B 361 -3.53 1.73 32.20
C GLU B 361 -2.84 3.06 32.48
N GLU B 362 -3.27 4.10 31.74
CA GLU B 362 -2.80 5.46 31.97
C GLU B 362 -1.29 5.57 31.84
N ASN B 363 -0.71 4.86 30.87
CA ASN B 363 0.71 4.95 30.56
C ASN B 363 1.59 4.49 31.72
N GLY B 364 1.02 3.74 32.66
CA GLY B 364 1.79 3.21 33.77
C GLY B 364 2.02 4.16 34.90
N ILE B 365 1.46 5.36 34.83
CA ILE B 365 1.71 6.35 35.86
C ILE B 365 1.14 5.90 37.20
N PRO B 366 -0.11 5.40 37.28
CA PRO B 366 -0.58 4.89 38.58
C PRO B 366 0.29 3.79 39.14
N PHE B 367 0.79 2.88 38.29
CA PHE B 367 1.67 1.83 38.78
C PHE B 367 2.97 2.40 39.31
N LEU B 368 3.71 3.14 38.47
CA LEU B 368 5.00 3.68 38.91
C LEU B 368 4.86 4.62 40.11
N GLU B 369 3.79 5.42 40.14
CA GLU B 369 3.64 6.34 41.26
C GLU B 369 3.37 5.58 42.55
N LYS B 370 2.56 4.52 42.48
CA LYS B 370 2.32 3.69 43.65
C LYS B 370 3.56 2.89 44.02
N LEU B 371 4.32 2.41 43.01
CA LEU B 371 5.53 1.65 43.28
C LEU B 371 6.58 2.52 43.95
N TYR B 372 6.87 3.69 43.37
CA TYR B 372 7.91 4.55 43.90
C TYR B 372 7.54 5.11 45.27
N SER B 373 6.27 5.50 45.43
CA SER B 373 5.81 5.98 46.73
C SER B 373 5.92 4.89 47.80
N THR B 374 5.60 3.65 47.44
CA THR B 374 5.72 2.57 48.41
C THR B 374 7.18 2.26 48.70
N LEU B 375 8.01 2.16 47.66
CA LEU B 375 9.43 1.86 47.86
C LEU B 375 10.10 2.91 48.75
N GLU B 376 9.75 4.18 48.59
CA GLU B 376 10.43 5.23 49.31
C GLU B 376 10.04 5.27 50.78
N LYS B 377 9.12 4.43 51.21
CA LYS B 377 8.73 4.36 52.61
C LYS B 377 9.04 3.02 53.26
N GLU B 378 9.56 2.05 52.53
CA GLU B 378 9.97 0.79 53.13
C GLU B 378 11.35 0.96 53.75
N GLU B 379 11.41 0.83 55.08
CA GLU B 379 12.66 1.03 55.81
C GLU B 379 13.72 0.02 55.41
N TRP B 380 13.31 -1.22 55.14
CA TRP B 380 14.25 -2.30 54.88
C TRP B 380 14.67 -2.39 53.40
N ILE B 381 14.12 -1.54 52.53
CA ILE B 381 14.54 -1.49 51.12
C ILE B 381 15.35 -0.23 50.94
N GLU B 382 16.57 -0.37 50.42
CA GLU B 382 17.38 0.77 50.01
C GLU B 382 17.64 0.66 48.52
N THR B 383 17.12 1.60 47.74
CA THR B 383 17.47 1.64 46.32
C THR B 383 18.83 2.29 46.14
N LEU B 384 19.60 1.82 45.17
CA LEU B 384 20.96 2.29 44.96
C LEU B 384 21.14 2.86 43.55
N THR B 385 22.04 3.84 43.44
CA THR B 385 22.59 4.14 42.13
C THR B 385 23.54 3.02 41.71
N LEU B 386 23.87 3.00 40.42
CA LEU B 386 24.82 2.01 39.93
C LEU B 386 26.16 2.14 40.64
N GLU B 387 26.58 3.37 40.94
CA GLU B 387 27.85 3.58 41.61
C GLU B 387 27.81 3.04 43.04
N GLU B 388 26.68 3.20 43.72
CA GLU B 388 26.59 2.65 45.08
C GLU B 388 26.56 1.14 45.07
N ALA B 389 25.94 0.55 44.04
CA ALA B 389 25.94 -0.90 43.88
C ALA B 389 27.32 -1.41 43.58
N MET B 390 28.09 -0.66 42.78
CA MET B 390 29.46 -1.05 42.47
C MET B 390 30.33 -1.03 43.72
N ARG B 391 30.22 0.03 44.52
CA ARG B 391 31.13 0.26 45.63
C ARG B 391 30.66 -0.32 46.97
N LYS B 392 29.45 -0.88 47.03
CA LYS B 392 28.89 -1.33 48.29
C LYS B 392 29.75 -2.38 48.98
N GLU B 393 30.07 -2.16 50.26
CA GLU B 393 30.95 -3.09 50.96
C GLU B 393 30.22 -4.27 51.59
N ASP B 394 29.06 -4.05 52.20
CA ASP B 394 28.39 -5.08 53.00
C ASP B 394 27.51 -5.99 52.15
N VAL B 395 28.12 -6.54 51.10
CA VAL B 395 27.44 -7.33 50.09
C VAL B 395 28.26 -8.60 49.89
N LYS B 396 27.62 -9.65 49.38
CA LYS B 396 28.37 -10.88 49.12
C LYS B 396 28.88 -10.90 47.69
N THR B 397 30.07 -11.48 47.51
CA THR B 397 30.75 -11.45 46.22
C THR B 397 31.19 -12.86 45.82
N GLU B 398 31.39 -13.04 44.52
CA GLU B 398 31.85 -14.30 43.96
C GLU B 398 32.69 -13.99 42.73
N VAL B 399 33.66 -14.85 42.46
CA VAL B 399 34.49 -14.72 41.27
C VAL B 399 33.95 -15.64 40.19
N ILE B 400 33.97 -15.16 38.95
CA ILE B 400 33.57 -15.91 37.77
C ILE B 400 34.74 -15.92 36.79
N GLU B 401 35.08 -17.09 36.25
CA GLU B 401 36.19 -17.16 35.30
C GLU B 401 35.75 -17.40 33.87
N SER B 402 34.46 -17.69 33.62
CA SER B 402 33.98 -17.98 32.28
C SER B 402 32.47 -17.78 32.23
N VAL B 403 32.02 -17.30 31.07
CA VAL B 403 30.62 -17.16 30.80
C VAL B 403 30.25 -17.77 29.44
N LYS B 404 29.06 -18.29 29.36
CA LYS B 404 28.58 -18.87 28.12
C LYS B 404 27.84 -17.84 27.30
N ALA B 405 28.40 -17.51 26.19
CA ALA B 405 27.79 -16.46 25.42
C ALA B 405 26.34 -16.55 25.11
N GLY B 406 25.73 -15.41 25.22
CA GLY B 406 24.35 -15.29 24.92
C GLY B 406 23.68 -13.96 25.09
N THR B 407 22.37 -13.97 25.16
CA THR B 407 21.59 -12.82 25.30
C THR B 407 20.51 -13.04 26.30
N TRP B 408 19.77 -11.97 26.58
CA TRP B 408 18.64 -12.14 27.47
C TRP B 408 17.41 -12.70 26.76
N PHE B 409 17.50 -13.04 25.47
CA PHE B 409 16.48 -13.87 24.82
C PHE B 409 16.92 -15.33 24.84
N ASP B 410 16.41 -16.09 25.82
CA ASP B 410 16.67 -17.53 25.95
C ASP B 410 18.15 -17.85 26.06
N GLY B 411 19.00 -16.87 26.39
CA GLY B 411 20.40 -17.16 26.54
C GLY B 411 21.14 -17.49 25.25
N ASN B 412 20.60 -17.10 24.10
CA ASN B 412 21.23 -17.45 22.83
C ASN B 412 20.99 -16.32 21.84
N PHE B 413 21.47 -16.50 20.60
CA PHE B 413 21.49 -15.43 19.61
C PHE B 413 20.49 -15.63 18.47
N LEU B 414 19.54 -16.57 18.62
CA LEU B 414 18.64 -16.94 17.53
C LEU B 414 17.68 -15.82 17.09
N LYS B 415 17.51 -14.76 17.87
CA LYS B 415 16.62 -13.70 17.43
C LYS B 415 17.28 -12.76 16.43
N TRP B 416 18.58 -12.89 16.20
CA TRP B 416 19.31 -12.00 15.31
C TRP B 416 20.14 -12.71 14.26
N ILE B 417 20.31 -14.03 14.36
CA ILE B 417 21.09 -14.79 13.39
C ILE B 417 20.58 -16.21 13.38
N GLY B 418 20.75 -16.90 12.26
CA GLY B 418 20.33 -18.28 12.22
C GLY B 418 19.33 -18.71 11.16
N ASN B 419 18.30 -17.93 10.86
CA ASN B 419 17.41 -18.36 9.80
C ASN B 419 17.81 -17.72 8.47
N LYS B 420 17.13 -18.12 7.40
CA LYS B 420 17.53 -17.68 6.07
C LYS B 420 17.50 -16.18 5.95
N GLU B 421 16.46 -15.54 6.47
CA GLU B 421 16.28 -14.11 6.26
C GLU B 421 17.28 -13.30 7.09
N LYS B 422 17.43 -13.65 8.38
CA LYS B 422 18.38 -12.94 9.23
C LYS B 422 19.80 -13.13 8.71
N ASN B 423 20.15 -14.35 8.27
CA ASN B 423 21.47 -14.61 7.74
C ASN B 423 21.72 -13.84 6.45
N GLU B 424 20.67 -13.54 5.70
CA GLU B 424 20.85 -12.71 4.50
C GLU B 424 21.32 -11.32 4.89
N TYR B 425 20.81 -10.79 6.00
CA TYR B 425 21.26 -9.49 6.48
C TYR B 425 22.76 -9.52 6.82
N TRP B 426 23.20 -10.55 7.56
CA TRP B 426 24.63 -10.67 7.85
C TRP B 426 25.47 -10.78 6.59
N LYS B 427 25.01 -11.57 5.61
CA LYS B 427 25.71 -11.64 4.32
C LYS B 427 25.83 -10.27 3.66
N ILE B 428 24.72 -9.53 3.60
CA ILE B 428 24.75 -8.15 3.12
C ILE B 428 25.80 -7.34 3.87
N LEU B 429 25.81 -7.48 5.21
CA LEU B 429 26.73 -6.72 6.05
C LEU B 429 28.17 -7.15 5.84
N ILE B 430 28.39 -8.47 5.73
CA ILE B 430 29.72 -8.99 5.44
C ILE B 430 30.22 -8.45 4.12
N GLU B 431 29.39 -8.56 3.07
CA GLU B 431 29.84 -8.07 1.76
C GLU B 431 30.07 -6.57 1.79
N ALA B 432 29.18 -5.82 2.44
CA ALA B 432 29.35 -4.37 2.51
C ALA B 432 30.59 -3.98 3.31
N LYS B 433 30.92 -4.76 4.35
CA LYS B 433 32.08 -4.43 5.18
C LYS B 433 33.37 -4.45 4.36
N LYS B 434 33.50 -5.39 3.42
CA LYS B 434 34.71 -5.48 2.60
C LYS B 434 34.98 -4.20 1.82
N LYS B 435 33.94 -3.45 1.44
CA LYS B 435 34.11 -2.22 0.67
C LYS B 435 33.57 -1.01 1.41
N ALA B 436 33.46 -1.10 2.73
CA ALA B 436 32.99 0.02 3.54
C ALA B 436 34.05 1.10 3.61
N LYS B 437 33.60 2.37 3.65
CA LYS B 437 34.52 3.49 3.70
C LYS B 437 34.11 4.57 4.71
N ASN B 438 33.09 4.34 5.53
CA ASN B 438 32.74 5.31 6.55
C ASN B 438 31.97 4.58 7.65
N ASP B 439 31.66 5.32 8.73
CA ASP B 439 31.07 4.76 9.94
C ASP B 439 29.59 4.42 9.81
N TYR B 440 29.01 4.59 8.63
CA TYR B 440 27.65 4.09 8.45
C TYR B 440 27.61 2.57 8.48
N ILE B 441 28.76 1.91 8.32
CA ILE B 441 28.79 0.46 8.50
C ILE B 441 28.52 0.13 9.96
N LEU B 442 28.95 0.98 10.89
CA LEU B 442 28.65 0.76 12.28
C LEU B 442 27.15 0.92 12.54
N VAL B 443 26.49 1.82 11.78
CA VAL B 443 25.05 2.01 11.96
C VAL B 443 24.32 0.72 11.61
N ALA B 444 24.73 0.09 10.50
CA ALA B 444 24.13 -1.16 10.02
C ALA B 444 24.50 -2.36 10.88
N GLU B 445 25.43 -2.21 11.83
CA GLU B 445 25.71 -3.30 12.73
C GLU B 445 24.81 -3.29 13.96
N GLY B 446 23.87 -2.36 14.02
CA GLY B 446 22.92 -2.35 15.12
C GLY B 446 22.07 -3.59 15.13
N SER B 447 21.70 -4.01 16.35
CA SER B 447 20.98 -5.26 16.55
C SER B 447 19.57 -5.20 15.97
N ASP B 448 18.94 -4.02 16.07
CA ASP B 448 17.54 -3.84 15.71
C ASP B 448 17.20 -4.31 14.31
N TRP B 449 18.10 -4.07 13.34
CA TRP B 449 17.78 -4.46 11.95
C TRP B 449 17.64 -5.97 11.84
N PHE B 450 18.48 -6.71 12.56
CA PHE B 450 18.40 -8.17 12.49
C PHE B 450 17.21 -8.68 13.31
N TRP B 451 16.80 -7.93 14.33
CA TRP B 451 15.65 -8.33 15.15
C TRP B 451 14.38 -8.42 14.31
N TRP B 452 14.09 -7.39 13.50
CA TRP B 452 12.85 -7.32 12.75
C TRP B 452 12.86 -8.16 11.47
N GLN B 453 14.01 -8.49 10.99
CA GLN B 453 14.11 -9.26 9.80
C GLN B 453 13.65 -10.63 9.96
N GLY B 454 12.85 -11.06 9.04
CA GLY B 454 12.50 -12.45 9.02
C GLY B 454 11.67 -12.87 10.13
N GLU B 455 10.68 -12.03 10.30
CA GLU B 455 9.78 -12.28 11.33
C GLU B 455 8.58 -12.21 10.47
N GLU B 456 7.46 -11.93 11.06
CA GLU B 456 6.27 -11.97 10.31
C GLU B 456 5.62 -10.73 10.03
N LYS B 457 5.10 -10.62 8.86
CA LYS B 457 4.21 -9.57 8.54
C LYS B 457 3.76 -8.75 9.66
N ALA B 458 4.21 -7.52 9.66
CA ALA B 458 3.85 -6.66 10.69
C ALA B 458 4.08 -5.31 10.07
N PRO B 459 3.17 -4.37 10.31
CA PRO B 459 3.23 -3.06 9.70
C PRO B 459 4.52 -2.28 9.97
N PHE B 460 4.94 -1.52 8.99
CA PHE B 460 6.19 -0.75 9.05
C PHE B 460 7.50 -1.50 9.10
N VAL B 461 7.46 -2.80 9.13
CA VAL B 461 8.72 -3.55 9.09
C VAL B 461 9.53 -3.21 7.85
N GLU B 462 8.86 -2.91 6.73
CA GLU B 462 9.58 -2.48 5.53
C GLU B 462 10.45 -1.26 5.81
N VAL B 463 10.03 -0.40 6.76
CA VAL B 463 10.81 0.79 7.03
C VAL B 463 12.17 0.41 7.59
N PHE B 464 12.21 -0.58 8.50
CA PHE B 464 13.50 -1.02 9.06
C PHE B 464 14.40 -1.58 7.95
N ASP B 465 13.81 -2.36 7.04
CA ASP B 465 14.58 -2.90 5.92
C ASP B 465 15.10 -1.80 5.01
N LYS B 466 14.25 -0.81 4.68
CA LYS B 466 14.72 0.34 3.91
C LYS B 466 15.87 1.05 4.61
N LEU B 467 15.73 1.26 5.92
CA LEU B 467 16.80 1.92 6.68
C LEU B 467 18.08 1.11 6.65
N PHE B 468 18.01 -0.17 7.07
CA PHE B 468 19.19 -1.01 7.07
C PHE B 468 19.93 -0.93 5.73
N ARG B 469 19.21 -1.17 4.65
CA ARG B 469 19.85 -1.22 3.33
C ARG B 469 20.32 0.14 2.85
N SER B 470 19.66 1.22 3.27
CA SER B 470 20.16 2.56 2.95
C SER B 470 21.50 2.83 3.64
N PHE B 471 21.62 2.43 4.92
CA PHE B 471 22.86 2.61 5.67
C PHE B 471 23.98 1.75 5.10
N VAL B 472 23.65 0.54 4.66
CA VAL B 472 24.63 -0.33 3.99
C VAL B 472 25.13 0.31 2.71
N ARG B 473 24.22 0.86 1.92
CA ARG B 473 24.60 1.54 0.68
C ARG B 473 25.49 2.73 0.99
N ARG B 474 25.06 3.58 1.91
CA ARG B 474 25.79 4.80 2.19
C ARG B 474 27.18 4.52 2.76
N ALA B 475 27.36 3.37 3.40
CA ALA B 475 28.66 3.03 3.97
C ALA B 475 29.70 2.72 2.90
N GLN B 476 29.28 2.47 1.66
CA GLN B 476 30.19 2.08 0.60
C GLN B 476 30.51 3.22 -0.36
N GLU B 477 30.11 4.44 -0.03
CA GLU B 477 30.35 5.60 -0.89
C GLU B 477 31.44 6.50 -0.32
N LYS C 2 -15.54 1.25 38.82
CA LYS C 2 -16.37 1.81 39.87
C LYS C 2 -16.10 1.11 41.19
N LYS C 3 -15.38 1.79 42.10
CA LYS C 3 -14.93 1.19 43.34
C LYS C 3 -15.87 1.54 44.49
N LEU C 4 -15.90 0.65 45.48
CA LEU C 4 -16.44 0.95 46.79
C LEU C 4 -15.27 1.35 47.66
N PHE C 5 -15.42 2.44 48.41
CA PHE C 5 -14.36 2.97 49.27
C PHE C 5 -14.66 2.56 50.71
N LEU C 6 -13.74 1.82 51.31
CA LEU C 6 -13.91 1.23 52.62
C LEU C 6 -12.93 1.91 53.57
N VAL C 7 -13.43 2.37 54.73
CA VAL C 7 -12.59 3.10 55.66
C VAL C 7 -12.73 2.47 57.04
N PHE C 8 -11.69 1.77 57.49
CA PHE C 8 -11.68 1.28 58.86
C PHE C 8 -11.10 2.35 59.77
N TRP C 9 -11.74 2.55 60.92
CA TRP C 9 -11.26 3.51 61.92
C TRP C 9 -11.40 2.82 63.28
N TRP C 10 -10.28 2.36 63.82
CA TRP C 10 -10.26 1.58 65.06
C TRP C 10 -9.98 2.51 66.21
N HIS C 11 -10.92 2.62 67.14
CA HIS C 11 -10.81 3.58 68.24
C HIS C 11 -10.20 2.90 69.46
N MET C 12 -9.11 3.46 69.99
CA MET C 12 -8.39 2.92 71.14
C MET C 12 -8.43 3.91 72.30
N HIS C 13 -8.82 3.46 73.49
CA HIS C 13 -9.01 4.40 74.58
C HIS C 13 -9.04 3.63 75.91
N GLN C 14 -8.44 4.22 76.94
CA GLN C 14 -8.67 3.81 78.33
C GLN C 14 -8.83 5.08 79.18
N PRO C 15 -9.76 5.09 80.14
CA PRO C 15 -9.75 6.15 81.15
C PRO C 15 -8.49 6.08 82.01
N LEU C 16 -8.20 7.15 82.73
CA LEU C 16 -6.96 7.23 83.49
C LEU C 16 -7.07 6.38 84.76
N TYR C 17 -6.34 5.25 84.81
CA TYR C 17 -6.41 4.34 85.95
C TYR C 17 -5.47 4.72 87.08
N ARG C 18 -4.68 5.79 86.91
CA ARG C 18 -3.62 6.15 87.84
C ARG C 18 -4.17 7.05 88.93
N GLU C 19 -4.39 6.47 90.11
CA GLU C 19 -4.88 7.25 91.26
C GLU C 19 -3.88 8.36 91.57
N PRO C 20 -4.32 9.61 91.71
CA PRO C 20 -3.36 10.73 91.78
C PRO C 20 -2.65 10.89 93.12
N TYR C 21 -3.09 10.20 94.18
CA TYR C 21 -2.44 10.34 95.47
C TYR C 21 -1.34 9.29 95.66
N THR C 22 -1.65 8.03 95.36
CA THR C 22 -0.69 6.95 95.45
C THR C 22 0.07 6.70 94.15
N GLY C 23 -0.38 7.27 93.03
CA GLY C 23 0.27 6.97 91.77
C GLY C 23 0.09 5.55 91.29
N GLU C 24 -0.86 4.80 91.87
CA GLU C 24 -1.04 3.40 91.55
C GLU C 24 -2.04 3.24 90.43
N TYR C 25 -1.68 2.46 89.41
CA TYR C 25 -2.67 2.01 88.44
C TYR C 25 -3.56 1.00 89.13
N LEU C 26 -4.82 1.38 89.33
CA LEU C 26 -5.75 0.58 90.15
C LEU C 26 -6.43 -0.52 89.35
N LEU C 27 -6.43 -0.43 88.03
CA LEU C 27 -6.85 -1.54 87.20
C LEU C 27 -5.80 -1.80 86.13
N PRO C 28 -5.64 -3.04 85.68
CA PRO C 28 -4.58 -3.37 84.72
C PRO C 28 -4.99 -3.31 83.26
N TRP C 29 -6.15 -2.75 82.94
CA TRP C 29 -6.69 -2.89 81.58
C TRP C 29 -5.80 -2.22 80.52
N THR C 30 -5.22 -1.07 80.84
CA THR C 30 -4.33 -0.43 79.86
C THR C 30 -3.18 -1.37 79.49
N PHE C 31 -2.55 -1.99 80.50
CA PHE C 31 -1.47 -2.95 80.26
C PHE C 31 -1.95 -4.13 79.40
N PHE C 32 -3.08 -4.73 79.77
CA PHE C 32 -3.50 -5.94 79.07
C PHE C 32 -3.90 -5.64 77.63
N HIS C 33 -4.60 -4.55 77.40
CA HIS C 33 -4.98 -4.21 76.03
C HIS C 33 -3.81 -3.65 75.24
N ALA C 34 -2.74 -3.23 75.91
CA ALA C 34 -1.56 -2.79 75.18
C ALA C 34 -0.78 -3.99 74.64
N VAL C 35 -0.59 -5.01 75.48
CA VAL C 35 0.15 -6.21 75.06
C VAL C 35 -0.65 -7.03 74.06
N LYS C 36 -1.98 -6.98 74.14
CA LYS C 36 -2.81 -7.77 73.25
C LYS C 36 -3.26 -7.01 71.99
N ASP C 37 -3.61 -5.73 72.09
CA ASP C 37 -4.32 -5.11 70.98
C ASP C 37 -3.70 -3.83 70.44
N TYR C 38 -3.12 -2.99 71.31
CA TYR C 38 -2.74 -1.65 70.86
C TYR C 38 -1.54 -1.68 69.93
N TYR C 39 -0.63 -2.63 70.12
CA TYR C 39 0.46 -2.79 69.17
C TYR C 39 0.03 -3.65 68.00
N ASP C 40 -0.72 -4.72 68.28
CA ASP C 40 -1.01 -5.75 67.30
C ASP C 40 -2.02 -5.32 66.25
N MET C 41 -2.97 -4.45 66.61
CA MET C 41 -3.94 -4.01 65.61
C MET C 41 -3.29 -3.20 64.49
N PRO C 42 -2.46 -2.17 64.76
CA PRO C 42 -1.70 -1.56 63.65
C PRO C 42 -0.63 -2.47 63.06
N ALA C 43 -0.11 -3.43 63.83
CA ALA C 43 0.88 -4.36 63.31
C ALA C 43 0.35 -5.21 62.17
N TYR C 44 -0.97 -5.37 62.04
CA TYR C 44 -1.51 -6.09 60.89
C TYR C 44 -1.04 -5.49 59.58
N LEU C 45 -0.78 -4.18 59.56
CA LEU C 45 -0.35 -3.54 58.33
C LEU C 45 1.02 -4.04 57.86
N LYS C 46 1.82 -4.64 58.75
CA LYS C 46 3.09 -5.21 58.33
C LYS C 46 2.91 -6.39 57.38
N ASP C 47 1.81 -7.14 57.53
CA ASP C 47 1.56 -8.34 56.74
C ASP C 47 0.46 -8.19 55.70
N PHE C 48 -0.35 -7.14 55.78
CA PHE C 48 -1.46 -6.94 54.86
C PHE C 48 -1.39 -5.52 54.35
N GLU C 49 -1.27 -5.37 53.05
CA GLU C 49 -1.02 -4.07 52.45
C GLU C 49 -2.35 -3.38 52.08
N ILE C 50 -3.18 -3.19 53.11
CA ILE C 50 -4.40 -2.41 52.99
C ILE C 50 -4.22 -1.14 53.81
N LYS C 51 -5.27 -0.33 53.86
CA LYS C 51 -5.28 0.86 54.70
C LYS C 51 -6.19 0.62 55.90
N LEU C 52 -5.67 0.94 57.08
CA LEU C 52 -6.40 0.88 58.35
C LEU C 52 -6.10 2.15 59.12
N ASN C 53 -7.12 2.76 59.70
CA ASN C 53 -6.94 3.99 60.45
C ASN C 53 -7.21 3.73 61.93
N PHE C 54 -6.67 4.60 62.78
CA PHE C 54 -6.68 4.41 64.23
C PHE C 54 -6.89 5.73 64.95
N ASN C 55 -7.71 5.70 66.00
CA ASN C 55 -7.81 6.78 66.97
C ASN C 55 -7.11 6.36 68.27
N LEU C 56 -6.24 7.24 68.78
CA LEU C 56 -5.58 7.09 70.08
C LEU C 56 -5.95 8.30 70.93
N THR C 57 -6.70 8.08 72.00
CA THR C 57 -7.00 9.18 72.90
C THR C 57 -5.74 9.58 73.66
N PRO C 58 -5.55 10.87 73.93
CA PRO C 58 -4.32 11.30 74.62
C PRO C 58 -4.18 10.70 76.00
N VAL C 59 -5.29 10.45 76.70
CA VAL C 59 -5.19 9.87 78.03
C VAL C 59 -4.69 8.44 77.93
N LEU C 60 -5.00 7.73 76.84
CA LEU C 60 -4.41 6.41 76.63
C LEU C 60 -2.93 6.52 76.31
N ILE C 61 -2.56 7.50 75.48
CA ILE C 61 -1.16 7.70 75.12
C ILE C 61 -0.31 7.94 76.36
N ASP C 62 -0.81 8.76 77.29
CA ASP C 62 -0.09 9.03 78.53
C ASP C 62 0.23 7.72 79.24
N GLN C 63 -0.79 6.88 79.42
CA GLN C 63 -0.59 5.65 80.19
C GLN C 63 0.37 4.71 79.49
N ILE C 64 0.22 4.56 78.17
CA ILE C 64 1.15 3.72 77.41
C ILE C 64 2.57 4.20 77.64
N GLN C 65 2.81 5.52 77.60
CA GLN C 65 4.16 6.04 77.83
C GLN C 65 4.65 5.72 79.24
N GLU C 66 3.76 5.78 80.23
CA GLU C 66 4.16 5.49 81.61
C GLU C 66 4.51 4.02 81.79
N TYR C 67 3.77 3.12 81.15
CA TYR C 67 4.12 1.71 81.23
C TYR C 67 5.43 1.46 80.51
N ALA C 68 5.58 2.10 79.34
CA ALA C 68 6.80 1.97 78.56
C ALA C 68 8.02 2.33 79.40
N GLN C 69 8.01 3.51 80.02
CA GLN C 69 9.17 3.92 80.81
C GLN C 69 9.42 3.05 82.04
N GLY C 70 8.50 2.14 82.38
CA GLY C 70 8.66 1.35 83.58
C GLY C 70 8.29 2.08 84.86
N LYS C 71 7.61 3.21 84.75
CA LYS C 71 7.21 4.01 85.90
C LYS C 71 5.75 3.77 86.30
N ALA C 72 5.13 2.72 85.78
CA ALA C 72 3.73 2.43 86.06
C ALA C 72 3.65 1.43 87.21
N LYS C 73 2.99 1.83 88.29
CA LYS C 73 2.80 0.98 89.48
C LYS C 73 1.40 0.40 89.42
N ASP C 74 1.28 -0.84 88.98
CA ASP C 74 0.01 -1.49 88.74
C ASP C 74 -0.20 -2.56 89.72
N VAL C 75 -1.26 -2.46 90.43
CA VAL C 75 -1.50 -3.31 91.52
C VAL C 75 -1.77 -4.73 91.18
N PHE C 76 -2.64 -5.00 90.23
CA PHE C 76 -2.84 -6.37 89.78
C PHE C 76 -1.55 -6.94 89.27
N LEU C 77 -0.83 -6.22 88.47
CA LEU C 77 0.39 -6.71 87.95
C LEU C 77 1.42 -7.05 89.04
N GLU C 78 1.64 -6.17 89.99
CA GLU C 78 2.53 -6.54 91.09
C GLU C 78 2.12 -7.89 91.67
N ALA C 79 0.80 -8.14 91.74
CA ALA C 79 0.32 -9.43 92.23
C ALA C 79 0.61 -10.57 91.26
N ILE C 80 0.77 -10.28 89.96
CA ILE C 80 1.19 -11.30 89.03
C ILE C 80 2.68 -11.57 89.16
N ARG C 81 3.49 -10.50 89.16
CA ARG C 81 4.95 -10.66 89.17
C ARG C 81 5.45 -11.38 90.41
N LYS C 82 4.79 -11.21 91.55
CA LYS C 82 5.25 -11.76 92.83
C LYS C 82 5.36 -13.29 92.80
N ASP C 83 6.37 -13.81 93.48
CA ASP C 83 6.36 -15.21 93.87
C ASP C 83 5.09 -15.50 94.66
N PRO C 84 4.38 -16.60 94.37
CA PRO C 84 3.13 -16.89 95.10
C PRO C 84 3.28 -16.95 96.61
N ASP C 85 4.47 -17.24 97.14
CA ASP C 85 4.65 -17.29 98.58
C ASP C 85 4.55 -15.91 99.22
N ASP C 86 4.77 -14.84 98.45
CA ASP C 86 4.65 -13.47 98.92
C ASP C 86 3.25 -12.89 98.74
N LEU C 87 2.34 -13.63 98.12
CA LEU C 87 1.00 -13.12 97.91
C LEU C 87 0.26 -12.94 99.23
N GLU C 88 -0.40 -11.79 99.38
CA GLU C 88 -1.40 -11.62 100.43
C GLU C 88 -2.70 -12.31 100.04
N LYS C 89 -3.48 -12.65 101.06
CA LYS C 89 -4.80 -13.25 100.81
C LYS C 89 -5.65 -12.33 99.93
N GLU C 90 -5.62 -11.02 100.20
CA GLU C 90 -6.32 -10.07 99.34
C GLU C 90 -5.89 -10.21 97.89
N GLU C 91 -4.59 -10.41 97.65
CA GLU C 91 -4.09 -10.48 96.28
C GLU C 91 -4.47 -11.79 95.60
N VAL C 92 -4.53 -12.84 96.37
CA VAL C 92 -4.92 -14.09 95.82
C VAL C 92 -6.36 -14.00 95.38
N GLU C 93 -7.21 -13.45 96.22
CA GLU C 93 -8.61 -13.32 95.87
C GLU C 93 -8.86 -12.41 94.62
N LYS C 94 -8.01 -11.47 94.44
CA LYS C 94 -8.10 -10.63 93.30
C LYS C 94 -7.76 -11.40 92.04
N LEU C 95 -6.70 -12.19 92.09
CA LEU C 95 -6.34 -13.07 90.99
C LEU C 95 -7.44 -13.98 90.60
N ILE C 96 -8.07 -14.58 91.58
CA ILE C 96 -9.12 -15.48 91.29
C ILE C 96 -10.38 -14.79 90.74
N GLU C 97 -10.72 -13.62 91.25
CA GLU C 97 -11.85 -12.86 90.76
C GLU C 97 -11.61 -12.46 89.31
N PHE C 98 -10.45 -11.98 89.05
CA PHE C 98 -10.07 -11.61 87.72
C PHE C 98 -10.17 -12.79 86.78
N THR C 99 -9.77 -13.96 87.22
CA THR C 99 -9.82 -15.10 86.43
C THR C 99 -11.30 -15.45 86.15
N LYS C 100 -12.11 -15.52 87.18
CA LYS C 100 -13.51 -15.88 86.95
C LYS C 100 -14.22 -14.83 86.11
N LEU C 101 -13.81 -13.56 86.19
CA LEU C 101 -14.42 -12.53 85.38
C LEU C 101 -14.17 -12.76 83.89
N ASN C 102 -12.98 -13.29 83.56
CA ASN C 102 -12.55 -13.56 82.20
C ASN C 102 -12.71 -15.02 81.80
N TYR C 103 -13.24 -15.84 82.72
CA TYR C 103 -13.22 -17.29 82.60
C TYR C 103 -13.87 -17.78 81.30
N GLU C 104 -14.96 -17.14 80.86
CA GLU C 104 -15.73 -17.65 79.74
C GLU C 104 -15.31 -17.06 78.40
N LYS C 105 -14.25 -16.34 78.37
CA LYS C 105 -13.80 -15.83 77.09
C LYS C 105 -12.92 -16.85 76.38
N PRO C 106 -12.95 -16.92 75.05
CA PRO C 106 -12.10 -17.90 74.35
C PRO C 106 -10.62 -17.73 74.62
N ILE C 107 -10.15 -16.51 74.92
CA ILE C 107 -8.72 -16.33 75.12
C ILE C 107 -8.27 -16.94 76.44
N TYR C 108 -9.20 -17.24 77.33
CA TYR C 108 -8.91 -17.91 78.59
C TYR C 108 -9.12 -19.42 78.52
N ARG C 109 -9.43 -19.96 77.34
CA ARG C 109 -9.72 -21.38 77.20
C ARG C 109 -8.41 -22.16 77.34
N PHE C 110 -8.05 -22.41 78.60
CA PHE C 110 -6.90 -23.24 78.97
C PHE C 110 -7.39 -24.35 79.89
N GLU C 111 -7.02 -25.60 79.57
CA GLU C 111 -7.39 -26.73 80.42
C GLU C 111 -7.02 -26.47 81.87
N ARG C 112 -5.84 -25.90 82.11
CA ARG C 112 -5.34 -25.73 83.46
C ARG C 112 -6.16 -24.70 84.25
N ILE C 113 -6.68 -23.67 83.59
CA ILE C 113 -7.51 -22.68 84.27
C ILE C 113 -8.78 -23.33 84.78
N ARG C 114 -9.35 -24.27 84.01
CA ARG C 114 -10.51 -25.03 84.47
C ARG C 114 -10.19 -25.78 85.75
N GLU C 115 -8.97 -26.29 85.88
CA GLU C 115 -8.60 -27.07 87.06
C GLU C 115 -8.38 -26.19 88.27
N LEU C 116 -7.67 -25.07 88.09
CA LEU C 116 -7.39 -24.17 89.21
C LEU C 116 -8.67 -23.61 89.81
N MET C 117 -9.61 -23.18 88.97
CA MET C 117 -10.87 -22.64 89.45
C MET C 117 -11.80 -23.70 90.02
N ASN C 118 -11.47 -24.98 89.84
CA ASN C 118 -12.17 -26.06 90.50
C ASN C 118 -11.58 -26.42 91.85
N LYS C 119 -10.44 -25.84 92.21
CA LYS C 119 -9.68 -26.28 93.37
C LYS C 119 -9.99 -25.41 94.59
N GLU C 120 -10.16 -26.08 95.73
CA GLU C 120 -10.64 -25.41 96.94
C GLU C 120 -9.54 -24.57 97.59
N LYS C 121 -8.30 -25.06 97.58
CA LYS C 121 -7.15 -24.32 98.05
C LYS C 121 -6.04 -24.43 97.01
N LEU C 122 -5.36 -23.33 96.74
CA LEU C 122 -4.30 -23.28 95.73
C LEU C 122 -2.94 -23.22 96.41
N ASN C 123 -2.05 -24.13 96.02
CA ASN C 123 -0.68 -24.14 96.51
C ASN C 123 0.18 -23.20 95.64
N ARG C 124 1.49 -23.18 95.90
CA ARG C 124 2.36 -22.22 95.23
C ARG C 124 2.44 -22.49 93.74
N GLU C 125 2.62 -23.75 93.35
CA GLU C 125 2.86 -24.03 91.95
C GLU C 125 1.60 -23.84 91.14
N GLU C 126 0.44 -24.11 91.75
CA GLU C 126 -0.85 -23.80 91.13
C GLU C 126 -1.06 -22.30 90.98
N LEU C 127 -0.64 -21.51 91.98
CA LEU C 127 -0.74 -20.06 91.86
C LEU C 127 0.16 -19.53 90.76
N LEU C 128 1.37 -20.11 90.63
CA LEU C 128 2.27 -19.71 89.55
C LEU C 128 1.61 -19.93 88.20
N ASP C 129 0.85 -21.03 88.06
CA ASP C 129 0.13 -21.29 86.83
C ASP C 129 -0.99 -20.28 86.63
N LEU C 130 -1.67 -19.90 87.71
CA LEU C 130 -2.74 -18.91 87.60
C LEU C 130 -2.20 -17.55 87.18
N GLN C 131 -1.09 -17.12 87.80
CA GLN C 131 -0.46 -15.87 87.38
C GLN C 131 -0.04 -15.94 85.91
N THR C 132 0.64 -17.03 85.53
CA THR C 132 1.20 -17.06 84.20
C THR C 132 0.13 -17.21 83.14
N LEU C 133 -0.87 -18.06 83.39
CA LEU C 133 -1.92 -18.27 82.40
C LEU C 133 -2.79 -17.04 82.22
N ASN C 134 -2.97 -16.23 83.27
CA ASN C 134 -3.61 -14.94 83.07
C ASN C 134 -2.81 -14.10 82.08
N LEU C 135 -1.49 -14.01 82.30
CA LEU C 135 -0.63 -13.30 81.35
C LEU C 135 -0.78 -13.87 79.95
N LEU C 136 -0.59 -15.19 79.80
CA LEU C 136 -0.59 -15.81 78.48
C LEU C 136 -1.94 -15.65 77.76
N ALA C 137 -3.05 -15.60 78.49
CA ALA C 137 -4.35 -15.41 77.84
C ALA C 137 -4.40 -14.12 77.02
N TRP C 138 -3.72 -13.07 77.49
CA TRP C 138 -3.75 -11.79 76.81
C TRP C 138 -2.61 -11.64 75.82
N CYS C 139 -1.99 -12.75 75.42
CA CYS C 139 -0.91 -12.68 74.45
C CYS C 139 -1.44 -12.13 73.13
N GLY C 140 -0.66 -11.22 72.53
CA GLY C 140 -1.04 -10.62 71.27
C GLY C 140 -0.57 -11.43 70.08
N ARG C 141 -1.08 -11.03 68.90
CA ARG C 141 -0.80 -11.78 67.67
C ARG C 141 0.70 -11.91 67.43
N THR C 142 1.44 -10.82 67.60
CA THR C 142 2.87 -10.85 67.34
C THR C 142 3.56 -11.89 68.22
N LEU C 143 3.26 -11.90 69.52
CA LEU C 143 4.05 -12.70 70.45
C LEU C 143 3.72 -14.19 70.43
N ARG C 144 2.66 -14.62 69.73
CA ARG C 144 2.32 -16.04 69.73
C ARG C 144 3.46 -16.89 69.20
N LYS C 145 4.28 -16.34 68.29
CA LYS C 145 5.40 -17.10 67.74
C LYS C 145 6.44 -17.37 68.82
N ASP C 146 6.95 -16.32 69.46
CA ASP C 146 8.04 -16.47 70.42
C ASP C 146 7.59 -17.11 71.71
N LEU C 147 6.29 -17.07 72.04
CA LEU C 147 5.77 -17.61 73.29
C LEU C 147 5.09 -18.96 73.10
N LYS C 148 5.19 -19.58 71.94
CA LYS C 148 4.52 -20.88 71.64
C LYS C 148 4.91 -22.01 72.52
N ASP C 149 6.13 -22.04 72.84
CA ASP C 149 6.58 -23.03 73.79
C ASP C 149 5.87 -22.95 75.12
N LEU C 150 5.73 -21.77 75.63
CA LEU C 150 5.00 -21.57 76.84
C LEU C 150 3.51 -21.78 76.63
N LEU C 151 2.97 -21.37 75.50
CA LEU C 151 1.55 -21.50 75.24
C LEU C 151 1.13 -22.97 75.18
N ASN C 152 1.95 -23.81 74.55
CA ASN C 152 1.67 -25.23 74.45
C ASN C 152 1.94 -26.01 75.73
N LYS C 153 2.79 -25.47 76.60
CA LYS C 153 3.04 -26.09 77.90
C LYS C 153 1.75 -26.23 78.69
N GLY C 154 1.07 -25.09 78.88
CA GLY C 154 -0.25 -25.04 79.47
C GLY C 154 -0.31 -25.16 80.97
N ARG C 155 0.79 -25.54 81.62
CA ARG C 155 0.72 -25.80 83.06
C ARG C 155 2.15 -25.90 83.60
N ASN C 156 2.23 -25.84 84.92
CA ASN C 156 3.47 -26.03 85.67
C ASN C 156 4.58 -25.08 85.18
N TYR C 157 4.28 -23.81 85.27
CA TYR C 157 5.17 -22.72 84.95
C TYR C 157 6.04 -22.34 86.15
N THR C 158 7.21 -21.79 85.86
CA THR C 158 8.13 -21.32 86.88
C THR C 158 8.08 -19.80 86.98
N GLN C 159 8.61 -19.29 88.11
CA GLN C 159 8.80 -17.86 88.27
C GLN C 159 9.62 -17.27 87.12
N GLU C 160 10.68 -17.96 86.71
CA GLU C 160 11.50 -17.45 85.62
C GLU C 160 10.70 -17.29 84.34
N GLU C 161 9.87 -18.28 84.01
CA GLU C 161 9.11 -18.21 82.76
C GLU C 161 8.07 -17.12 82.82
N LYS C 162 7.44 -16.94 83.99
CA LYS C 162 6.52 -15.81 84.16
C LYS C 162 7.21 -14.49 83.90
N GLU C 163 8.43 -14.34 84.42
CA GLU C 163 9.21 -13.13 84.20
C GLU C 163 9.61 -12.96 82.74
N TYR C 164 9.82 -14.05 82.02
CA TYR C 164 10.15 -13.92 80.60
C TYR C 164 8.97 -13.35 79.83
N VAL C 165 7.75 -13.76 80.17
CA VAL C 165 6.57 -13.25 79.48
C VAL C 165 6.36 -11.78 79.80
N LEU C 166 6.59 -11.41 81.06
CA LEU C 166 6.45 -10.01 81.43
C LEU C 166 7.45 -9.15 80.68
N ASN C 167 8.67 -9.64 80.53
CA ASN C 167 9.69 -8.90 79.79
C ASN C 167 9.28 -8.72 78.33
N LYS C 168 8.84 -9.80 77.69
CA LYS C 168 8.40 -9.69 76.30
C LYS C 168 7.22 -8.74 76.18
N TYR C 169 6.31 -8.76 77.16
CA TYR C 169 5.15 -7.88 77.11
C TYR C 169 5.56 -6.43 77.22
N PHE C 170 6.46 -6.11 78.15
CA PHE C 170 6.90 -4.72 78.25
C PHE C 170 7.69 -4.30 77.02
N GLU C 171 8.41 -5.23 76.40
CA GLU C 171 9.02 -4.94 75.09
C GLU C 171 7.97 -4.48 74.10
N ILE C 172 6.84 -5.19 74.05
CA ILE C 172 5.77 -4.83 73.12
C ILE C 172 5.25 -3.44 73.43
N ILE C 173 5.10 -3.12 74.72
CA ILE C 173 4.57 -1.80 75.09
C ILE C 173 5.51 -0.71 74.64
N LYS C 174 6.81 -0.91 74.86
CA LYS C 174 7.82 0.07 74.49
C LYS C 174 7.91 0.33 73.00
N LYS C 175 7.25 -0.49 72.18
CA LYS C 175 7.27 -0.38 70.73
C LYS C 175 5.97 0.17 70.18
N THR C 176 4.97 0.42 71.03
CA THR C 176 3.60 0.59 70.57
C THR C 176 3.38 1.94 69.90
N LEU C 177 3.76 3.04 70.58
CA LEU C 177 3.62 4.32 69.91
C LEU C 177 4.49 4.38 68.67
N SER C 178 5.60 3.66 68.66
CA SER C 178 6.49 3.70 67.50
C SER C 178 5.85 3.08 66.27
N ILE C 179 5.02 2.04 66.45
CA ILE C 179 4.37 1.44 65.28
C ILE C 179 3.28 2.36 64.73
N TYR C 180 2.58 3.10 65.60
CA TYR C 180 1.64 4.11 65.11
C TYR C 180 2.33 5.18 64.29
N ARG C 181 3.47 5.69 64.80
CA ARG C 181 4.29 6.60 64.00
C ARG C 181 4.67 5.98 62.66
N GLU C 182 5.01 4.68 62.68
CA GLU C 182 5.55 4.05 61.48
C GLU C 182 4.50 3.93 60.39
N ILE C 183 3.30 3.42 60.71
CA ILE C 183 2.26 3.28 59.70
C ILE C 183 1.75 4.63 59.23
N LYS C 184 1.89 5.67 60.04
CA LYS C 184 1.49 7.01 59.61
C LYS C 184 2.47 7.55 58.56
N GLU C 185 3.77 7.49 58.86
CA GLU C 185 4.77 7.95 57.90
C GLU C 185 4.72 7.15 56.61
N GLU C 186 4.45 5.85 56.72
CA GLU C 186 4.41 4.96 55.57
C GLU C 186 3.09 5.03 54.80
N GLY C 187 2.18 5.93 55.20
CA GLY C 187 0.94 6.09 54.46
C GLY C 187 0.02 4.89 54.54
N LYS C 188 0.32 3.96 55.45
CA LYS C 188 -0.52 2.77 55.57
C LYS C 188 -1.80 3.06 56.34
N GLY C 189 -1.84 4.16 57.09
CA GLY C 189 -3.04 4.54 57.78
C GLY C 189 -2.90 5.93 58.34
N SER C 190 -4.03 6.57 58.59
CA SER C 190 -4.08 7.83 59.30
C SER C 190 -4.32 7.55 60.77
N VAL C 191 -3.75 8.40 61.62
CA VAL C 191 -3.92 8.30 63.05
C VAL C 191 -4.56 9.61 63.52
N SER C 192 -5.67 9.49 64.25
CA SER C 192 -6.38 10.63 64.81
C SER C 192 -6.30 10.61 66.33
N THR C 193 -7.00 11.56 66.92
CA THR C 193 -7.12 11.63 68.34
C THR C 193 -8.44 12.12 68.74
N SER C 194 -8.71 12.11 70.01
CA SER C 194 -9.91 12.61 70.58
C SER C 194 -9.60 13.69 71.69
N PRO C 195 -10.54 14.58 71.94
CA PRO C 195 -10.40 15.51 73.07
C PRO C 195 -9.79 14.75 74.23
N TYR C 196 -8.90 15.36 75.01
CA TYR C 196 -8.01 14.63 75.94
C TYR C 196 -8.49 13.48 76.77
N TYR C 197 -9.43 13.71 77.62
CA TYR C 197 -9.87 12.68 78.49
C TYR C 197 -11.16 12.01 78.06
N HIS C 198 -11.44 12.07 76.76
CA HIS C 198 -12.61 11.39 76.19
C HIS C 198 -13.91 11.87 76.85
N PRO C 199 -14.19 13.18 76.91
CA PRO C 199 -15.44 13.65 77.50
C PRO C 199 -16.56 13.77 76.46
N LEU C 200 -17.75 14.08 76.97
CA LEU C 200 -18.92 14.37 76.13
C LEU C 200 -18.91 15.84 75.82
N ILE C 201 -18.24 16.20 74.72
CA ILE C 201 -18.10 17.61 74.36
C ILE C 201 -19.44 18.34 74.29
N PRO C 202 -20.50 17.79 73.65
CA PRO C 202 -21.73 18.57 73.53
C PRO C 202 -22.38 18.88 74.87
N ILE C 203 -22.23 17.98 75.86
CA ILE C 203 -22.79 18.26 77.18
C ILE C 203 -22.01 19.38 77.86
N LEU C 204 -20.67 19.36 77.75
CA LEU C 204 -19.87 20.42 78.35
C LEU C 204 -20.19 21.78 77.74
N LEU C 205 -20.41 21.83 76.42
CA LEU C 205 -20.70 23.11 75.77
C LEU C 205 -22.09 23.63 76.13
N ASN C 206 -23.08 22.75 76.18
CA ASN C 206 -24.42 23.18 76.54
C ASN C 206 -25.25 21.98 76.96
N PRO C 207 -25.39 21.73 78.26
CA PRO C 207 -26.14 20.53 78.71
C PRO C 207 -27.58 20.47 78.22
N ASN C 208 -28.15 21.60 77.80
CA ASN C 208 -29.51 21.60 77.28
C ASN C 208 -29.66 20.88 75.95
N CYS C 209 -28.54 20.44 75.35
CA CYS C 209 -28.58 19.69 74.11
C CYS C 209 -29.17 18.29 74.29
N VAL C 210 -29.18 17.78 75.52
CA VAL C 210 -29.78 16.46 75.78
C VAL C 210 -31.28 16.49 75.51
N TYR C 211 -31.89 17.67 75.50
CA TYR C 211 -33.31 17.78 75.22
C TYR C 211 -33.67 17.52 73.77
N GLU C 212 -32.69 17.49 72.85
CA GLU C 212 -33.02 17.40 71.44
C GLU C 212 -33.51 16.01 71.04
N THR C 213 -33.15 14.99 71.81
CA THR C 213 -33.63 13.64 71.57
C THR C 213 -34.37 13.03 72.76
N THR C 214 -34.11 13.49 73.98
CA THR C 214 -34.83 13.04 75.18
C THR C 214 -35.35 14.29 75.89
N PRO C 215 -36.45 14.86 75.41
CA PRO C 215 -36.90 16.15 75.95
C PRO C 215 -37.37 16.11 77.40
N ASN C 216 -37.67 14.94 77.97
CA ASN C 216 -38.23 14.88 79.31
C ASN C 216 -37.27 14.33 80.35
N VAL C 217 -36.00 14.12 79.98
CA VAL C 217 -35.03 13.65 80.95
C VAL C 217 -34.76 14.75 81.97
N LYS C 218 -34.62 14.37 83.23
CA LYS C 218 -34.27 15.31 84.28
C LYS C 218 -32.77 15.21 84.53
N ILE C 219 -32.06 16.31 84.33
CA ILE C 219 -30.62 16.38 84.57
C ILE C 219 -30.39 17.44 85.63
N PRO C 220 -29.26 17.35 86.38
CA PRO C 220 -29.04 18.31 87.48
C PRO C 220 -28.92 19.75 86.99
N ASP C 221 -28.78 20.68 87.93
CA ASP C 221 -28.68 22.09 87.60
C ASP C 221 -27.22 22.40 87.30
N PHE C 222 -26.91 22.67 86.03
CA PHE C 222 -25.55 23.03 85.66
C PHE C 222 -25.37 24.51 85.97
N ALA C 223 -24.99 24.78 87.23
CA ALA C 223 -24.77 26.12 87.75
C ALA C 223 -23.39 26.69 87.43
N VAL C 224 -22.54 25.95 86.73
CA VAL C 224 -21.21 26.40 86.33
C VAL C 224 -21.08 26.17 84.82
N SER C 225 -20.08 26.81 84.22
CA SER C 225 -19.81 26.68 82.80
C SER C 225 -18.64 25.74 82.57
N PHE C 226 -18.84 24.77 81.69
CA PHE C 226 -17.78 23.84 81.28
C PHE C 226 -17.23 24.15 79.90
N ARG C 227 -17.59 25.31 79.33
CA ARG C 227 -17.34 25.55 77.91
C ARG C 227 -15.87 25.80 77.61
N GLU C 228 -15.13 26.43 78.52
CA GLU C 228 -13.70 26.56 78.30
C GLU C 228 -12.99 25.22 78.52
N ASP C 229 -13.51 24.37 79.40
CA ASP C 229 -12.96 23.03 79.54
C ASP C 229 -13.13 22.23 78.26
N ALA C 230 -14.26 22.42 77.55
CA ALA C 230 -14.44 21.76 76.26
C ALA C 230 -13.33 22.16 75.30
N SER C 231 -13.01 23.46 75.24
CA SER C 231 -11.90 23.93 74.44
C SER C 231 -10.60 23.26 74.85
N LYS C 232 -10.37 23.15 76.16
CA LYS C 232 -9.09 22.64 76.63
C LYS C 232 -8.90 21.19 76.24
N HIS C 233 -9.96 20.38 76.31
CA HIS C 233 -9.86 18.98 75.90
C HIS C 233 -9.37 18.88 74.48
N VAL C 234 -9.91 19.71 73.59
CA VAL C 234 -9.50 19.69 72.19
C VAL C 234 -8.11 20.29 72.03
N GLU C 235 -7.83 21.38 72.76
CA GLU C 235 -6.58 22.08 72.59
C GLU C 235 -5.40 21.25 73.09
N LEU C 236 -5.54 20.67 74.29
CA LEU C 236 -4.48 19.82 74.81
C LEU C 236 -4.30 18.58 73.95
N ALA C 237 -5.40 18.00 73.47
CA ALA C 237 -5.29 16.88 72.54
C ALA C 237 -4.46 17.25 71.32
N LYS C 238 -4.73 18.42 70.75
CA LYS C 238 -3.97 18.90 69.60
C LYS C 238 -2.48 19.00 69.91
N GLU C 239 -2.13 19.51 71.08
CA GLU C 239 -0.71 19.67 71.41
C GLU C 239 -0.04 18.32 71.59
N LYS C 240 -0.71 17.41 72.31
CA LYS C 240 -0.16 16.08 72.54
C LYS C 240 0.03 15.32 71.23
N TYR C 241 -0.93 15.46 70.31
CA TYR C 241 -0.82 14.78 69.02
C TYR C 241 0.40 15.25 68.24
N PHE C 242 0.63 16.56 68.19
CA PHE C 242 1.79 17.09 67.49
C PHE C 242 3.09 16.57 68.09
N GLU C 243 3.18 16.53 69.42
CA GLU C 243 4.37 16.01 70.09
C GLU C 243 4.65 14.57 69.67
N ILE C 244 3.60 13.74 69.61
CA ILE C 244 3.80 12.34 69.27
C ILE C 244 4.05 12.17 67.77
N PHE C 245 3.37 12.96 66.93
CA PHE C 245 3.28 12.63 65.51
C PHE C 245 3.81 13.70 64.54
N GLY C 246 3.96 14.94 64.96
CA GLY C 246 4.57 15.91 64.07
C GLY C 246 3.66 16.57 63.07
N GLU C 247 2.36 16.61 63.34
CA GLU C 247 1.45 17.51 62.65
C GLU C 247 0.35 17.89 63.63
N HIS C 248 -0.29 18.99 63.36
CA HIS C 248 -1.51 19.24 64.11
C HIS C 248 -2.62 18.38 63.52
N PRO C 249 -3.34 17.61 64.33
CA PRO C 249 -4.32 16.66 63.78
C PRO C 249 -5.47 17.40 63.11
N VAL C 250 -5.80 16.99 61.89
CA VAL C 250 -6.89 17.59 61.16
C VAL C 250 -8.16 16.74 61.18
N TYR C 251 -8.10 15.53 61.73
CA TYR C 251 -9.27 14.72 61.96
C TYR C 251 -9.30 14.25 63.41
N MET C 252 -10.49 14.06 63.94
CA MET C 252 -10.68 13.66 65.33
C MET C 252 -11.87 12.73 65.41
N TRP C 253 -11.79 11.80 66.37
CA TRP C 253 -12.94 10.97 66.68
C TRP C 253 -13.66 11.57 67.86
N PRO C 254 -14.89 12.06 67.71
CA PRO C 254 -15.63 12.58 68.86
C PRO C 254 -16.02 11.45 69.80
N PRO C 255 -15.67 11.56 71.08
CA PRO C 255 -15.96 10.47 72.02
C PRO C 255 -17.42 10.08 71.97
N GLU C 256 -17.70 8.83 71.92
CA GLU C 256 -19.07 8.36 71.85
C GLU C 256 -19.75 8.81 70.55
N ALA C 257 -18.96 9.04 69.51
CA ALA C 257 -19.51 9.61 68.27
C ALA C 257 -20.39 10.81 68.55
N SER C 258 -20.18 11.46 69.70
N SER C 258 -20.16 11.47 69.70
CA SER C 258 -21.10 12.49 70.17
CA SER C 258 -21.08 12.50 70.16
C SER C 258 -20.84 13.80 69.47
C SER C 258 -20.83 13.81 69.44
N VAL C 259 -21.89 14.35 68.86
CA VAL C 259 -21.81 15.62 68.15
C VAL C 259 -23.01 16.46 68.53
N SER C 260 -22.89 17.75 68.34
CA SER C 260 -24.00 18.69 68.34
C SER C 260 -23.60 19.82 67.42
N ASN C 261 -24.52 20.76 67.18
CA ASN C 261 -24.19 21.91 66.36
C ASN C 261 -23.06 22.72 66.99
N GLU C 262 -23.12 22.92 68.31
CA GLU C 262 -22.07 23.67 68.97
C GLU C 262 -20.76 22.90 69.00
N ALA C 263 -20.84 21.59 69.22
CA ALA C 263 -19.63 20.77 69.21
C ALA C 263 -18.96 20.80 67.83
N LEU C 264 -19.75 20.71 66.77
CA LEU C 264 -19.17 20.80 65.43
C LEU C 264 -18.50 22.14 65.20
N GLU C 265 -19.14 23.23 65.65
CA GLU C 265 -18.51 24.55 65.54
C GLU C 265 -17.18 24.57 66.27
N LEU C 266 -17.13 23.95 67.45
CA LEU C 266 -15.90 23.97 68.24
C LEU C 266 -14.77 23.25 67.52
N TYR C 267 -15.02 22.02 67.07
CA TYR C 267 -14.03 21.26 66.31
C TYR C 267 -13.52 22.06 65.12
N TYR C 268 -14.44 22.67 64.35
CA TYR C 268 -14.05 23.53 63.24
C TYR C 268 -13.13 24.65 63.71
N GLU C 269 -13.52 25.36 64.77
CA GLU C 269 -12.71 26.49 65.18
C GLU C 269 -11.32 26.06 65.61
N LYS C 270 -11.18 24.83 66.12
CA LYS C 270 -9.88 24.34 66.54
C LYS C 270 -9.12 23.64 65.43
N GLY C 271 -9.56 23.81 64.19
CA GLY C 271 -8.82 23.34 63.04
C GLY C 271 -9.11 21.92 62.60
N ILE C 272 -10.14 21.28 63.13
CA ILE C 272 -10.44 19.91 62.74
C ILE C 272 -11.26 19.94 61.46
N ASN C 273 -10.74 19.30 60.40
CA ASN C 273 -11.39 19.39 59.09
C ASN C 273 -12.34 18.24 58.81
N MET C 274 -12.18 17.12 59.51
CA MET C 274 -13.02 15.96 59.24
C MET C 274 -13.18 15.19 60.53
N LEU C 275 -14.40 14.73 60.78
CA LEU C 275 -14.67 13.75 61.82
C LEU C 275 -15.78 12.83 61.34
N ALA C 276 -16.05 11.81 62.15
CA ALA C 276 -17.13 10.88 61.89
C ALA C 276 -18.03 10.79 63.12
N THR C 277 -19.26 10.36 62.88
CA THR C 277 -20.20 10.08 63.95
C THR C 277 -21.10 8.93 63.50
N ASP C 278 -22.27 8.81 64.11
CA ASP C 278 -23.06 7.60 64.00
C ASP C 278 -24.21 7.76 63.03
N GLU C 279 -24.58 6.64 62.39
CA GLU C 279 -25.74 6.62 61.49
C GLU C 279 -27.03 7.03 62.19
N VAL C 280 -27.20 6.69 63.47
CA VAL C 280 -28.42 7.06 64.17
C VAL C 280 -28.55 8.58 64.27
N ILE C 281 -27.44 9.27 64.49
CA ILE C 281 -27.45 10.72 64.48
C ILE C 281 -27.82 11.23 63.08
N LEU C 282 -27.30 10.56 62.05
CA LEU C 282 -27.68 10.93 60.68
C LEU C 282 -29.17 10.77 60.46
N LYS C 283 -29.72 9.63 60.88
CA LYS C 283 -31.15 9.38 60.68
C LYS C 283 -32.03 10.35 61.48
N ASN C 284 -31.53 10.86 62.60
CA ASN C 284 -32.27 11.84 63.40
C ASN C 284 -32.19 13.24 62.83
N SER C 285 -31.17 13.54 62.05
CA SER C 285 -30.87 14.89 61.61
C SER C 285 -31.31 15.18 60.18
N VAL C 286 -31.32 14.18 59.31
CA VAL C 286 -31.64 14.37 57.89
C VAL C 286 -32.67 13.34 57.44
N GLU C 287 -33.37 13.73 56.39
CA GLU C 287 -34.37 12.86 55.84
C GLU C 287 -33.81 11.94 54.82
N ARG C 288 -33.03 12.46 53.90
CA ARG C 288 -32.37 11.64 52.84
C ARG C 288 -31.16 10.94 53.40
N ALA C 289 -31.33 10.12 54.37
CA ALA C 289 -30.18 9.61 55.10
C ALA C 289 -29.30 8.55 54.56
N SER C 290 -28.41 8.90 53.73
CA SER C 290 -27.49 7.94 53.15
C SER C 290 -26.12 8.06 53.80
N PRO C 291 -25.65 7.02 54.50
CA PRO C 291 -24.33 7.08 55.15
C PRO C 291 -23.15 6.91 54.21
N TYR C 292 -23.35 6.91 52.90
CA TYR C 292 -22.24 6.65 51.98
C TYR C 292 -21.71 7.90 51.33
N LEU C 293 -22.18 9.07 51.75
CA LEU C 293 -21.77 10.36 51.22
C LEU C 293 -20.78 11.03 52.16
N ARG C 294 -19.93 11.90 51.61
CA ARG C 294 -19.18 12.84 52.42
C ARG C 294 -20.06 14.07 52.67
N TYR C 295 -20.36 14.34 53.93
CA TYR C 295 -21.20 15.46 54.27
C TYR C 295 -20.35 16.64 54.67
N TYR C 296 -20.85 17.84 54.35
CA TYR C 296 -20.21 19.08 54.74
C TYR C 296 -21.16 19.78 55.71
N PHE C 297 -20.75 19.86 56.97
CA PHE C 297 -21.59 20.54 57.95
C PHE C 297 -21.39 22.04 57.80
N ARG C 298 -22.42 22.72 57.29
CA ARG C 298 -22.41 24.18 57.08
C ARG C 298 -21.21 24.60 56.23
N GLU C 299 -20.81 23.72 55.31
CA GLU C 299 -19.65 23.93 54.43
C GLU C 299 -18.39 24.27 55.21
N LEU C 300 -18.33 23.89 56.48
CA LEU C 300 -17.24 24.24 57.38
C LEU C 300 -16.43 23.05 57.87
N ILE C 301 -17.03 21.88 58.05
CA ILE C 301 -16.31 20.68 58.49
C ILE C 301 -16.86 19.46 57.78
N SER C 302 -15.98 18.59 57.33
CA SER C 302 -16.42 17.35 56.68
C SER C 302 -16.85 16.36 57.74
N VAL C 303 -17.93 15.63 57.45
CA VAL C 303 -18.52 14.70 58.40
C VAL C 303 -18.88 13.43 57.64
N PHE C 304 -18.37 12.30 58.12
CA PHE C 304 -18.81 11.00 57.65
C PHE C 304 -19.64 10.35 58.74
N PHE C 305 -20.61 9.55 58.32
CA PHE C 305 -21.45 8.80 59.24
C PHE C 305 -21.15 7.33 59.02
N ARG C 306 -20.72 6.66 60.09
CA ARG C 306 -20.33 5.27 60.00
C ARG C 306 -21.51 4.39 59.64
N ASP C 307 -21.20 3.23 59.05
CA ASP C 307 -22.18 2.18 58.82
C ASP C 307 -22.36 1.42 60.13
N LYS C 308 -23.45 1.72 60.82
CA LYS C 308 -23.69 1.12 62.13
C LYS C 308 -23.83 -0.39 62.03
N THR C 309 -24.46 -0.88 60.97
CA THR C 309 -24.68 -2.32 60.88
C THR C 309 -23.36 -3.06 60.69
N LEU C 310 -22.50 -2.58 59.79
CA LEU C 310 -21.22 -3.25 59.58
C LEU C 310 -20.32 -3.13 60.80
N SER C 311 -20.38 -1.98 61.47
CA SER C 311 -19.56 -1.79 62.65
C SER C 311 -20.01 -2.69 63.79
N ASP C 312 -21.32 -2.78 64.03
CA ASP C 312 -21.85 -3.61 65.10
C ASP C 312 -21.61 -5.09 64.83
N LEU C 313 -21.70 -5.50 63.56
CA LEU C 313 -21.42 -6.90 63.21
C LEU C 313 -20.04 -7.30 63.69
N ILE C 314 -19.02 -6.49 63.38
CA ILE C 314 -17.68 -6.80 63.85
C ILE C 314 -17.64 -6.73 65.37
N GLY C 315 -18.27 -5.70 65.95
CA GLY C 315 -18.15 -5.49 67.38
C GLY C 315 -19.00 -6.40 68.24
N PHE C 316 -20.17 -6.84 67.74
CA PHE C 316 -21.15 -7.52 68.57
C PHE C 316 -21.42 -8.96 68.18
N SER C 317 -21.28 -9.33 66.91
CA SER C 317 -21.85 -10.59 66.47
C SER C 317 -20.87 -11.61 65.90
N TYR C 318 -19.91 -11.16 65.10
CA TYR C 318 -19.05 -12.09 64.37
C TYR C 318 -18.22 -12.98 65.29
N HIS C 319 -18.03 -12.59 66.55
CA HIS C 319 -17.30 -13.43 67.49
C HIS C 319 -17.89 -14.84 67.56
N ALA C 320 -19.20 -14.98 67.36
CA ALA C 320 -19.86 -16.26 67.48
C ALA C 320 -19.89 -17.03 66.17
N TRP C 321 -19.37 -16.44 65.09
CA TRP C 321 -19.40 -17.03 63.76
C TRP C 321 -18.08 -17.71 63.44
N ASN C 322 -18.17 -18.72 62.60
CA ASN C 322 -16.98 -19.17 61.88
C ASN C 322 -16.39 -17.99 61.11
N ALA C 323 -15.05 -17.95 61.03
CA ALA C 323 -14.40 -16.79 60.42
C ALA C 323 -14.71 -16.68 58.93
N GLU C 324 -14.70 -17.79 58.20
CA GLU C 324 -14.97 -17.71 56.77
C GLU C 324 -16.42 -17.30 56.50
N ASP C 325 -17.36 -17.79 57.32
CA ASP C 325 -18.74 -17.34 57.19
C ASP C 325 -18.87 -15.85 57.50
N ALA C 326 -18.20 -15.37 58.55
CA ALA C 326 -18.25 -13.97 58.90
C ALA C 326 -17.74 -13.08 57.77
N VAL C 327 -16.60 -13.45 57.17
CA VAL C 327 -16.02 -12.59 56.14
C VAL C 327 -16.86 -12.63 54.87
N ARG C 328 -17.43 -13.81 54.54
CA ARG C 328 -18.33 -13.87 53.39
C ARG C 328 -19.53 -12.98 53.59
N ASP C 329 -20.09 -12.96 54.81
CA ASP C 329 -21.24 -12.11 55.10
C ASP C 329 -20.88 -10.64 54.98
N PHE C 330 -19.67 -10.28 55.43
CA PHE C 330 -19.25 -8.89 55.41
C PHE C 330 -18.99 -8.42 53.98
N ILE C 331 -18.22 -9.18 53.21
CA ILE C 331 -17.99 -8.87 51.81
C ILE C 331 -19.29 -8.88 51.03
N GLY C 332 -20.23 -9.76 51.40
CA GLY C 332 -21.51 -9.80 50.72
C GLY C 332 -22.33 -8.55 50.94
N ARG C 333 -22.24 -7.95 52.13
CA ARG C 333 -22.93 -6.68 52.38
C ARG C 333 -22.27 -5.53 51.63
N LEU C 334 -20.94 -5.53 51.56
CA LEU C 334 -20.25 -4.53 50.75
C LEU C 334 -20.59 -4.69 49.28
N LYS C 335 -20.71 -5.93 48.81
CA LYS C 335 -21.20 -6.18 47.44
C LYS C 335 -22.55 -5.52 47.22
N LYS C 336 -23.48 -5.73 48.16
CA LYS C 336 -24.83 -5.19 48.03
C LYS C 336 -24.82 -3.66 48.08
N ILE C 337 -23.93 -3.08 48.88
CA ILE C 337 -23.80 -1.62 48.89
C ILE C 337 -23.24 -1.13 47.56
N HIS C 338 -22.20 -1.80 47.06
CA HIS C 338 -21.57 -1.40 45.80
C HIS C 338 -22.54 -1.52 44.64
N GLU C 339 -23.48 -2.45 44.73
CA GLU C 339 -24.48 -2.67 43.69
C GLU C 339 -25.72 -1.80 43.88
N SER C 340 -25.84 -1.07 44.99
CA SER C 340 -27.08 -0.36 45.28
C SER C 340 -27.09 1.09 44.82
N VAL C 341 -25.93 1.66 44.48
CA VAL C 341 -25.83 3.05 44.05
C VAL C 341 -25.00 3.08 42.78
N ASP C 342 -25.14 4.18 42.02
CA ASP C 342 -24.37 4.35 40.79
C ASP C 342 -23.11 5.16 40.99
N PHE C 343 -22.97 5.86 42.12
CA PHE C 343 -21.74 6.56 42.45
C PHE C 343 -20.85 5.65 43.30
N GLN C 344 -19.71 6.18 43.73
CA GLN C 344 -18.74 5.40 44.50
C GLN C 344 -18.96 5.64 46.00
N PRO C 345 -19.56 4.69 46.72
CA PRO C 345 -19.86 4.93 48.14
C PRO C 345 -18.63 4.91 49.02
N VAL C 346 -18.72 5.66 50.12
CA VAL C 346 -17.72 5.65 51.16
C VAL C 346 -18.33 4.99 52.40
N VAL C 347 -17.72 3.88 52.83
CA VAL C 347 -18.24 3.01 53.87
C VAL C 347 -17.32 3.14 55.07
N PHE C 348 -17.77 3.87 56.09
CA PHE C 348 -17.00 4.04 57.31
C PHE C 348 -17.39 2.93 58.28
N VAL C 349 -16.41 2.12 58.68
CA VAL C 349 -16.59 1.12 59.71
C VAL C 349 -15.77 1.58 60.92
N VAL C 350 -16.48 1.95 61.99
CA VAL C 350 -15.88 2.62 63.14
C VAL C 350 -16.34 1.94 64.42
N LEU C 351 -15.39 1.50 65.23
CA LEU C 351 -15.70 0.85 66.51
C LEU C 351 -14.41 0.79 67.31
N ASN C 352 -14.51 0.44 68.57
CA ASN C 352 -13.37 0.25 69.40
C ASN C 352 -12.52 -0.86 68.80
N GLY C 353 -11.24 -0.63 68.83
CA GLY C 353 -10.38 -1.64 68.22
C GLY C 353 -9.73 -2.63 69.15
N GLU C 354 -10.15 -2.70 70.42
CA GLU C 354 -9.45 -3.52 71.39
C GLU C 354 -10.38 -4.35 72.29
N ASN C 355 -11.70 -4.16 72.24
CA ASN C 355 -12.60 -4.78 73.21
C ASN C 355 -13.29 -6.05 72.70
N CYS C 356 -13.47 -6.21 71.40
CA CYS C 356 -14.30 -7.30 70.91
C CYS C 356 -13.50 -8.57 70.70
N TRP C 357 -12.20 -8.47 70.52
CA TRP C 357 -11.43 -9.62 70.05
C TRP C 357 -11.34 -10.72 71.09
N GLU C 358 -11.35 -10.36 72.38
CA GLU C 358 -11.24 -11.37 73.44
C GLU C 358 -12.40 -12.35 73.42
N TYR C 359 -13.49 -12.03 72.72
CA TYR C 359 -14.61 -12.95 72.58
C TYR C 359 -14.55 -13.77 71.30
N TYR C 360 -13.67 -13.43 70.37
CA TYR C 360 -13.46 -14.25 69.19
C TYR C 360 -12.55 -15.43 69.48
N GLU C 361 -12.73 -16.49 68.70
CA GLU C 361 -11.80 -17.60 68.66
C GLU C 361 -10.39 -17.10 68.34
N GLU C 362 -9.42 -17.48 69.16
CA GLU C 362 -8.01 -17.15 68.95
C GLU C 362 -7.79 -15.64 68.84
N ASN C 363 -8.51 -14.89 69.66
CA ASN C 363 -8.28 -13.45 69.79
C ASN C 363 -8.52 -12.73 68.46
N GLY C 364 -9.45 -13.23 67.65
CA GLY C 364 -9.82 -12.53 66.42
C GLY C 364 -8.82 -12.66 65.30
N ILE C 365 -7.76 -13.41 65.50
CA ILE C 365 -6.69 -13.46 64.50
C ILE C 365 -7.19 -14.17 63.24
N PRO C 366 -7.88 -15.31 63.34
CA PRO C 366 -8.44 -15.89 62.10
C PRO C 366 -9.39 -14.94 61.38
N PHE C 367 -10.29 -14.30 62.11
CA PHE C 367 -11.24 -13.40 61.46
C PHE C 367 -10.53 -12.25 60.76
N LEU C 368 -9.59 -11.60 61.45
CA LEU C 368 -8.96 -10.42 60.87
C LEU C 368 -8.01 -10.78 59.73
N GLU C 369 -7.29 -11.89 59.87
CA GLU C 369 -6.37 -12.28 58.81
C GLU C 369 -7.14 -12.69 57.56
N LYS C 370 -8.25 -13.41 57.74
CA LYS C 370 -9.11 -13.73 56.60
C LYS C 370 -9.71 -12.47 56.00
N LEU C 371 -10.23 -11.58 56.85
CA LEU C 371 -10.87 -10.35 56.38
C LEU C 371 -9.91 -9.50 55.56
N TYR C 372 -8.74 -9.19 56.13
CA TYR C 372 -7.79 -8.31 55.46
C TYR C 372 -7.29 -8.91 54.16
N SER C 373 -7.02 -10.23 54.15
CA SER C 373 -6.56 -10.88 52.94
C SER C 373 -7.63 -10.89 51.86
N THR C 374 -8.87 -11.21 52.24
CA THR C 374 -9.97 -11.19 51.26
C THR C 374 -10.19 -9.79 50.71
N LEU C 375 -10.14 -8.78 51.57
CA LEU C 375 -10.27 -7.40 51.09
C LEU C 375 -9.13 -7.05 50.15
N GLU C 376 -7.92 -7.55 50.44
CA GLU C 376 -6.77 -7.25 49.60
C GLU C 376 -6.97 -7.72 48.17
N LYS C 377 -7.79 -8.76 47.98
CA LYS C 377 -7.96 -9.38 46.68
C LYS C 377 -9.27 -9.01 46.00
N GLU C 378 -9.95 -7.97 46.47
CA GLU C 378 -11.18 -7.50 45.83
C GLU C 378 -10.84 -6.22 45.10
N GLU C 379 -10.75 -6.29 43.76
CA GLU C 379 -10.31 -5.12 42.99
C GLU C 379 -11.32 -3.98 43.07
N TRP C 380 -12.59 -4.27 43.36
CA TRP C 380 -13.63 -3.25 43.39
C TRP C 380 -13.73 -2.54 44.72
N ILE C 381 -12.93 -2.95 45.71
CA ILE C 381 -12.86 -2.29 47.01
C ILE C 381 -11.50 -1.61 47.13
N GLU C 382 -11.53 -0.33 47.48
CA GLU C 382 -10.33 0.43 47.78
C GLU C 382 -10.41 0.90 49.23
N THR C 383 -9.55 0.35 50.09
CA THR C 383 -9.48 0.86 51.45
C THR C 383 -8.71 2.18 51.42
N LEU C 384 -9.17 3.12 52.22
CA LEU C 384 -8.62 4.47 52.24
C LEU C 384 -8.08 4.79 53.62
N THR C 385 -7.05 5.63 53.66
CA THR C 385 -6.75 6.35 54.89
C THR C 385 -7.81 7.43 55.12
N LEU C 386 -7.81 7.98 56.35
CA LEU C 386 -8.67 9.12 56.64
C LEU C 386 -8.36 10.30 55.74
N GLU C 387 -7.08 10.55 55.48
CA GLU C 387 -6.67 11.65 54.62
C GLU C 387 -7.18 11.46 53.21
N GLU C 388 -7.11 10.22 52.70
CA GLU C 388 -7.64 9.93 51.37
C GLU C 388 -9.16 10.07 51.34
N ALA C 389 -9.84 9.62 52.41
CA ALA C 389 -11.29 9.77 52.46
C ALA C 389 -11.69 11.23 52.52
N MET C 390 -10.90 12.07 53.20
CA MET C 390 -11.24 13.48 53.27
C MET C 390 -11.10 14.16 51.92
N ARG C 391 -10.10 13.73 51.20
CA ARG C 391 -9.78 14.44 49.97
C ARG C 391 -10.23 13.85 48.66
N LYS C 392 -10.83 12.71 48.68
CA LYS C 392 -11.16 12.05 47.46
C LYS C 392 -12.25 12.80 46.74
N GLU C 393 -12.10 12.99 45.44
CA GLU C 393 -13.07 13.77 44.65
C GLU C 393 -14.20 13.05 44.03
N ASP C 394 -13.93 11.86 43.58
CA ASP C 394 -14.90 11.08 42.94
C ASP C 394 -15.86 10.39 43.88
N VAL C 395 -16.45 11.15 44.76
CA VAL C 395 -17.39 10.66 45.74
C VAL C 395 -18.54 11.57 45.77
N LYS C 396 -19.64 11.15 46.28
CA LYS C 396 -20.80 11.99 46.39
C LYS C 396 -20.75 12.87 47.62
N THR C 397 -21.49 13.95 47.61
CA THR C 397 -21.31 15.03 48.57
C THR C 397 -22.67 15.63 48.92
N GLU C 398 -22.81 16.09 50.16
CA GLU C 398 -24.04 16.75 50.59
C GLU C 398 -23.73 17.76 51.69
N VAL C 399 -24.44 18.88 51.68
CA VAL C 399 -24.30 19.88 52.73
C VAL C 399 -25.41 19.65 53.75
N ILE C 400 -25.06 19.66 55.03
CA ILE C 400 -26.00 19.50 56.12
C ILE C 400 -25.93 20.75 57.00
N GLU C 401 -27.09 21.23 57.44
CA GLU C 401 -27.13 22.50 58.18
C GLU C 401 -27.25 22.33 59.69
N SER C 402 -27.83 21.22 60.15
CA SER C 402 -28.10 21.04 61.57
C SER C 402 -28.04 19.55 61.90
N VAL C 403 -27.52 19.22 63.09
CA VAL C 403 -27.64 17.87 63.61
C VAL C 403 -28.42 17.92 64.91
N LYS C 404 -29.00 16.78 65.28
CA LYS C 404 -29.62 16.61 66.57
C LYS C 404 -28.62 15.93 67.50
N ALA C 405 -28.32 16.58 68.63
CA ALA C 405 -27.24 16.11 69.50
C ALA C 405 -27.51 14.70 70.01
N GLY C 406 -26.45 13.91 70.11
CA GLY C 406 -26.57 12.55 70.60
C GLY C 406 -25.23 11.85 70.64
N THR C 407 -25.31 10.53 70.79
CA THR C 407 -24.15 9.66 70.81
C THR C 407 -24.48 8.44 69.97
N TRP C 408 -23.49 7.57 69.77
CA TRP C 408 -23.75 6.32 69.07
C TRP C 408 -24.46 5.31 69.94
N PHE C 409 -24.89 5.71 71.14
CA PHE C 409 -25.76 4.89 71.97
C PHE C 409 -27.18 5.46 71.83
N ASP C 410 -27.98 4.83 70.98
CA ASP C 410 -29.39 5.15 70.77
C ASP C 410 -29.61 6.59 70.30
N GLY C 411 -28.55 7.29 69.90
CA GLY C 411 -28.69 8.67 69.49
C GLY C 411 -28.96 9.67 70.60
N ASN C 412 -28.70 9.31 71.86
CA ASN C 412 -28.96 10.21 72.98
C ASN C 412 -27.86 10.03 74.04
N PHE C 413 -28.03 10.71 75.18
CA PHE C 413 -27.03 10.79 76.23
C PHE C 413 -27.45 10.06 77.49
N LEU C 414 -28.44 9.17 77.40
CA LEU C 414 -29.03 8.60 78.61
C LEU C 414 -28.08 7.65 79.34
N LYS C 415 -27.07 7.11 78.65
CA LYS C 415 -26.13 6.26 79.36
C LYS C 415 -25.09 7.05 80.16
N TRP C 416 -25.15 8.38 80.16
CA TRP C 416 -24.22 9.18 80.96
C TRP C 416 -24.91 10.23 81.82
N ILE C 417 -26.21 10.42 81.67
CA ILE C 417 -26.92 11.47 82.39
C ILE C 417 -28.41 11.14 82.35
N GLY C 418 -29.13 11.49 83.41
CA GLY C 418 -30.57 11.38 83.41
C GLY C 418 -31.18 10.43 84.41
N ASN C 419 -30.40 9.63 85.13
CA ASN C 419 -30.95 8.87 86.24
C ASN C 419 -30.29 9.34 87.52
N LYS C 420 -30.86 8.91 88.65
CA LYS C 420 -30.44 9.43 89.96
C LYS C 420 -28.93 9.38 90.13
N GLU C 421 -28.33 8.22 89.84
CA GLU C 421 -26.95 7.96 90.21
C GLU C 421 -25.96 8.63 89.27
N LYS C 422 -26.22 8.58 87.95
CA LYS C 422 -25.37 9.31 87.01
C LYS C 422 -25.53 10.82 87.17
N ASN C 423 -26.73 11.30 87.50
CA ASN C 423 -26.91 12.71 87.81
C ASN C 423 -26.06 13.13 89.00
N GLU C 424 -25.88 12.24 89.98
CA GLU C 424 -25.09 12.60 91.16
C GLU C 424 -23.63 12.84 90.80
N TYR C 425 -23.10 12.10 89.83
CA TYR C 425 -21.74 12.36 89.39
C TYR C 425 -21.63 13.74 88.77
N TRP C 426 -22.60 14.11 87.94
CA TRP C 426 -22.61 15.44 87.36
C TRP C 426 -22.70 16.50 88.45
N LYS C 427 -23.58 16.31 89.43
CA LYS C 427 -23.68 17.27 90.53
C LYS C 427 -22.37 17.33 91.31
N ILE C 428 -21.78 16.17 91.64
CA ILE C 428 -20.45 16.15 92.24
C ILE C 428 -19.47 16.93 91.38
N LEU C 429 -19.54 16.72 90.06
CA LEU C 429 -18.60 17.38 89.17
C LEU C 429 -18.88 18.87 89.08
N ILE C 430 -20.16 19.26 89.08
CA ILE C 430 -20.54 20.67 89.00
C ILE C 430 -20.07 21.43 90.24
N GLU C 431 -20.25 20.85 91.42
CA GLU C 431 -19.78 21.52 92.63
C GLU C 431 -18.26 21.59 92.65
N ALA C 432 -17.59 20.54 92.18
CA ALA C 432 -16.13 20.53 92.17
C ALA C 432 -15.56 21.54 91.18
N LYS C 433 -16.24 21.76 90.06
CA LYS C 433 -15.80 22.76 89.09
C LYS C 433 -15.77 24.17 89.67
N LYS C 434 -16.72 24.47 90.57
CA LYS C 434 -16.71 25.77 91.23
C LYS C 434 -15.38 26.03 91.92
N LYS C 435 -14.86 25.02 92.62
CA LYS C 435 -13.66 25.17 93.44
C LYS C 435 -12.47 24.43 92.85
N ALA C 436 -12.42 24.29 91.53
CA ALA C 436 -11.34 23.55 90.89
C ALA C 436 -10.17 24.48 90.60
N LYS C 437 -8.95 23.94 90.75
CA LYS C 437 -7.72 24.73 90.61
C LYS C 437 -6.69 24.14 89.67
N ASN C 438 -6.87 22.94 89.14
CA ASN C 438 -5.87 22.32 88.29
C ASN C 438 -6.58 21.48 87.25
N ASP C 439 -5.80 20.83 86.39
CA ASP C 439 -6.35 20.16 85.23
C ASP C 439 -6.92 18.79 85.54
N TYR C 440 -6.93 18.37 86.82
CA TYR C 440 -7.55 17.10 87.14
C TYR C 440 -9.07 17.16 87.03
N ILE C 441 -9.63 18.37 86.99
CA ILE C 441 -11.06 18.52 86.74
C ILE C 441 -11.40 18.02 85.33
N LEU C 442 -10.45 18.14 84.39
CA LEU C 442 -10.65 17.58 83.04
C LEU C 442 -10.64 16.07 83.06
N VAL C 443 -9.82 15.45 83.93
CA VAL C 443 -9.81 13.99 84.01
C VAL C 443 -11.17 13.48 84.48
N ALA C 444 -11.79 14.18 85.43
CA ALA C 444 -13.09 13.80 85.97
C ALA C 444 -14.23 14.05 84.98
N GLU C 445 -13.98 14.76 83.90
CA GLU C 445 -15.00 14.97 82.87
C GLU C 445 -15.00 13.87 81.81
N GLY C 446 -14.08 12.90 81.90
CA GLY C 446 -14.10 11.79 80.98
C GLY C 446 -15.40 11.01 81.09
N SER C 447 -15.90 10.58 79.92
CA SER C 447 -17.21 9.94 79.87
C SER C 447 -17.25 8.62 80.64
N ASP C 448 -16.10 7.93 80.73
CA ASP C 448 -16.07 6.58 81.31
C ASP C 448 -16.66 6.55 82.71
N TRP C 449 -16.34 7.56 83.55
CA TRP C 449 -16.83 7.55 84.92
C TRP C 449 -18.35 7.49 84.96
N PHE C 450 -19.00 8.23 84.06
CA PHE C 450 -20.46 8.29 84.01
C PHE C 450 -21.04 7.02 83.42
N TRP C 451 -20.42 6.34 82.48
CA TRP C 451 -20.91 5.11 81.93
C TRP C 451 -21.15 4.02 82.97
N TRP C 452 -20.19 3.84 83.81
CA TRP C 452 -20.26 2.86 84.83
C TRP C 452 -21.03 3.22 86.04
N GLN C 453 -21.28 4.50 86.27
CA GLN C 453 -22.10 4.92 87.39
C GLN C 453 -23.45 4.40 87.29
N GLY C 454 -23.87 3.93 88.41
CA GLY C 454 -25.22 3.55 88.52
C GLY C 454 -25.66 2.38 87.83
N GLU C 455 -24.80 1.39 87.76
CA GLU C 455 -25.28 0.18 87.18
C GLU C 455 -25.09 -0.74 88.26
N GLU C 456 -24.00 -0.60 89.01
CA GLU C 456 -23.86 -1.39 90.21
C GLU C 456 -23.75 -2.92 90.04
N LYS C 457 -24.15 -3.40 88.92
CA LYS C 457 -24.22 -4.84 88.75
C LYS C 457 -22.92 -5.68 88.39
N ALA C 458 -21.72 -5.46 89.01
CA ALA C 458 -20.44 -6.13 88.53
C ALA C 458 -19.10 -5.87 89.17
N PRO C 459 -18.19 -6.79 88.98
CA PRO C 459 -16.90 -6.66 89.61
C PRO C 459 -15.95 -5.50 89.26
N PHE C 460 -15.28 -4.93 90.25
CA PHE C 460 -14.30 -3.85 90.08
C PHE C 460 -14.88 -2.52 89.61
N VAL C 461 -16.21 -2.35 89.58
CA VAL C 461 -16.73 -1.03 89.22
C VAL C 461 -16.44 -0.02 90.32
N GLU C 462 -16.35 -0.46 91.57
CA GLU C 462 -16.02 0.46 92.66
C GLU C 462 -14.69 1.16 92.42
N VAL C 463 -13.78 0.52 91.67
CA VAL C 463 -12.52 1.16 91.34
C VAL C 463 -12.75 2.40 90.48
N PHE C 464 -13.69 2.31 89.53
CA PHE C 464 -14.03 3.47 88.73
C PHE C 464 -14.60 4.60 89.59
N ASP C 465 -15.41 4.26 90.60
CA ASP C 465 -15.94 5.30 91.47
C ASP C 465 -14.83 5.93 92.31
N LYS C 466 -13.88 5.11 92.76
CA LYS C 466 -12.77 5.63 93.58
C LYS C 466 -11.88 6.55 92.76
N LEU C 467 -11.54 6.14 91.54
CA LEU C 467 -10.73 6.98 90.65
C LEU C 467 -11.41 8.32 90.42
N PHE C 468 -12.69 8.28 90.03
CA PHE C 468 -13.41 9.51 89.75
C PHE C 468 -13.36 10.44 90.96
N ARG C 469 -13.80 9.95 92.11
CA ARG C 469 -13.82 10.79 93.31
C ARG C 469 -12.42 11.21 93.72
N SER C 470 -11.40 10.40 93.42
CA SER C 470 -10.03 10.82 93.69
C SER C 470 -9.61 11.98 92.79
N PHE C 471 -9.93 11.90 91.50
CA PHE C 471 -9.62 13.00 90.59
C PHE C 471 -10.38 14.25 90.98
N VAL C 472 -11.66 14.10 91.31
CA VAL C 472 -12.49 15.23 91.72
C VAL C 472 -11.89 15.91 92.94
N ARG C 473 -11.38 15.12 93.88
CA ARG C 473 -10.80 15.73 95.08
C ARG C 473 -9.50 16.44 94.74
N ARG C 474 -8.61 15.77 94.02
CA ARG C 474 -7.32 16.36 93.71
C ARG C 474 -7.46 17.63 92.87
N ALA C 475 -8.53 17.72 92.07
CA ALA C 475 -8.75 18.90 91.24
C ALA C 475 -9.01 20.16 92.06
N GLN C 476 -9.41 20.01 93.33
CA GLN C 476 -9.73 21.14 94.19
C GLN C 476 -8.60 21.47 95.16
N GLU C 477 -7.41 20.93 94.96
CA GLU C 477 -6.32 21.13 95.91
C GLU C 477 -5.11 21.79 95.25
N MET D 1 -7.17 -18.56 -37.56
CA MET D 1 -7.86 -19.48 -38.43
C MET D 1 -6.94 -20.18 -39.30
N LYS D 2 -7.29 -21.38 -39.65
CA LYS D 2 -6.61 -22.01 -40.65
C LYS D 2 -7.19 -21.15 -41.80
N LYS D 3 -6.36 -20.50 -42.58
CA LYS D 3 -6.87 -19.81 -43.74
C LYS D 3 -6.67 -20.60 -45.01
N LEU D 4 -7.45 -20.33 -46.03
CA LEU D 4 -7.21 -20.81 -47.34
C LEU D 4 -6.49 -19.65 -48.14
N PHE D 5 -5.38 -19.94 -48.76
CA PHE D 5 -4.64 -18.95 -49.55
C PHE D 5 -4.98 -19.11 -51.03
N LEU D 6 -5.55 -18.06 -51.62
CA LEU D 6 -6.03 -18.07 -53.00
C LEU D 6 -5.16 -17.13 -53.84
N VAL D 7 -4.73 -17.60 -55.01
CA VAL D 7 -3.78 -16.85 -55.84
C VAL D 7 -4.33 -16.85 -57.28
N PHE D 8 -4.90 -15.73 -57.71
CA PHE D 8 -5.27 -15.62 -59.13
C PHE D 8 -4.05 -15.19 -59.93
N TRP D 9 -3.76 -15.91 -61.04
CA TRP D 9 -2.70 -15.52 -61.96
C TRP D 9 -3.28 -15.47 -63.38
N TRP D 10 -3.62 -14.27 -63.85
CA TRP D 10 -4.25 -14.11 -65.16
C TRP D 10 -3.18 -13.92 -66.23
N HIS D 11 -3.18 -14.79 -67.25
CA HIS D 11 -2.18 -14.79 -68.29
C HIS D 11 -2.67 -14.02 -69.52
N MET D 12 -1.87 -13.06 -69.98
CA MET D 12 -2.23 -12.18 -71.10
C MET D 12 -1.18 -12.31 -72.19
N HIS D 13 -1.62 -12.69 -73.39
CA HIS D 13 -0.69 -12.95 -74.47
C HIS D 13 -1.38 -12.72 -75.81
N GLN D 14 -0.65 -12.14 -76.77
CA GLN D 14 -0.99 -12.24 -78.21
C GLN D 14 0.29 -12.53 -78.98
N PRO D 15 0.23 -13.42 -79.99
CA PRO D 15 1.33 -13.51 -80.96
C PRO D 15 1.47 -12.21 -81.74
N LEU D 16 2.65 -12.01 -82.34
CA LEU D 16 2.93 -10.80 -83.11
C LEU D 16 2.13 -10.78 -84.42
N TYR D 17 1.10 -9.92 -84.50
CA TYR D 17 0.27 -9.82 -85.70
C TYR D 17 0.85 -8.87 -86.75
N ARG D 18 2.03 -8.32 -86.49
CA ARG D 18 2.58 -7.27 -87.31
C ARG D 18 3.44 -7.90 -88.40
N GLU D 19 2.93 -7.91 -89.63
CA GLU D 19 3.64 -8.47 -90.77
C GLU D 19 4.92 -7.67 -91.00
N PRO D 20 6.09 -8.31 -91.08
CA PRO D 20 7.34 -7.56 -91.04
C PRO D 20 7.70 -6.83 -92.34
N TYR D 21 7.06 -7.14 -93.46
CA TYR D 21 7.37 -6.44 -94.70
C TYR D 21 6.48 -5.23 -94.93
N THR D 22 5.21 -5.30 -94.54
CA THR D 22 4.31 -4.17 -94.65
C THR D 22 4.17 -3.41 -93.34
N GLY D 23 4.57 -4.01 -92.23
CA GLY D 23 4.34 -3.37 -90.96
C GLY D 23 2.89 -3.24 -90.59
N GLU D 24 2.03 -4.06 -91.18
CA GLU D 24 0.60 -4.00 -90.89
C GLU D 24 0.23 -5.13 -89.93
N TYR D 25 -0.60 -4.78 -88.95
CA TYR D 25 -1.23 -5.77 -88.10
C TYR D 25 -2.34 -6.46 -88.88
N LEU D 26 -2.18 -7.77 -89.12
CA LEU D 26 -3.08 -8.47 -90.03
C LEU D 26 -4.32 -8.99 -89.33
N LEU D 27 -4.34 -9.05 -88.01
CA LEU D 27 -5.52 -9.32 -87.21
C LEU D 27 -5.62 -8.26 -86.12
N PRO D 28 -6.83 -7.93 -85.68
CA PRO D 28 -7.02 -6.87 -84.68
C PRO D 28 -7.09 -7.36 -83.24
N TRP D 29 -6.72 -8.60 -82.97
CA TRP D 29 -6.99 -9.21 -81.68
C TRP D 29 -6.24 -8.51 -80.53
N THR D 30 -5.02 -8.03 -80.77
CA THR D 30 -4.36 -7.27 -79.71
C THR D 30 -5.15 -6.00 -79.39
N PHE D 31 -5.66 -5.31 -80.42
CA PHE D 31 -6.44 -4.10 -80.16
C PHE D 31 -7.70 -4.42 -79.36
N PHE D 32 -8.45 -5.43 -79.80
CA PHE D 32 -9.76 -5.69 -79.22
C PHE D 32 -9.65 -6.16 -77.78
N HIS D 33 -8.73 -7.09 -77.51
CA HIS D 33 -8.54 -7.53 -76.12
C HIS D 33 -7.88 -6.44 -75.28
N ALA D 34 -7.14 -5.51 -75.90
CA ALA D 34 -6.62 -4.38 -75.14
C ALA D 34 -7.77 -3.51 -74.63
N VAL D 35 -8.70 -3.13 -75.51
CA VAL D 35 -9.77 -2.26 -75.05
C VAL D 35 -10.76 -3.01 -74.15
N LYS D 36 -10.81 -4.34 -74.26
CA LYS D 36 -11.80 -5.12 -73.51
C LYS D 36 -11.25 -5.70 -72.22
N ASP D 37 -10.02 -6.15 -72.22
CA ASP D 37 -9.55 -6.96 -71.10
C ASP D 37 -8.25 -6.47 -70.49
N TYR D 38 -7.26 -6.09 -71.30
CA TYR D 38 -5.92 -5.91 -70.74
C TYR D 38 -5.82 -4.72 -69.78
N TYR D 39 -6.56 -3.65 -70.01
CA TYR D 39 -6.62 -2.58 -69.02
C TYR D 39 -7.58 -2.95 -67.90
N ASP D 40 -8.66 -3.61 -68.27
CA ASP D 40 -9.75 -3.69 -67.32
C ASP D 40 -9.63 -4.80 -66.34
N MET D 41 -8.96 -5.90 -66.69
CA MET D 41 -8.74 -6.94 -65.71
C MET D 41 -7.95 -6.42 -64.53
N PRO D 42 -6.81 -5.75 -64.68
CA PRO D 42 -6.16 -5.14 -63.51
C PRO D 42 -6.92 -3.96 -62.91
N ALA D 43 -7.78 -3.29 -63.69
CA ALA D 43 -8.51 -2.15 -63.12
C ALA D 43 -9.56 -2.57 -62.09
N TYR D 44 -9.93 -3.85 -62.07
CA TYR D 44 -10.80 -4.34 -61.00
C TYR D 44 -10.19 -4.10 -59.63
N LEU D 45 -8.86 -4.07 -59.56
CA LEU D 45 -8.16 -3.88 -58.29
C LEU D 45 -8.37 -2.49 -57.72
N LYS D 46 -8.77 -1.53 -58.55
CA LYS D 46 -9.12 -0.18 -58.08
C LYS D 46 -10.36 -0.21 -57.20
N ASP D 47 -11.24 -1.20 -57.39
CA ASP D 47 -12.55 -1.19 -56.75
C ASP D 47 -12.72 -2.30 -55.73
N PHE D 48 -11.81 -3.26 -55.66
CA PHE D 48 -11.99 -4.46 -54.87
C PHE D 48 -10.73 -4.71 -54.06
N GLU D 49 -10.89 -4.96 -52.77
CA GLU D 49 -9.76 -5.08 -51.84
C GLU D 49 -9.29 -6.53 -51.80
N ILE D 50 -8.74 -6.98 -52.92
CA ILE D 50 -8.14 -8.31 -53.04
C ILE D 50 -6.81 -8.17 -53.79
N LYS D 51 -6.08 -9.28 -53.85
CA LYS D 51 -4.87 -9.38 -54.66
C LYS D 51 -5.17 -10.13 -55.96
N LEU D 52 -4.69 -9.60 -57.08
CA LEU D 52 -4.78 -10.33 -58.33
C LEU D 52 -3.45 -10.19 -59.07
N ASN D 53 -2.96 -11.29 -59.61
CA ASN D 53 -1.69 -11.32 -60.32
C ASN D 53 -1.92 -11.48 -61.81
N PHE D 54 -0.93 -11.06 -62.58
CA PHE D 54 -1.01 -10.99 -64.05
C PHE D 54 0.30 -11.43 -64.66
N ASN D 55 0.20 -12.16 -65.78
CA ASN D 55 1.34 -12.39 -66.65
C ASN D 55 1.16 -11.58 -67.93
N LEU D 56 2.20 -10.88 -68.35
CA LEU D 56 2.22 -10.18 -69.64
C LEU D 56 3.40 -10.68 -70.46
N THR D 57 3.15 -11.31 -71.61
CA THR D 57 4.27 -11.70 -72.47
C THR D 57 4.90 -10.46 -73.11
N PRO D 58 6.22 -10.44 -73.27
CA PRO D 58 6.85 -9.26 -73.86
C PRO D 58 6.34 -8.94 -75.27
N VAL D 59 6.00 -9.97 -76.06
CA VAL D 59 5.51 -9.69 -77.42
C VAL D 59 4.16 -8.98 -77.33
N LEU D 60 3.35 -9.26 -76.30
CA LEU D 60 2.13 -8.49 -76.15
C LEU D 60 2.46 -7.05 -75.76
N ILE D 61 3.41 -6.87 -74.84
CA ILE D 61 3.80 -5.53 -74.42
C ILE D 61 4.22 -4.70 -75.63
N ASP D 62 5.02 -5.29 -76.53
CA ASP D 62 5.52 -4.56 -77.71
C ASP D 62 4.36 -4.03 -78.52
N GLN D 63 3.34 -4.86 -78.73
CA GLN D 63 2.19 -4.47 -79.54
C GLN D 63 1.37 -3.39 -78.84
N ILE D 64 1.08 -3.57 -77.55
CA ILE D 64 0.38 -2.51 -76.81
C ILE D 64 1.13 -1.19 -76.92
N GLN D 65 2.45 -1.23 -76.76
CA GLN D 65 3.25 -0.01 -76.90
C GLN D 65 3.06 0.62 -78.26
N GLU D 66 2.97 -0.20 -79.31
CA GLU D 66 2.85 0.34 -80.68
C GLU D 66 1.49 0.97 -80.89
N TYR D 67 0.42 0.27 -80.49
CA TYR D 67 -0.92 0.86 -80.55
C TYR D 67 -1.01 2.15 -79.74
N ALA D 68 -0.46 2.15 -78.52
CA ALA D 68 -0.54 3.33 -77.67
C ALA D 68 0.20 4.52 -78.27
N GLN D 69 1.27 4.27 -79.01
CA GLN D 69 1.94 5.38 -79.71
C GLN D 69 1.24 5.77 -81.00
N GLY D 70 0.17 5.08 -81.40
CA GLY D 70 -0.51 5.36 -82.64
C GLY D 70 0.24 4.93 -83.89
N LYS D 71 1.28 4.11 -83.73
CA LYS D 71 2.10 3.66 -84.84
C LYS D 71 1.65 2.30 -85.39
N ALA D 72 0.53 1.77 -84.92
CA ALA D 72 0.05 0.46 -85.34
C ALA D 72 -0.92 0.62 -86.50
N LYS D 73 -0.59 0.02 -87.65
CA LYS D 73 -1.46 0.06 -88.82
C LYS D 73 -2.23 -1.26 -88.86
N ASP D 74 -3.48 -1.22 -88.44
CA ASP D 74 -4.29 -2.40 -88.20
C ASP D 74 -5.30 -2.48 -89.34
N VAL D 75 -5.13 -3.47 -90.22
CA VAL D 75 -5.90 -3.45 -91.46
C VAL D 75 -7.40 -3.51 -91.16
N PHE D 76 -7.78 -4.33 -90.19
CA PHE D 76 -9.21 -4.45 -89.89
C PHE D 76 -9.72 -3.17 -89.24
N LEU D 77 -8.90 -2.53 -88.41
CA LEU D 77 -9.31 -1.32 -87.72
C LEU D 77 -9.48 -0.14 -88.66
N GLU D 78 -8.70 -0.08 -89.76
CA GLU D 78 -8.92 0.96 -90.76
C GLU D 78 -10.22 0.72 -91.52
N ALA D 79 -10.56 -0.54 -91.78
CA ALA D 79 -11.88 -0.84 -92.31
C ALA D 79 -12.97 -0.39 -91.36
N ILE D 80 -12.72 -0.43 -90.06
CA ILE D 80 -13.67 0.11 -89.09
C ILE D 80 -13.71 1.63 -89.18
N ARG D 81 -12.54 2.27 -89.24
CA ARG D 81 -12.49 3.72 -89.09
C ARG D 81 -13.10 4.43 -90.28
N LYS D 82 -12.93 3.88 -91.49
CA LYS D 82 -13.31 4.55 -92.72
C LYS D 82 -14.80 4.89 -92.75
N ASP D 83 -15.12 5.98 -93.41
CA ASP D 83 -16.48 6.19 -93.85
C ASP D 83 -16.88 5.04 -94.76
N PRO D 84 -18.05 4.43 -94.55
CA PRO D 84 -18.44 3.26 -95.36
C PRO D 84 -18.46 3.51 -96.88
N ASP D 85 -18.62 4.75 -97.34
CA ASP D 85 -18.56 5.01 -98.77
C ASP D 85 -17.16 4.79 -99.34
N ASP D 86 -16.14 4.75 -98.49
CA ASP D 86 -14.77 4.52 -98.90
C ASP D 86 -14.35 3.05 -98.78
N LEU D 87 -15.24 2.19 -98.29
CA LEU D 87 -14.90 0.79 -98.09
C LEU D 87 -14.85 0.02 -99.40
N GLU D 88 -13.79 -0.76 -99.58
CA GLU D 88 -13.74 -1.75 -100.64
C GLU D 88 -14.67 -2.91 -100.34
N LYS D 89 -14.99 -3.66 -101.41
CA LYS D 89 -15.82 -4.85 -101.27
C LYS D 89 -15.19 -5.84 -100.31
N GLU D 90 -13.88 -6.06 -100.44
CA GLU D 90 -13.20 -7.00 -99.56
C GLU D 90 -13.21 -6.51 -98.12
N GLU D 91 -13.19 -5.19 -97.90
CA GLU D 91 -13.26 -4.67 -96.53
C GLU D 91 -14.64 -4.89 -95.93
N VAL D 92 -15.69 -4.61 -96.70
CA VAL D 92 -17.05 -4.96 -96.30
C VAL D 92 -17.15 -6.46 -96.04
N GLU D 93 -16.56 -7.26 -96.94
CA GLU D 93 -16.57 -8.71 -96.79
C GLU D 93 -15.98 -9.12 -95.43
N LYS D 94 -14.76 -8.67 -95.14
CA LYS D 94 -14.11 -9.05 -93.88
C LYS D 94 -14.84 -8.47 -92.66
N LEU D 95 -15.44 -7.29 -92.78
CA LEU D 95 -16.23 -6.78 -91.67
C LEU D 95 -17.47 -7.62 -91.44
N ILE D 96 -18.09 -8.14 -92.50
CA ILE D 96 -19.19 -9.08 -92.34
C ILE D 96 -18.68 -10.41 -91.77
N GLU D 97 -17.61 -10.95 -92.37
CA GLU D 97 -16.93 -12.14 -91.86
C GLU D 97 -16.73 -12.07 -90.35
N PHE D 98 -16.18 -10.95 -89.91
CA PHE D 98 -15.82 -10.79 -88.51
C PHE D 98 -17.05 -10.75 -87.62
N THR D 99 -18.14 -10.14 -88.11
CA THR D 99 -19.39 -10.17 -87.35
C THR D 99 -19.91 -11.60 -87.21
N LYS D 100 -19.94 -12.34 -88.31
CA LYS D 100 -20.42 -13.72 -88.30
C LYS D 100 -19.64 -14.57 -87.31
N LEU D 101 -18.31 -14.43 -87.34
CA LEU D 101 -17.45 -15.16 -86.42
C LEU D 101 -17.83 -14.91 -84.96
N ASN D 102 -18.19 -13.68 -84.61
CA ASN D 102 -18.45 -13.30 -83.23
C ASN D 102 -19.94 -13.25 -82.89
N TYR D 103 -20.79 -13.59 -83.86
CA TYR D 103 -22.22 -13.29 -83.80
C TYR D 103 -22.92 -13.95 -82.63
N GLU D 104 -22.49 -15.14 -82.22
CA GLU D 104 -23.19 -15.91 -81.20
C GLU D 104 -22.69 -15.65 -79.79
N LYS D 105 -21.65 -14.85 -79.62
CA LYS D 105 -21.11 -14.52 -78.30
C LYS D 105 -22.00 -13.47 -77.64
N PRO D 106 -22.21 -13.59 -76.32
CA PRO D 106 -23.15 -12.67 -75.65
C PRO D 106 -22.75 -11.21 -75.77
N ILE D 107 -21.45 -10.88 -75.91
CA ILE D 107 -21.07 -9.48 -76.04
C ILE D 107 -21.49 -8.89 -77.38
N TYR D 108 -21.88 -9.73 -78.34
CA TYR D 108 -22.43 -9.29 -79.61
C TYR D 108 -23.97 -9.26 -79.61
N ARG D 109 -24.61 -9.39 -78.45
CA ARG D 109 -26.07 -9.46 -78.43
C ARG D 109 -26.65 -8.04 -78.49
N PHE D 110 -26.72 -7.52 -79.71
CA PHE D 110 -27.45 -6.31 -80.06
C PHE D 110 -28.51 -6.65 -81.09
N GLU D 111 -29.72 -6.12 -80.89
CA GLU D 111 -30.82 -6.42 -81.82
C GLU D 111 -30.50 -5.90 -83.22
N ARG D 112 -29.73 -4.82 -83.31
CA ARG D 112 -29.40 -4.27 -84.61
C ARG D 112 -28.48 -5.18 -85.39
N ILE D 113 -27.59 -5.90 -84.69
CA ILE D 113 -26.69 -6.81 -85.39
C ILE D 113 -27.47 -7.96 -86.03
N ARG D 114 -28.52 -8.43 -85.35
CA ARG D 114 -29.32 -9.52 -85.92
C ARG D 114 -29.95 -9.11 -87.25
N GLU D 115 -30.23 -7.81 -87.41
CA GLU D 115 -30.90 -7.34 -88.63
C GLU D 115 -29.93 -7.25 -89.80
N LEU D 116 -28.77 -6.63 -89.58
CA LEU D 116 -27.81 -6.47 -90.67
C LEU D 116 -27.31 -7.82 -91.18
N MET D 117 -27.26 -8.83 -90.30
CA MET D 117 -26.80 -10.15 -90.71
C MET D 117 -27.86 -10.91 -91.51
N ASN D 118 -29.10 -10.41 -91.52
CA ASN D 118 -30.15 -10.97 -92.35
C ASN D 118 -30.32 -10.22 -93.67
N LYS D 119 -29.72 -9.03 -93.80
CA LYS D 119 -29.89 -8.22 -94.99
C LYS D 119 -28.96 -8.68 -96.12
N GLU D 120 -29.49 -8.71 -97.34
CA GLU D 120 -28.68 -9.12 -98.48
C GLU D 120 -27.63 -8.07 -98.81
N LYS D 121 -28.03 -6.80 -98.83
CA LYS D 121 -27.13 -5.68 -99.06
C LYS D 121 -27.30 -4.65 -97.95
N LEU D 122 -26.23 -3.91 -97.67
CA LEU D 122 -26.21 -2.94 -96.59
C LEU D 122 -25.82 -1.58 -97.15
N ASN D 123 -26.60 -0.55 -96.83
CA ASN D 123 -26.27 0.80 -97.27
C ASN D 123 -25.32 1.45 -96.26
N ARG D 124 -25.04 2.74 -96.47
CA ARG D 124 -24.02 3.43 -95.69
C ARG D 124 -24.39 3.50 -94.21
N GLU D 125 -25.64 3.89 -93.92
CA GLU D 125 -26.04 3.99 -92.52
C GLU D 125 -25.98 2.62 -91.83
N GLU D 126 -26.27 1.55 -92.57
CA GLU D 126 -26.22 0.21 -91.99
C GLU D 126 -24.78 -0.26 -91.79
N LEU D 127 -23.89 0.00 -92.75
CA LEU D 127 -22.48 -0.30 -92.53
C LEU D 127 -21.94 0.50 -91.35
N LEU D 128 -22.42 1.73 -91.19
CA LEU D 128 -21.98 2.55 -90.07
C LEU D 128 -22.38 1.90 -88.76
N ASP D 129 -23.56 1.27 -88.71
CA ASP D 129 -23.96 0.55 -87.50
C ASP D 129 -23.12 -0.72 -87.31
N LEU D 130 -22.78 -1.40 -88.41
CA LEU D 130 -21.98 -2.61 -88.28
C LEU D 130 -20.58 -2.30 -87.78
N GLN D 131 -20.00 -1.18 -88.24
CA GLN D 131 -18.67 -0.80 -87.76
C GLN D 131 -18.72 -0.45 -86.28
N THR D 132 -19.71 0.34 -85.88
CA THR D 132 -19.71 0.87 -84.53
C THR D 132 -20.10 -0.21 -83.52
N LEU D 133 -21.09 -1.04 -83.87
CA LEU D 133 -21.50 -2.10 -82.95
C LEU D 133 -20.40 -3.15 -82.80
N ASN D 134 -19.58 -3.34 -83.83
CA ASN D 134 -18.42 -4.23 -83.66
C ASN D 134 -17.45 -3.62 -82.65
N LEU D 135 -17.17 -2.33 -82.76
CA LEU D 135 -16.43 -1.61 -81.72
C LEU D 135 -17.05 -1.79 -80.35
N LEU D 136 -18.35 -1.44 -80.22
CA LEU D 136 -19.02 -1.42 -78.92
C LEU D 136 -19.16 -2.81 -78.31
N ALA D 137 -19.21 -3.85 -79.14
CA ALA D 137 -19.29 -5.21 -78.58
C ALA D 137 -18.07 -5.53 -77.72
N TRP D 138 -16.92 -4.92 -78.01
CA TRP D 138 -15.68 -5.17 -77.31
C TRP D 138 -15.42 -4.14 -76.22
N CYS D 139 -16.38 -3.36 -75.86
CA CYS D 139 -16.23 -2.40 -74.82
C CYS D 139 -16.05 -3.04 -73.47
N GLY D 140 -15.08 -2.56 -72.82
CA GLY D 140 -14.92 -2.99 -71.50
C GLY D 140 -15.66 -2.31 -70.36
N ARG D 141 -15.59 -2.94 -69.20
CA ARG D 141 -16.17 -2.42 -67.98
C ARG D 141 -15.95 -0.98 -67.73
N THR D 142 -14.72 -0.51 -67.83
CA THR D 142 -14.51 0.89 -67.45
C THR D 142 -15.29 1.83 -68.35
N LEU D 143 -15.18 1.66 -69.66
CA LEU D 143 -15.86 2.51 -70.60
C LEU D 143 -17.35 2.21 -70.73
N ARG D 144 -17.82 1.06 -70.27
CA ARG D 144 -19.23 0.75 -70.38
C ARG D 144 -20.11 1.74 -69.61
N LYS D 145 -19.52 2.62 -68.78
CA LYS D 145 -20.31 3.68 -68.17
C LYS D 145 -20.28 4.99 -68.97
N ASP D 146 -19.12 5.36 -69.53
CA ASP D 146 -19.05 6.59 -70.32
C ASP D 146 -19.73 6.41 -71.67
N LEU D 147 -19.80 5.18 -72.17
CA LEU D 147 -20.44 4.90 -73.45
C LEU D 147 -21.85 4.35 -73.27
N LYS D 148 -22.46 4.60 -72.10
CA LYS D 148 -23.78 4.04 -71.81
C LYS D 148 -24.85 4.50 -72.79
N ASP D 149 -24.85 5.80 -73.15
CA ASP D 149 -25.83 6.30 -74.10
C ASP D 149 -25.60 5.74 -75.49
N LEU D 150 -24.34 5.60 -75.91
CA LEU D 150 -24.04 5.00 -77.20
C LEU D 150 -24.36 3.52 -77.21
N LEU D 151 -24.15 2.85 -76.07
CA LEU D 151 -24.47 1.43 -75.98
C LEU D 151 -25.96 1.19 -75.96
N ASN D 152 -26.74 2.06 -75.30
CA ASN D 152 -28.19 1.89 -75.25
C ASN D 152 -28.88 2.43 -76.50
N LYS D 153 -28.21 3.29 -77.26
CA LYS D 153 -28.73 3.69 -78.56
C LYS D 153 -28.98 2.50 -79.46
N GLY D 154 -27.95 1.65 -79.64
CA GLY D 154 -28.11 0.38 -80.32
C GLY D 154 -28.23 0.45 -81.81
N ARG D 155 -28.44 1.63 -82.39
CA ARG D 155 -28.61 1.75 -83.84
C ARG D 155 -28.45 3.21 -84.23
N ASN D 156 -28.22 3.42 -85.53
CA ASN D 156 -28.16 4.74 -86.16
C ASN D 156 -26.99 5.57 -85.64
N TYR D 157 -25.81 4.98 -85.73
CA TYR D 157 -24.57 5.64 -85.31
C TYR D 157 -23.97 6.45 -86.45
N THR D 158 -23.37 7.58 -86.09
CA THR D 158 -22.71 8.45 -87.05
C THR D 158 -21.21 8.20 -87.08
N GLN D 159 -20.57 8.67 -88.15
CA GLN D 159 -19.11 8.63 -88.24
C GLN D 159 -18.47 9.29 -87.02
N GLU D 160 -19.02 10.42 -86.58
CA GLU D 160 -18.46 11.15 -85.45
C GLU D 160 -18.52 10.32 -84.18
N GLU D 161 -19.60 9.56 -84.00
CA GLU D 161 -19.74 8.77 -82.78
C GLU D 161 -18.79 7.58 -82.80
N LYS D 162 -18.60 6.97 -83.97
CA LYS D 162 -17.64 5.89 -84.10
C LYS D 162 -16.22 6.40 -83.85
N GLU D 163 -15.93 7.62 -84.30
CA GLU D 163 -14.60 8.18 -84.05
C GLU D 163 -14.41 8.49 -82.56
N TYR D 164 -15.50 8.85 -81.89
CA TYR D 164 -15.43 9.14 -80.46
C TYR D 164 -15.12 7.86 -79.68
N VAL D 165 -15.78 6.77 -80.05
CA VAL D 165 -15.49 5.48 -79.47
C VAL D 165 -14.04 5.11 -79.71
N LEU D 166 -13.56 5.32 -80.94
CA LEU D 166 -12.17 4.99 -81.23
C LEU D 166 -11.22 5.81 -80.37
N ASN D 167 -11.51 7.11 -80.19
CA ASN D 167 -10.70 7.95 -79.33
C ASN D 167 -10.65 7.39 -77.90
N LYS D 168 -11.81 7.00 -77.37
CA LYS D 168 -11.84 6.51 -76.00
C LYS D 168 -11.08 5.19 -75.86
N TYR D 169 -11.14 4.35 -76.89
CA TYR D 169 -10.46 3.06 -76.86
C TYR D 169 -8.95 3.25 -76.82
N PHE D 170 -8.43 4.16 -77.65
CA PHE D 170 -7.00 4.42 -77.66
C PHE D 170 -6.54 5.07 -76.36
N GLU D 171 -7.41 5.85 -75.72
CA GLU D 171 -7.09 6.36 -74.38
C GLU D 171 -6.89 5.21 -73.40
N ILE D 172 -7.73 4.18 -73.51
CA ILE D 172 -7.63 3.04 -72.62
C ILE D 172 -6.35 2.26 -72.90
N ILE D 173 -6.02 2.08 -74.19
CA ILE D 173 -4.76 1.42 -74.55
C ILE D 173 -3.57 2.21 -74.03
N LYS D 174 -3.64 3.54 -74.12
CA LYS D 174 -2.54 4.39 -73.67
C LYS D 174 -2.30 4.26 -72.17
N LYS D 175 -3.33 3.88 -71.42
CA LYS D 175 -3.20 3.78 -69.97
C LYS D 175 -2.94 2.36 -69.50
N THR D 176 -2.67 1.44 -70.43
CA THR D 176 -2.69 0.02 -70.05
C THR D 176 -1.41 -0.38 -69.31
N LEU D 177 -0.25 -0.07 -69.85
CA LEU D 177 0.98 -0.47 -69.16
C LEU D 177 1.11 0.29 -67.84
N SER D 178 0.55 1.50 -67.76
CA SER D 178 0.59 2.27 -66.54
C SER D 178 -0.22 1.59 -65.45
N ILE D 179 -1.34 0.96 -65.80
CA ILE D 179 -2.13 0.44 -64.69
C ILE D 179 -1.46 -0.81 -64.13
N TYR D 180 -0.73 -1.57 -64.97
CA TYR D 180 0.06 -2.69 -64.46
C TYR D 180 1.18 -2.20 -63.58
N ARG D 181 1.90 -1.15 -63.99
CA ARG D 181 2.91 -0.56 -63.11
C ARG D 181 2.29 -0.14 -61.79
N GLU D 182 1.10 0.48 -61.85
CA GLU D 182 0.47 1.01 -60.65
C GLU D 182 0.15 -0.12 -59.67
N ILE D 183 -0.52 -1.18 -60.13
CA ILE D 183 -0.91 -2.23 -59.18
C ILE D 183 0.30 -3.01 -58.71
N LYS D 184 1.38 -3.01 -59.48
CA LYS D 184 2.60 -3.64 -59.02
C LYS D 184 3.22 -2.84 -57.88
N GLU D 185 3.37 -1.52 -58.10
CA GLU D 185 4.01 -0.67 -57.10
C GLU D 185 3.17 -0.57 -55.83
N GLU D 186 1.84 -0.58 -55.97
CA GLU D 186 0.96 -0.56 -54.82
C GLU D 186 0.82 -1.93 -54.16
N GLY D 187 1.54 -2.94 -54.65
CA GLY D 187 1.43 -4.28 -54.11
C GLY D 187 0.03 -4.85 -54.10
N LYS D 188 -0.84 -4.41 -55.01
CA LYS D 188 -2.13 -5.08 -55.15
C LYS D 188 -2.02 -6.37 -55.95
N GLY D 189 -0.88 -6.59 -56.59
CA GLY D 189 -0.69 -7.73 -57.46
C GLY D 189 0.74 -7.83 -57.91
N SER D 190 1.20 -9.05 -58.19
CA SER D 190 2.49 -9.25 -58.80
C SER D 190 2.29 -9.38 -60.31
N VAL D 191 3.24 -8.90 -61.09
CA VAL D 191 3.21 -9.02 -62.55
C VAL D 191 4.40 -9.89 -62.95
N SER D 192 4.12 -11.01 -63.62
CA SER D 192 5.16 -11.85 -64.18
C SER D 192 5.29 -11.60 -65.68
N THR D 193 6.28 -12.25 -66.31
CA THR D 193 6.32 -12.32 -67.76
C THR D 193 6.66 -13.76 -68.18
N SER D 194 6.76 -13.97 -69.49
CA SER D 194 7.15 -15.22 -70.10
C SER D 194 8.36 -15.01 -70.99
N PRO D 195 9.07 -16.07 -71.34
CA PRO D 195 10.02 -15.99 -72.46
C PRO D 195 9.37 -15.28 -73.65
N TYR D 196 10.19 -14.48 -74.36
CA TYR D 196 9.74 -13.31 -75.12
C TYR D 196 8.53 -13.57 -76.04
N TYR D 197 8.63 -14.57 -76.94
CA TYR D 197 7.57 -14.77 -77.92
C TYR D 197 6.67 -15.95 -77.59
N HIS D 198 6.62 -16.35 -76.30
CA HIS D 198 5.75 -17.44 -75.83
C HIS D 198 6.12 -18.75 -76.54
N PRO D 199 7.40 -19.15 -76.56
CA PRO D 199 7.76 -20.45 -77.15
C PRO D 199 7.53 -21.61 -76.18
N LEU D 200 7.73 -22.81 -76.71
CA LEU D 200 7.72 -24.03 -75.91
C LEU D 200 9.15 -24.31 -75.50
N ILE D 201 9.57 -23.71 -74.38
CA ILE D 201 10.97 -23.80 -73.95
C ILE D 201 11.49 -25.25 -73.86
N PRO D 202 10.77 -26.21 -73.26
CA PRO D 202 11.34 -27.57 -73.20
C PRO D 202 11.71 -28.17 -74.57
N ILE D 203 10.97 -27.83 -75.63
CA ILE D 203 11.32 -28.40 -76.94
C ILE D 203 12.57 -27.74 -77.48
N LEU D 204 12.65 -26.40 -77.37
CA LEU D 204 13.84 -25.71 -77.83
C LEU D 204 15.09 -26.19 -77.12
N LEU D 205 14.97 -26.53 -75.82
CA LEU D 205 16.13 -27.03 -75.08
C LEU D 205 16.44 -28.47 -75.46
N ASN D 206 15.41 -29.27 -75.72
CA ASN D 206 15.61 -30.71 -75.92
C ASN D 206 14.36 -31.29 -76.55
N PRO D 207 14.29 -31.35 -77.88
CA PRO D 207 13.06 -31.86 -78.53
C PRO D 207 12.72 -33.30 -78.14
N ASN D 208 13.68 -34.06 -77.65
CA ASN D 208 13.38 -35.42 -77.24
C ASN D 208 12.52 -35.50 -75.98
N CYS D 209 12.35 -34.39 -75.23
CA CYS D 209 11.50 -34.45 -74.05
C CYS D 209 10.04 -34.78 -74.39
N VAL D 210 9.62 -34.70 -75.67
CA VAL D 210 8.28 -35.14 -76.04
C VAL D 210 8.10 -36.64 -75.84
N TYR D 211 9.19 -37.42 -75.84
CA TYR D 211 9.03 -38.86 -75.66
C TYR D 211 8.67 -39.24 -74.23
N GLU D 212 8.77 -38.31 -73.28
CA GLU D 212 8.53 -38.65 -71.89
C GLU D 212 7.07 -38.95 -71.62
N THR D 213 6.15 -38.33 -72.37
CA THR D 213 4.73 -38.59 -72.21
C THR D 213 4.08 -39.13 -73.47
N THR D 214 4.66 -38.91 -74.66
CA THR D 214 4.19 -39.50 -75.91
C THR D 214 5.31 -40.32 -76.53
N PRO D 215 5.61 -41.50 -75.99
CA PRO D 215 6.75 -42.25 -76.52
C PRO D 215 6.61 -42.61 -77.99
N ASN D 216 5.38 -42.70 -78.50
CA ASN D 216 5.15 -43.15 -79.87
C ASN D 216 4.99 -42.00 -80.86
N VAL D 217 5.20 -40.76 -80.44
CA VAL D 217 5.09 -39.64 -81.37
C VAL D 217 6.22 -39.69 -82.39
N LYS D 218 5.93 -39.21 -83.60
CA LYS D 218 6.95 -38.96 -84.61
C LYS D 218 7.17 -37.46 -84.71
N ILE D 219 8.41 -37.04 -84.52
CA ILE D 219 8.77 -35.64 -84.59
C ILE D 219 9.86 -35.48 -85.65
N PRO D 220 10.00 -34.29 -86.21
CA PRO D 220 11.02 -34.07 -87.24
C PRO D 220 12.42 -34.24 -86.69
N ASP D 221 13.37 -34.31 -87.61
CA ASP D 221 14.78 -34.36 -87.27
C ASP D 221 15.24 -32.94 -86.96
N PHE D 222 15.46 -32.68 -85.67
CA PHE D 222 15.91 -31.37 -85.20
C PHE D 222 17.41 -31.24 -85.47
N ALA D 223 17.73 -30.99 -86.73
CA ALA D 223 19.13 -30.98 -87.18
C ALA D 223 19.90 -29.77 -86.69
N VAL D 224 19.24 -28.84 -86.00
CA VAL D 224 19.85 -27.60 -85.54
C VAL D 224 19.53 -27.48 -84.04
N SER D 225 20.37 -26.72 -83.32
CA SER D 225 20.21 -26.54 -81.88
C SER D 225 19.45 -25.25 -81.58
N PHE D 226 18.38 -25.36 -80.77
CA PHE D 226 17.61 -24.20 -80.35
C PHE D 226 17.90 -23.80 -78.90
N ARG D 227 19.01 -24.30 -78.34
CA ARG D 227 19.27 -24.08 -76.92
C ARG D 227 19.58 -22.62 -76.63
N GLU D 228 20.43 -21.98 -77.45
CA GLU D 228 20.77 -20.59 -77.18
C GLU D 228 19.58 -19.65 -77.41
N ASP D 229 18.67 -19.99 -78.35
CA ASP D 229 17.43 -19.24 -78.52
C ASP D 229 16.56 -19.32 -77.25
N ALA D 230 16.51 -20.49 -76.64
CA ALA D 230 15.69 -20.61 -75.43
C ALA D 230 16.21 -19.65 -74.35
N SER D 231 17.53 -19.57 -74.17
CA SER D 231 18.07 -18.57 -73.25
C SER D 231 17.72 -17.16 -73.69
N LYS D 232 17.74 -16.89 -75.00
CA LYS D 232 17.51 -15.53 -75.45
C LYS D 232 16.07 -15.12 -75.24
N HIS D 233 15.12 -16.03 -75.49
CA HIS D 233 13.75 -15.72 -75.15
C HIS D 233 13.63 -15.28 -73.70
N VAL D 234 14.36 -15.93 -72.79
CA VAL D 234 14.26 -15.59 -71.37
C VAL D 234 15.01 -14.30 -71.05
N GLU D 235 16.22 -14.15 -71.59
CA GLU D 235 17.03 -12.97 -71.31
C GLU D 235 16.39 -11.72 -71.88
N LEU D 236 15.88 -11.81 -73.11
CA LEU D 236 15.20 -10.67 -73.71
C LEU D 236 13.94 -10.31 -72.95
N ALA D 237 13.23 -11.31 -72.41
CA ALA D 237 12.06 -11.02 -71.60
C ALA D 237 12.46 -10.22 -70.36
N LYS D 238 13.54 -10.65 -69.71
CA LYS D 238 13.97 -9.96 -68.49
C LYS D 238 14.30 -8.51 -68.79
N GLU D 239 14.94 -8.25 -69.94
CA GLU D 239 15.29 -6.87 -70.30
C GLU D 239 14.05 -6.04 -70.56
N LYS D 240 13.07 -6.59 -71.29
CA LYS D 240 11.85 -5.85 -71.58
C LYS D 240 11.05 -5.61 -70.31
N TYR D 241 10.97 -6.64 -69.45
CA TYR D 241 10.28 -6.47 -68.18
C TYR D 241 10.93 -5.35 -67.37
N PHE D 242 12.26 -5.30 -67.38
CA PHE D 242 12.97 -4.26 -66.65
C PHE D 242 12.62 -2.87 -67.17
N GLU D 243 12.53 -2.72 -68.50
CA GLU D 243 12.21 -1.42 -69.09
C GLU D 243 10.86 -0.92 -68.60
N ILE D 244 9.90 -1.82 -68.47
CA ILE D 244 8.55 -1.40 -68.09
C ILE D 244 8.46 -1.25 -66.58
N PHE D 245 9.08 -2.16 -65.84
CA PHE D 245 8.77 -2.28 -64.42
C PHE D 245 9.93 -1.94 -63.52
N GLY D 246 11.13 -1.79 -64.06
CA GLY D 246 12.23 -1.33 -63.25
C GLY D 246 12.85 -2.36 -62.34
N GLU D 247 12.60 -3.64 -62.58
CA GLU D 247 13.25 -4.74 -61.88
C GLU D 247 13.40 -5.90 -62.86
N HIS D 248 14.36 -6.76 -62.59
CA HIS D 248 14.37 -8.06 -63.27
C HIS D 248 13.23 -8.92 -62.71
N PRO D 249 12.47 -9.62 -63.57
CA PRO D 249 11.36 -10.42 -63.06
C PRO D 249 11.86 -11.63 -62.29
N VAL D 250 11.23 -11.90 -61.15
CA VAL D 250 11.57 -13.08 -60.35
C VAL D 250 10.54 -14.18 -60.48
N TYR D 251 9.39 -13.91 -61.11
CA TYR D 251 8.38 -14.91 -61.42
C TYR D 251 8.16 -14.93 -62.93
N MET D 252 8.01 -16.12 -63.47
CA MET D 252 7.60 -16.26 -64.86
C MET D 252 6.49 -17.27 -64.98
N TRP D 253 5.61 -17.04 -65.95
CA TRP D 253 4.65 -18.06 -66.38
C TRP D 253 5.25 -18.81 -67.56
N PRO D 254 5.53 -20.11 -67.43
CA PRO D 254 6.08 -20.85 -68.56
C PRO D 254 4.98 -21.07 -69.59
N PRO D 255 5.22 -20.70 -70.84
CA PRO D 255 4.14 -20.76 -71.85
C PRO D 255 3.52 -22.15 -71.90
N GLU D 256 2.20 -22.18 -71.99
CA GLU D 256 1.42 -23.42 -71.93
C GLU D 256 1.72 -24.20 -70.67
N ALA D 257 2.12 -23.52 -69.59
CA ALA D 257 2.52 -24.20 -68.36
C ALA D 257 3.62 -25.21 -68.61
N SER D 258 4.36 -25.07 -69.72
N SER D 258 4.37 -25.05 -69.71
CA SER D 258 5.23 -26.14 -70.17
CA SER D 258 5.24 -26.12 -70.16
C SER D 258 6.54 -26.14 -69.38
C SER D 258 6.55 -26.14 -69.37
N VAL D 259 6.88 -27.29 -68.82
CA VAL D 259 8.10 -27.45 -68.04
C VAL D 259 8.75 -28.77 -68.40
N SER D 260 10.05 -28.82 -68.16
CA SER D 260 10.83 -30.05 -68.16
C SER D 260 11.92 -29.82 -67.12
N ASN D 261 12.66 -30.89 -66.81
CA ASN D 261 13.78 -30.75 -65.90
C ASN D 261 14.75 -29.70 -66.39
N GLU D 262 15.06 -29.71 -67.69
CA GLU D 262 15.98 -28.73 -68.26
C GLU D 262 15.38 -27.33 -68.33
N ALA D 263 14.07 -27.19 -68.55
CA ALA D 263 13.49 -25.86 -68.54
C ALA D 263 13.52 -25.25 -67.14
N LEU D 264 13.24 -26.05 -66.12
CA LEU D 264 13.28 -25.54 -64.76
C LEU D 264 14.69 -25.11 -64.36
N GLU D 265 15.70 -25.91 -64.74
CA GLU D 265 17.09 -25.51 -64.54
C GLU D 265 17.40 -24.18 -65.23
N LEU D 266 16.87 -23.96 -66.44
CA LEU D 266 17.19 -22.73 -67.17
C LEU D 266 16.54 -21.51 -66.52
N TYR D 267 15.28 -21.65 -66.10
CA TYR D 267 14.60 -20.56 -65.40
C TYR D 267 15.36 -20.20 -64.13
N TYR D 268 15.78 -21.21 -63.37
CA TYR D 268 16.59 -20.94 -62.18
C TYR D 268 17.88 -20.21 -62.55
N GLU D 269 18.60 -20.71 -63.55
CA GLU D 269 19.87 -20.12 -63.91
C GLU D 269 19.73 -18.66 -64.34
N LYS D 270 18.55 -18.28 -64.82
CA LYS D 270 18.27 -16.93 -65.25
C LYS D 270 17.65 -16.08 -64.14
N GLY D 271 17.65 -16.56 -62.90
CA GLY D 271 17.20 -15.77 -61.79
C GLY D 271 15.72 -15.86 -61.50
N ILE D 272 15.01 -16.79 -62.12
CA ILE D 272 13.59 -16.95 -61.84
C ILE D 272 13.45 -17.77 -60.56
N ASN D 273 12.76 -17.21 -59.59
CA ASN D 273 12.65 -17.80 -58.26
C ASN D 273 11.39 -18.64 -58.10
N MET D 274 10.36 -18.36 -58.89
CA MET D 274 9.12 -19.12 -58.79
C MET D 274 8.39 -19.11 -60.12
N LEU D 275 7.77 -20.24 -60.44
CA LEU D 275 6.84 -20.32 -61.56
C LEU D 275 5.68 -21.21 -61.11
N ALA D 276 4.69 -21.32 -61.98
CA ALA D 276 3.64 -22.28 -61.80
C ALA D 276 3.53 -23.12 -63.07
N THR D 277 2.90 -24.27 -62.93
CA THR D 277 2.64 -25.18 -64.04
C THR D 277 1.36 -25.93 -63.70
N ASP D 278 1.10 -27.05 -64.39
CA ASP D 278 -0.21 -27.66 -64.35
C ASP D 278 -0.29 -28.88 -63.43
N GLU D 279 -1.49 -29.10 -62.90
CA GLU D 279 -1.78 -30.25 -62.07
C GLU D 279 -1.57 -31.55 -62.82
N VAL D 280 -1.80 -31.56 -64.14
CA VAL D 280 -1.59 -32.79 -64.89
C VAL D 280 -0.11 -33.18 -64.88
N ILE D 281 0.77 -32.18 -64.97
CA ILE D 281 2.21 -32.43 -64.86
C ILE D 281 2.54 -33.01 -63.49
N LEU D 282 2.01 -32.39 -62.43
CA LEU D 282 2.17 -32.95 -61.10
C LEU D 282 1.75 -34.42 -61.05
N LYS D 283 0.53 -34.72 -61.51
CA LYS D 283 0.04 -36.11 -61.43
C LYS D 283 0.96 -37.06 -62.19
N ASN D 284 1.49 -36.61 -63.33
CA ASN D 284 2.39 -37.43 -64.12
C ASN D 284 3.74 -37.65 -63.45
N SER D 285 4.14 -36.75 -62.55
CA SER D 285 5.50 -36.76 -62.01
C SER D 285 5.61 -37.40 -60.64
N VAL D 286 4.57 -37.31 -59.80
CA VAL D 286 4.61 -37.87 -58.46
C VAL D 286 3.31 -38.61 -58.18
N GLU D 287 3.40 -39.61 -57.30
CA GLU D 287 2.26 -40.35 -56.78
C GLU D 287 1.38 -39.48 -55.89
N ARG D 288 1.89 -39.06 -54.73
CA ARG D 288 1.15 -38.27 -53.73
C ARG D 288 1.14 -36.82 -54.16
N ALA D 289 0.15 -36.45 -54.97
CA ALA D 289 0.22 -35.22 -55.76
C ALA D 289 -0.85 -34.26 -55.27
N SER D 290 -0.51 -33.44 -54.29
CA SER D 290 -1.41 -32.39 -53.84
C SER D 290 -0.98 -31.06 -54.43
N PRO D 291 -1.84 -30.35 -55.15
CA PRO D 291 -1.47 -29.04 -55.70
C PRO D 291 -1.46 -27.92 -54.68
N TYR D 292 -1.70 -28.19 -53.40
CA TYR D 292 -1.90 -27.14 -52.42
C TYR D 292 -0.62 -26.78 -51.68
N LEU D 293 0.50 -27.34 -52.10
CA LEU D 293 1.78 -27.18 -51.44
C LEU D 293 2.63 -26.25 -52.29
N ARG D 294 3.56 -25.55 -51.64
CA ARG D 294 4.65 -24.89 -52.34
C ARG D 294 5.75 -25.92 -52.55
N TYR D 295 6.07 -26.20 -53.81
CA TYR D 295 7.09 -27.21 -54.13
C TYR D 295 8.42 -26.52 -54.40
N TYR D 296 9.51 -27.21 -54.06
CA TYR D 296 10.86 -26.72 -54.34
C TYR D 296 11.50 -27.72 -55.29
N PHE D 297 11.74 -27.31 -56.53
CA PHE D 297 12.33 -28.20 -57.52
C PHE D 297 13.82 -28.25 -57.28
N ARG D 298 14.29 -29.40 -56.80
CA ARG D 298 15.71 -29.66 -56.53
C ARG D 298 16.30 -28.60 -55.58
N GLU D 299 15.45 -28.01 -54.72
CA GLU D 299 15.86 -26.93 -53.82
C GLU D 299 16.48 -25.76 -54.57
N LEU D 300 16.09 -25.56 -55.84
CA LEU D 300 16.57 -24.45 -56.66
C LEU D 300 15.52 -23.37 -56.91
N ILE D 301 14.29 -23.76 -57.22
CA ILE D 301 13.27 -22.82 -57.66
C ILE D 301 11.94 -23.33 -57.14
N SER D 302 11.07 -22.39 -56.79
CA SER D 302 9.74 -22.73 -56.27
C SER D 302 8.77 -22.99 -57.40
N VAL D 303 7.88 -23.95 -57.17
CA VAL D 303 6.94 -24.41 -58.19
C VAL D 303 5.58 -24.59 -57.51
N PHE D 304 4.59 -23.85 -57.98
CA PHE D 304 3.22 -24.08 -57.61
C PHE D 304 2.49 -24.78 -58.77
N PHE D 305 1.59 -25.67 -58.43
CA PHE D 305 0.82 -26.38 -59.44
C PHE D 305 -0.61 -25.87 -59.36
N ARG D 306 -1.11 -25.35 -60.49
CA ARG D 306 -2.45 -24.76 -60.47
C ARG D 306 -3.49 -25.83 -60.17
N ASP D 307 -4.58 -25.38 -59.54
CA ASP D 307 -5.76 -26.20 -59.36
C ASP D 307 -6.51 -26.22 -60.69
N LYS D 308 -6.36 -27.32 -61.43
CA LYS D 308 -6.91 -27.42 -62.78
C LYS D 308 -8.43 -27.24 -62.76
N THR D 309 -9.11 -27.96 -61.87
CA THR D 309 -10.57 -27.91 -61.78
C THR D 309 -11.07 -26.48 -61.62
N LEU D 310 -10.51 -25.72 -60.67
CA LEU D 310 -11.01 -24.38 -60.40
C LEU D 310 -10.75 -23.46 -61.59
N SER D 311 -9.54 -23.53 -62.14
CA SER D 311 -9.20 -22.75 -63.32
C SER D 311 -10.14 -23.08 -64.49
N ASP D 312 -10.44 -24.36 -64.70
CA ASP D 312 -11.28 -24.75 -65.83
C ASP D 312 -12.73 -24.34 -65.61
N LEU D 313 -13.16 -24.22 -64.36
CA LEU D 313 -14.51 -23.75 -64.08
C LEU D 313 -14.73 -22.37 -64.66
N ILE D 314 -13.80 -21.46 -64.41
CA ILE D 314 -13.93 -20.11 -64.94
C ILE D 314 -13.76 -20.13 -66.46
N GLY D 315 -12.77 -20.86 -66.95
CA GLY D 315 -12.48 -20.83 -68.38
C GLY D 315 -13.46 -21.58 -69.26
N PHE D 316 -14.11 -22.62 -68.73
CA PHE D 316 -14.90 -23.52 -69.55
C PHE D 316 -16.36 -23.64 -69.16
N SER D 317 -16.68 -23.51 -67.87
CA SER D 317 -18.03 -23.86 -67.43
C SER D 317 -18.91 -22.65 -67.12
N TYR D 318 -18.42 -21.73 -66.27
CA TYR D 318 -19.27 -20.71 -65.66
C TYR D 318 -19.95 -19.76 -66.64
N HIS D 319 -19.41 -19.62 -67.86
CA HIS D 319 -20.00 -18.69 -68.83
C HIS D 319 -21.49 -18.94 -69.04
N ALA D 320 -21.95 -20.17 -68.83
CA ALA D 320 -23.36 -20.52 -69.00
C ALA D 320 -24.13 -20.53 -67.68
N TRP D 321 -23.51 -20.09 -66.59
CA TRP D 321 -24.15 -20.08 -65.28
C TRP D 321 -24.60 -18.66 -64.94
N ASN D 322 -25.73 -18.56 -64.27
CA ASN D 322 -26.07 -17.34 -63.54
C ASN D 322 -24.91 -16.96 -62.64
N ALA D 323 -24.57 -15.67 -62.63
CA ALA D 323 -23.35 -15.22 -61.94
C ALA D 323 -23.37 -15.61 -60.46
N GLU D 324 -24.51 -15.41 -59.80
CA GLU D 324 -24.57 -15.68 -58.36
C GLU D 324 -24.37 -17.15 -58.07
N ASP D 325 -24.99 -18.03 -58.88
CA ASP D 325 -24.84 -19.46 -58.70
C ASP D 325 -23.39 -19.90 -58.91
N ALA D 326 -22.71 -19.33 -59.90
CA ALA D 326 -21.32 -19.70 -60.16
C ALA D 326 -20.40 -19.28 -59.03
N VAL D 327 -20.60 -18.07 -58.49
CA VAL D 327 -19.79 -17.62 -57.35
C VAL D 327 -20.05 -18.50 -56.14
N ARG D 328 -21.32 -18.82 -55.87
CA ARG D 328 -21.63 -19.73 -54.79
C ARG D 328 -20.93 -21.07 -54.98
N ASP D 329 -20.99 -21.62 -56.20
CA ASP D 329 -20.32 -22.89 -56.48
C ASP D 329 -18.81 -22.78 -56.29
N PHE D 330 -18.20 -21.72 -56.83
CA PHE D 330 -16.76 -21.52 -56.66
C PHE D 330 -16.39 -21.45 -55.18
N ILE D 331 -17.08 -20.61 -54.41
CA ILE D 331 -16.77 -20.47 -52.99
C ILE D 331 -17.07 -21.78 -52.26
N GLY D 332 -18.09 -22.51 -52.70
CA GLY D 332 -18.35 -23.82 -52.12
C GLY D 332 -17.20 -24.78 -52.31
N ARG D 333 -16.53 -24.71 -53.46
CA ARG D 333 -15.39 -25.61 -53.66
C ARG D 333 -14.21 -25.19 -52.81
N LEU D 334 -13.99 -23.88 -52.66
CA LEU D 334 -12.96 -23.39 -51.75
C LEU D 334 -13.25 -23.81 -50.32
N LYS D 335 -14.53 -23.84 -49.95
CA LYS D 335 -14.89 -24.35 -48.63
C LYS D 335 -14.52 -25.81 -48.49
N LYS D 336 -14.76 -26.62 -49.53
CA LYS D 336 -14.46 -28.04 -49.44
C LYS D 336 -12.96 -28.29 -49.36
N ILE D 337 -12.18 -27.48 -50.10
CA ILE D 337 -10.72 -27.52 -49.95
C ILE D 337 -10.33 -27.17 -48.53
N HIS D 338 -10.81 -26.04 -48.04
CA HIS D 338 -10.45 -25.56 -46.70
C HIS D 338 -10.72 -26.61 -45.63
N GLU D 339 -11.77 -27.42 -45.80
CA GLU D 339 -12.15 -28.39 -44.80
C GLU D 339 -11.40 -29.71 -44.92
N SER D 340 -10.81 -30.02 -46.08
CA SER D 340 -10.20 -31.32 -46.32
C SER D 340 -8.73 -31.40 -45.92
N VAL D 341 -8.14 -30.31 -45.44
CA VAL D 341 -6.74 -30.27 -45.07
C VAL D 341 -6.63 -29.69 -43.67
N ASP D 342 -5.70 -30.22 -42.86
CA ASP D 342 -5.42 -29.65 -41.55
C ASP D 342 -4.40 -28.52 -41.60
N PHE D 343 -3.87 -28.22 -42.77
CA PHE D 343 -2.92 -27.13 -42.94
C PHE D 343 -3.56 -26.04 -43.81
N GLN D 344 -2.83 -24.95 -44.03
CA GLN D 344 -3.36 -23.86 -44.83
C GLN D 344 -3.01 -24.11 -46.28
N PRO D 345 -3.97 -24.44 -47.13
CA PRO D 345 -3.68 -24.73 -48.53
C PRO D 345 -3.44 -23.48 -49.36
N VAL D 346 -2.54 -23.61 -50.35
CA VAL D 346 -2.33 -22.58 -51.36
C VAL D 346 -2.99 -23.06 -52.65
N VAL D 347 -3.93 -22.27 -53.16
CA VAL D 347 -4.75 -22.65 -54.31
C VAL D 347 -4.46 -21.67 -55.46
N PHE D 348 -3.73 -22.14 -56.47
CA PHE D 348 -3.43 -21.32 -57.63
C PHE D 348 -4.51 -21.50 -58.69
N VAL D 349 -5.18 -20.41 -59.01
CA VAL D 349 -6.14 -20.34 -60.11
C VAL D 349 -5.45 -19.59 -61.25
N VAL D 350 -5.04 -20.32 -62.29
CA VAL D 350 -4.23 -19.77 -63.38
C VAL D 350 -4.90 -20.08 -64.72
N LEU D 351 -5.22 -19.04 -65.50
CA LEU D 351 -5.77 -19.23 -66.83
C LEU D 351 -5.55 -17.96 -67.64
N ASN D 352 -5.91 -18.04 -68.92
CA ASN D 352 -5.84 -16.83 -69.72
C ASN D 352 -6.81 -15.80 -69.17
N GLY D 353 -6.38 -14.55 -69.14
CA GLY D 353 -7.19 -13.49 -68.58
C GLY D 353 -8.05 -12.70 -69.55
N GLU D 354 -8.13 -13.10 -70.81
CA GLU D 354 -8.83 -12.30 -71.79
C GLU D 354 -9.69 -13.11 -72.75
N ASN D 355 -9.63 -14.44 -72.76
CA ASN D 355 -10.32 -15.22 -73.77
C ASN D 355 -11.67 -15.79 -73.33
N CYS D 356 -11.95 -15.87 -72.03
CA CYS D 356 -13.20 -16.52 -71.65
C CYS D 356 -14.35 -15.55 -71.49
N TRP D 357 -14.08 -14.25 -71.30
CA TRP D 357 -15.11 -13.31 -70.88
C TRP D 357 -16.12 -13.02 -71.99
N GLU D 358 -15.69 -13.04 -73.25
CA GLU D 358 -16.61 -12.73 -74.34
C GLU D 358 -17.78 -13.71 -74.42
N TYR D 359 -17.68 -14.88 -73.77
CA TYR D 359 -18.76 -15.85 -73.73
C TYR D 359 -19.68 -15.68 -72.53
N TYR D 360 -19.31 -14.83 -71.57
CA TYR D 360 -20.15 -14.58 -70.41
C TYR D 360 -21.11 -13.45 -70.73
N GLU D 361 -22.27 -13.49 -70.09
CA GLU D 361 -23.17 -12.33 -70.10
C GLU D 361 -22.42 -11.09 -69.63
N GLU D 362 -22.69 -9.97 -70.31
CA GLU D 362 -22.11 -8.67 -70.00
C GLU D 362 -20.60 -8.74 -69.85
N ASN D 363 -19.98 -9.59 -70.67
CA ASN D 363 -18.52 -9.69 -70.73
C ASN D 363 -17.92 -10.14 -69.39
N GLY D 364 -18.67 -10.90 -68.60
CA GLY D 364 -18.14 -11.44 -67.37
C GLY D 364 -18.10 -10.46 -66.22
N ILE D 365 -18.60 -9.26 -66.43
CA ILE D 365 -18.61 -8.26 -65.36
C ILE D 365 -19.48 -8.69 -64.17
N PRO D 366 -20.73 -9.12 -64.36
CA PRO D 366 -21.48 -9.63 -63.20
C PRO D 366 -20.72 -10.71 -62.44
N PHE D 367 -20.18 -11.69 -63.17
CA PHE D 367 -19.46 -12.78 -62.53
C PHE D 367 -18.29 -12.24 -61.70
N LEU D 368 -17.40 -11.47 -62.33
CA LEU D 368 -16.19 -11.04 -61.65
C LEU D 368 -16.49 -10.08 -60.52
N GLU D 369 -17.46 -9.17 -60.71
CA GLU D 369 -17.81 -8.23 -59.65
C GLU D 369 -18.42 -8.96 -58.46
N LYS D 370 -19.24 -9.98 -58.72
CA LYS D 370 -19.79 -10.78 -57.64
C LYS D 370 -18.71 -11.65 -56.99
N LEU D 371 -17.83 -12.23 -57.80
CA LEU D 371 -16.73 -13.01 -57.24
C LEU D 371 -15.85 -12.15 -56.36
N TYR D 372 -15.34 -11.05 -56.89
CA TYR D 372 -14.41 -10.20 -56.15
C TYR D 372 -15.07 -9.55 -54.93
N SER D 373 -16.33 -9.16 -55.06
CA SER D 373 -17.06 -8.60 -53.92
C SER D 373 -17.25 -9.63 -52.81
N THR D 374 -17.50 -10.88 -53.20
CA THR D 374 -17.54 -11.96 -52.22
C THR D 374 -16.16 -12.21 -51.62
N LEU D 375 -15.13 -12.36 -52.46
CA LEU D 375 -13.79 -12.67 -51.97
C LEU D 375 -13.29 -11.63 -50.99
N GLU D 376 -13.57 -10.33 -51.25
CA GLU D 376 -13.02 -9.29 -50.40
C GLU D 376 -13.65 -9.30 -49.00
N LYS D 377 -14.82 -9.91 -48.83
CA LYS D 377 -15.49 -10.02 -47.53
C LYS D 377 -15.18 -11.30 -46.78
N GLU D 378 -14.87 -12.40 -47.47
CA GLU D 378 -14.59 -13.66 -46.79
C GLU D 378 -13.28 -13.56 -46.03
N GLU D 379 -13.34 -13.82 -44.72
CA GLU D 379 -12.15 -13.69 -43.87
C GLU D 379 -11.32 -14.97 -43.81
N TRP D 380 -11.91 -16.14 -44.08
CA TRP D 380 -11.16 -17.39 -44.13
C TRP D 380 -10.43 -17.61 -45.46
N ILE D 381 -10.59 -16.71 -46.42
CA ILE D 381 -9.85 -16.70 -47.69
C ILE D 381 -8.95 -15.47 -47.68
N GLU D 382 -7.66 -15.67 -47.87
CA GLU D 382 -6.74 -14.55 -48.08
C GLU D 382 -6.20 -14.68 -49.50
N THR D 383 -6.54 -13.72 -50.36
CA THR D 383 -5.88 -13.68 -51.67
C THR D 383 -4.47 -13.14 -51.52
N LEU D 384 -3.56 -13.64 -52.36
CA LEU D 384 -2.15 -13.33 -52.22
C LEU D 384 -1.57 -12.86 -53.53
N THR D 385 -0.59 -11.97 -53.45
CA THR D 385 0.28 -11.75 -54.59
C THR D 385 1.17 -12.98 -54.79
N LEU D 386 1.88 -13.01 -55.93
CA LEU D 386 2.89 -14.06 -56.15
C LEU D 386 4.03 -13.93 -55.17
N GLU D 387 4.44 -12.69 -54.90
CA GLU D 387 5.46 -12.44 -53.90
C GLU D 387 5.04 -13.00 -52.56
N GLU D 388 3.79 -12.78 -52.17
CA GLU D 388 3.32 -13.29 -50.87
C GLU D 388 3.27 -14.82 -50.88
N ALA D 389 2.70 -15.41 -51.94
CA ALA D 389 2.65 -16.87 -52.05
C ALA D 389 4.05 -17.49 -52.02
N MET D 390 5.03 -16.83 -52.60
CA MET D 390 6.38 -17.38 -52.57
C MET D 390 6.99 -17.31 -51.15
N ARG D 391 6.75 -16.23 -50.42
CA ARG D 391 7.41 -15.96 -49.14
C ARG D 391 6.66 -16.51 -47.92
N LYS D 392 5.40 -16.89 -48.07
CA LYS D 392 4.57 -17.25 -46.91
C LYS D 392 5.20 -18.39 -46.10
N GLU D 393 5.25 -18.23 -44.78
CA GLU D 393 5.91 -19.21 -43.93
C GLU D 393 4.96 -20.31 -43.47
N ASP D 394 3.70 -19.98 -43.22
CA ASP D 394 2.75 -20.94 -42.66
C ASP D 394 2.04 -21.74 -43.75
N VAL D 395 2.82 -22.28 -44.70
CA VAL D 395 2.32 -23.14 -45.75
C VAL D 395 3.13 -24.44 -45.70
N LYS D 396 2.54 -25.49 -46.26
CA LYS D 396 3.23 -26.78 -46.36
C LYS D 396 4.04 -26.85 -47.64
N THR D 397 5.21 -27.49 -47.52
CA THR D 397 6.30 -27.44 -48.49
C THR D 397 6.72 -28.87 -48.81
N GLU D 398 7.22 -29.08 -50.03
CA GLU D 398 7.69 -30.40 -50.43
C GLU D 398 8.75 -30.22 -51.50
N VAL D 399 9.80 -31.06 -51.44
CA VAL D 399 10.80 -31.09 -52.50
C VAL D 399 10.32 -32.03 -53.59
N ILE D 400 10.54 -31.64 -54.84
CA ILE D 400 10.27 -32.47 -56.02
C ILE D 400 11.57 -32.58 -56.80
N GLU D 401 11.94 -33.80 -57.21
CA GLU D 401 13.24 -33.99 -57.85
C GLU D 401 13.18 -34.02 -59.37
N SER D 402 12.02 -34.32 -59.95
CA SER D 402 11.94 -34.52 -61.39
C SER D 402 10.50 -34.28 -61.82
N VAL D 403 10.36 -33.91 -63.07
CA VAL D 403 9.07 -33.76 -63.68
C VAL D 403 9.05 -34.41 -65.05
N LYS D 404 7.89 -34.91 -65.46
CA LYS D 404 7.73 -35.42 -66.82
C LYS D 404 7.30 -34.26 -67.70
N ALA D 405 8.09 -33.97 -68.74
CA ALA D 405 7.86 -32.78 -69.54
C ALA D 405 6.48 -32.80 -70.19
N GLY D 406 5.87 -31.63 -70.29
CA GLY D 406 4.53 -31.55 -70.84
C GLY D 406 4.02 -30.13 -70.80
N THR D 407 2.70 -30.00 -71.04
CA THR D 407 2.00 -28.72 -71.08
C THR D 407 0.71 -28.86 -70.29
N TRP D 408 -0.07 -27.78 -70.20
CA TRP D 408 -1.37 -27.93 -69.57
C TRP D 408 -2.40 -28.53 -70.51
N PHE D 409 -1.98 -28.88 -71.72
CA PHE D 409 -2.87 -29.59 -72.60
C PHE D 409 -2.59 -31.10 -72.52
N ASP D 410 -3.34 -31.77 -71.68
CA ASP D 410 -3.21 -33.23 -71.50
C ASP D 410 -1.83 -33.64 -70.96
N GLY D 411 -1.00 -32.70 -70.55
CA GLY D 411 0.32 -33.05 -70.04
C GLY D 411 1.32 -33.48 -71.09
N ASN D 412 1.11 -33.14 -72.36
CA ASN D 412 2.04 -33.52 -73.41
C ASN D 412 2.05 -32.43 -74.47
N PHE D 413 2.73 -32.69 -75.60
CA PHE D 413 3.04 -31.66 -76.59
C PHE D 413 2.27 -31.83 -77.90
N LEU D 414 1.23 -32.67 -77.92
CA LEU D 414 0.62 -33.08 -79.19
C LEU D 414 -0.17 -31.97 -79.88
N LYS D 415 -0.47 -30.86 -79.21
CA LYS D 415 -1.14 -29.74 -79.89
C LYS D 415 -0.20 -28.82 -80.65
N TRP D 416 1.11 -29.03 -80.55
CA TRP D 416 2.09 -28.22 -81.28
C TRP D 416 3.06 -29.03 -82.12
N ILE D 417 3.13 -30.34 -81.93
CA ILE D 417 4.08 -31.19 -82.64
C ILE D 417 3.52 -32.60 -82.64
N GLY D 418 3.90 -33.39 -83.63
CA GLY D 418 3.55 -34.79 -83.67
C GLY D 418 2.68 -35.23 -84.82
N ASN D 419 1.97 -34.34 -85.51
CA ASN D 419 1.24 -34.73 -86.71
C ASN D 419 1.92 -34.13 -87.95
N LYS D 420 1.41 -34.51 -89.13
CA LYS D 420 2.13 -34.16 -90.35
C LYS D 420 2.18 -32.65 -90.56
N GLU D 421 1.04 -31.97 -90.38
CA GLU D 421 1.00 -30.52 -90.62
C GLU D 421 1.81 -29.76 -89.56
N LYS D 422 1.64 -30.09 -88.29
CA LYS D 422 2.42 -29.40 -87.27
C LYS D 422 3.90 -29.68 -87.41
N ASN D 423 4.27 -30.92 -87.73
CA ASN D 423 5.68 -31.23 -87.98
C ASN D 423 6.22 -30.44 -89.15
N GLU D 424 5.36 -30.14 -90.14
CA GLU D 424 5.79 -29.31 -91.27
C GLU D 424 6.31 -27.96 -90.79
N TYR D 425 5.65 -27.37 -89.79
CA TYR D 425 6.09 -26.08 -89.27
C TYR D 425 7.45 -26.18 -88.58
N TRP D 426 7.67 -27.24 -87.80
CA TRP D 426 8.98 -27.43 -87.19
C TRP D 426 10.05 -27.66 -88.26
N LYS D 427 9.73 -28.43 -89.31
CA LYS D 427 10.67 -28.59 -90.42
C LYS D 427 10.99 -27.24 -91.05
N ILE D 428 9.98 -26.43 -91.30
CA ILE D 428 10.22 -25.09 -91.84
C ILE D 428 11.12 -24.31 -90.89
N LEU D 429 10.81 -24.38 -89.60
CA LEU D 429 11.57 -23.64 -88.59
C LEU D 429 13.02 -24.10 -88.54
N ILE D 430 13.23 -25.42 -88.58
CA ILE D 430 14.57 -25.98 -88.46
C ILE D 430 15.45 -25.56 -89.63
N GLU D 431 14.95 -25.68 -90.86
CA GLU D 431 15.75 -25.28 -92.01
C GLU D 431 16.03 -23.79 -91.98
N ALA D 432 15.03 -22.97 -91.63
CA ALA D 432 15.24 -21.54 -91.54
C ALA D 432 16.28 -21.17 -90.48
N LYS D 433 16.26 -21.88 -89.35
CA LYS D 433 17.22 -21.61 -88.28
C LYS D 433 18.66 -21.85 -88.74
N LYS D 434 18.87 -22.79 -89.65
CA LYS D 434 20.22 -23.04 -90.15
C LYS D 434 20.78 -21.81 -90.88
N LYS D 435 19.91 -20.95 -91.44
CA LYS D 435 20.34 -19.74 -92.13
C LYS D 435 19.74 -18.47 -91.54
N ALA D 436 19.32 -18.50 -90.27
CA ALA D 436 18.75 -17.30 -89.65
C ALA D 436 19.84 -16.28 -89.36
N LYS D 437 19.49 -15.01 -89.52
CA LYS D 437 20.46 -13.93 -89.36
C LYS D 437 19.98 -12.80 -88.47
N ASN D 438 18.79 -12.91 -87.87
CA ASN D 438 18.30 -11.88 -86.97
C ASN D 438 17.27 -12.50 -86.05
N ASP D 439 16.71 -11.68 -85.15
CA ASP D 439 15.85 -12.14 -84.07
C ASP D 439 14.43 -12.45 -84.52
N TYR D 440 14.09 -12.28 -85.80
CA TYR D 440 12.80 -12.76 -86.27
C TYR D 440 12.68 -14.28 -86.19
N ILE D 441 13.80 -15.02 -86.13
CA ILE D 441 13.71 -16.45 -85.88
C ILE D 441 13.12 -16.74 -84.48
N LEU D 442 13.27 -15.79 -83.55
CA LEU D 442 12.63 -15.96 -82.24
C LEU D 442 11.13 -15.77 -82.33
N VAL D 443 10.69 -14.79 -83.12
CA VAL D 443 9.24 -14.56 -83.32
C VAL D 443 8.58 -15.83 -83.83
N ALA D 444 9.20 -16.47 -84.83
CA ALA D 444 8.64 -17.67 -85.44
C ALA D 444 8.69 -18.88 -84.52
N GLU D 445 9.47 -18.82 -83.43
CA GLU D 445 9.42 -19.89 -82.44
C GLU D 445 8.25 -19.75 -81.47
N GLY D 446 7.36 -18.79 -81.68
CA GLY D 446 6.21 -18.64 -80.79
C GLY D 446 5.27 -19.83 -80.92
N SER D 447 4.70 -20.25 -79.78
CA SER D 447 3.89 -21.46 -79.77
C SER D 447 2.66 -21.36 -80.67
N ASP D 448 2.11 -20.15 -80.80
CA ASP D 448 0.81 -19.94 -81.45
C ASP D 448 0.77 -20.47 -82.88
N TRP D 449 1.87 -20.30 -83.62
CA TRP D 449 1.85 -20.70 -85.02
C TRP D 449 1.60 -22.19 -85.14
N PHE D 450 2.26 -22.98 -84.29
CA PHE D 450 2.09 -24.42 -84.28
C PHE D 450 0.74 -24.82 -83.71
N TRP D 451 0.18 -24.01 -82.81
CA TRP D 451 -1.14 -24.31 -82.27
C TRP D 451 -2.19 -24.33 -83.38
N TRP D 452 -2.16 -23.36 -84.28
CA TRP D 452 -3.18 -23.27 -85.32
C TRP D 452 -2.97 -24.18 -86.50
N GLN D 453 -1.75 -24.63 -86.67
CA GLN D 453 -1.44 -25.45 -87.78
C GLN D 453 -2.14 -26.72 -87.67
N GLY D 454 -2.68 -27.10 -88.78
CA GLY D 454 -3.40 -28.33 -88.82
C GLY D 454 -4.79 -28.15 -88.40
N GLU D 455 -5.32 -26.94 -88.54
CA GLU D 455 -6.77 -26.72 -88.20
C GLU D 455 -7.65 -26.40 -89.44
N GLU D 456 -7.20 -25.50 -90.32
CA GLU D 456 -7.87 -25.25 -91.64
C GLU D 456 -9.00 -24.24 -91.94
N LYS D 457 -10.18 -24.57 -91.55
CA LYS D 457 -11.20 -23.68 -92.00
C LYS D 457 -11.70 -22.77 -91.00
N ALA D 458 -10.89 -22.47 -90.02
CA ALA D 458 -11.40 -21.49 -89.16
C ALA D 458 -11.15 -20.21 -89.89
N PRO D 459 -12.10 -19.33 -89.83
CA PRO D 459 -11.93 -18.05 -90.44
C PRO D 459 -10.67 -17.37 -89.92
N PHE D 460 -9.87 -16.85 -90.82
CA PHE D 460 -8.61 -16.16 -90.50
C PHE D 460 -7.35 -17.01 -90.10
N VAL D 461 -7.38 -18.34 -90.20
CA VAL D 461 -6.18 -19.07 -89.81
C VAL D 461 -5.09 -18.98 -90.86
N GLU D 462 -5.44 -18.80 -92.14
CA GLU D 462 -4.42 -18.57 -93.14
C GLU D 462 -3.56 -17.36 -92.77
N VAL D 463 -4.13 -16.40 -92.03
CA VAL D 463 -3.35 -15.24 -91.61
C VAL D 463 -2.22 -15.67 -90.67
N PHE D 464 -2.50 -16.60 -89.75
CA PHE D 464 -1.46 -17.14 -88.88
C PHE D 464 -0.36 -17.79 -89.70
N ASP D 465 -0.74 -18.49 -90.78
CA ASP D 465 0.27 -19.07 -91.67
C ASP D 465 1.04 -17.98 -92.40
N LYS D 466 0.35 -16.95 -92.89
CA LYS D 466 1.03 -15.83 -93.55
C LYS D 466 2.04 -15.17 -92.61
N LEU D 467 1.62 -14.89 -91.37
CA LEU D 467 2.53 -14.31 -90.40
C LEU D 467 3.74 -15.22 -90.14
N PHE D 468 3.51 -16.49 -89.80
CA PHE D 468 4.61 -17.40 -89.48
C PHE D 468 5.65 -17.43 -90.61
N ARG D 469 5.19 -17.59 -91.84
CA ARG D 469 6.09 -17.71 -92.98
C ARG D 469 6.81 -16.40 -93.26
N SER D 470 6.13 -15.26 -93.05
CA SER D 470 6.80 -13.98 -93.23
C SER D 470 7.92 -13.78 -92.20
N PHE D 471 7.66 -14.14 -90.94
CA PHE D 471 8.72 -14.06 -89.94
C PHE D 471 9.85 -15.00 -90.29
N VAL D 472 9.51 -16.22 -90.75
CA VAL D 472 10.52 -17.18 -91.14
C VAL D 472 11.31 -16.66 -92.34
N ARG D 473 10.64 -16.01 -93.29
CA ARG D 473 11.37 -15.44 -94.41
C ARG D 473 12.26 -14.29 -93.95
N ARG D 474 11.69 -13.37 -93.15
CA ARG D 474 12.43 -12.21 -92.69
C ARG D 474 13.65 -12.58 -91.85
N ALA D 475 13.57 -13.69 -91.09
CA ALA D 475 14.67 -14.10 -90.23
C ALA D 475 15.92 -14.52 -91.01
N GLN D 476 15.81 -14.85 -92.24
CA GLN D 476 16.94 -15.39 -92.98
C GLN D 476 17.53 -14.31 -93.87
N GLU D 477 17.02 -13.11 -93.76
CA GLU D 477 17.51 -11.99 -94.52
C GLU D 477 18.17 -11.02 -93.60
C1 GLC E . -6.27 12.55 -21.85
C2 GLC E . -4.94 13.12 -22.41
C3 GLC E . -3.85 12.13 -22.04
C4 GLC E . -3.74 12.06 -20.50
C5 GLC E . -5.16 11.78 -19.93
C6 GLC E . -5.19 11.76 -18.40
O2 GLC E . -4.93 13.35 -23.74
O3 GLC E . -2.63 12.48 -22.53
O4 GLC E . -2.98 11.03 -20.15
O5 GLC E . -6.04 12.66 -20.46
O6 GLC E . -4.79 12.88 -17.89
C1 GLC E . -1.72 10.95 -19.90
C2 GLC E . -0.88 9.97 -20.64
C3 GLC E . -0.90 8.59 -19.97
C4 GLC E . -0.75 8.72 -18.43
C5 GLC E . -1.60 9.82 -17.85
C6 GLC E . -1.32 10.17 -16.38
O2 GLC E . -1.01 10.05 -22.03
O3 GLC E . 0.07 7.83 -20.40
O4 GLC E . -1.00 7.51 -17.82
O5 GLC E . -1.42 10.93 -18.57
O6 GLC E . -1.91 11.31 -15.99
C1 GLC E . -0.07 6.96 -17.00
C2 GLC E . 0.22 5.58 -17.57
C3 GLC E . -1.06 4.74 -17.49
C4 GLC E . -1.44 4.66 -16.00
C5 GLC E . -1.66 6.08 -15.43
C6 GLC E . -2.01 6.07 -13.93
O2 GLC E . 0.71 5.64 -18.89
O3 GLC E . -0.82 3.45 -17.98
O4 GLC E . -2.62 3.87 -15.87
O5 GLC E . -0.51 6.91 -15.65
O6 GLC E . -0.97 5.41 -13.21
C1 GLC E . -2.62 2.94 -14.87
C2 GLC E . -2.61 1.58 -15.46
C3 GLC E . -3.91 1.18 -16.07
C4 GLC E . -5.04 1.41 -15.10
C5 GLC E . -4.98 2.77 -14.48
C6 GLC E . -6.07 2.95 -13.46
O2 GLC E . -1.56 1.34 -16.30
O3 GLC E . -3.93 -0.13 -16.53
O4 GLC E . -6.18 1.17 -15.80
O5 GLC E . -3.65 2.87 -13.97
O6 GLC E . -7.46 2.63 -13.74
C1 GLC E . -6.59 -0.13 -15.58
C2 GLC E . -6.86 -0.88 -16.87
C3 GLC E . -8.14 -0.37 -17.58
C4 GLC E . -9.25 0.06 -16.63
C5 GLC E . -8.63 0.78 -15.44
C6 GLC E . -9.51 1.45 -14.50
O2 GLC E . -5.80 -0.59 -17.65
O3 GLC E . -8.59 -1.27 -18.61
O4 GLC E . -9.98 1.03 -17.37
O5 GLC E . -7.76 -0.17 -14.85
O6 GLC E . -10.44 2.08 -15.33
C1 GLC E . -11.38 0.93 -17.62
C2 GLC E . -11.64 0.53 -19.10
C3 GLC E . -11.29 1.63 -20.09
C4 GLC E . -11.89 2.90 -19.71
C5 GLC E . -11.87 3.20 -18.18
C6 GLC E . -12.84 4.37 -17.96
O2 GLC E . -11.05 -0.69 -19.52
O3 GLC E . -11.90 1.54 -21.38
O4 GLC E . -11.12 3.89 -20.43
O5 GLC E . -12.08 2.13 -17.31
O6 GLC E . -14.07 4.10 -18.67
C1 GLC E . -11.68 4.46 -21.57
C2 GLC E . -10.45 4.57 -22.50
C3 GLC E . -9.67 5.88 -22.40
C4 GLC E . -10.57 7.09 -22.19
C5 GLC E . -11.48 6.75 -21.02
C6 GLC E . -12.37 7.89 -20.54
O2 GLC E . -9.60 3.46 -22.26
O3 GLC E . -8.90 6.07 -23.57
O4 GLC E . -9.78 8.26 -21.99
O5 GLC E . -12.33 5.72 -21.45
O6 GLC E . -13.01 7.43 -19.38
C1 GLC E . -10.25 9.36 -22.83
C2 GLC E . -9.33 9.54 -24.03
C3 GLC E . -7.96 10.05 -23.60
C4 GLC E . -8.03 11.27 -22.68
C5 GLC E . -9.02 10.98 -21.54
C6 GLC E . -9.37 12.20 -20.69
O2 GLC E . -9.17 8.28 -24.63
O3 GLC E . -7.16 10.35 -24.72
O4 GLC E . -6.67 11.43 -22.30
O5 GLC E . -10.26 10.59 -22.10
O6 GLC E . -10.14 13.10 -21.44
C1 GLC F . 15.67 -4.95 22.70
C2 GLC F . 16.28 -3.59 23.11
C3 GLC F . 15.22 -2.53 22.74
C4 GLC F . 14.84 -2.64 21.24
C5 GLC F . 14.43 -4.08 20.86
C6 GLC F . 14.19 -4.27 19.35
O2 GLC F . 16.59 -3.64 24.52
O3 GLC F . 15.65 -1.19 23.01
O4 GLC F . 13.75 -1.77 21.01
O5 GLC F . 15.44 -4.98 21.29
O6 GLC F . 15.43 -4.26 18.69
C1 GLC F . 14.12 -0.48 20.49
C2 GLC F . 13.21 0.56 21.15
C3 GLC F . 11.77 0.28 20.75
C4 GLC F . 11.68 0.24 19.22
C5 GLC F . 12.68 -0.74 18.62
C6 GLC F . 12.72 -0.68 17.08
O2 GLC F . 13.40 0.52 22.56
O3 GLC F . 10.92 1.30 21.21
O4 GLC F . 10.36 -0.10 18.86
O5 GLC F . 13.98 -0.41 19.08
O6 GLC F . 13.73 -1.59 16.71
C1 GLC F . 9.74 0.88 18.01
C2 GLC F . 8.44 1.41 18.60
C3 GLC F . 7.49 0.25 18.75
C4 GLC F . 7.23 -0.33 17.37
C5 GLC F . 8.55 -0.72 16.74
C6 GLC F . 8.38 -1.22 15.31
O2 GLC F . 8.66 2.02 19.86
O3 GLC F . 6.29 0.72 19.31
O4 GLC F . 6.36 -1.43 17.49
O5 GLC F . 9.42 0.40 16.72
O6 GLC F . 7.64 -0.32 14.51
C1 GLC F . 5.20 -1.27 16.68
C2 GLC F . 3.90 -1.36 17.47
C3 GLC F . 3.70 -2.76 18.02
C4 GLC F . 3.85 -3.75 16.87
C5 GLC F . 5.21 -3.52 16.22
C6 GLC F . 5.50 -4.52 15.14
O2 GLC F . 3.95 -0.43 18.52
O3 GLC F . 2.42 -2.87 18.64
O4 GLC F . 3.78 -5.09 17.31
O5 GLC F . 5.17 -2.23 15.65
O6 GLC F . 4.93 -4.07 13.92
C1 GLC F . 2.78 -5.83 16.59
C2 GLC F . 1.90 -6.47 17.63
C3 GLC F . 2.78 -7.28 18.57
C4 GLC F . 3.56 -8.35 17.81
C5 GLC F . 4.29 -7.64 16.68
C6 GLC F . 5.10 -8.57 15.78
O2 GLC F . 1.26 -5.40 18.32
O3 GLC F . 1.98 -7.93 19.57
O4 GLC F . 4.47 -8.92 18.74
O5 GLC F . 3.33 -6.93 15.89
O6 GLC F . 4.27 -9.42 14.97
C1 GLC F . 4.41 -10.36 18.86
C2 GLC F . 3.81 -10.70 20.21
C3 GLC F . 4.61 -10.02 21.30
C4 GLC F . 6.06 -10.43 21.22
C5 GLC F . 6.57 -10.27 19.79
C6 GLC F . 8.00 -10.76 19.64
O2 GLC F . 2.50 -10.22 20.31
O3 GLC F . 4.06 -10.38 22.57
O4 GLC F . 6.71 -9.49 22.04
O5 GLC F . 5.70 -10.94 18.87
O6 GLC F . 8.09 -12.17 19.40
C1 GLC F . 7.04 -9.99 23.36
C2 GLC F . 7.20 -8.75 24.27
C3 GLC F . 8.49 -8.02 23.96
C4 GLC F . 9.70 -8.98 23.93
C5 GLC F . 9.33 -10.10 22.95
C6 GLC F . 10.40 -11.15 22.65
O2 GLC F . 6.09 -7.90 24.13
O3 GLC F . 8.70 -6.95 24.86
O4 GLC F . 10.86 -8.24 23.58
O5 GLC F . 8.20 -10.78 23.47
O6 GLC F . 9.83 -12.13 21.80
C1 GLC F . 12.04 -8.62 24.35
C2 GLC F . 12.37 -7.58 25.43
C3 GLC F . 12.91 -6.28 24.84
C4 GLC F . 14.11 -6.47 23.90
C5 GLC F . 13.73 -7.56 22.88
C6 GLC F . 14.91 -8.07 22.06
O2 GLC F . 11.22 -7.30 26.21
O3 GLC F . 13.28 -5.43 25.90
O4 GLC F . 14.41 -5.16 23.39
O5 GLC F . 13.21 -8.73 23.53
O6 GLC F . 15.67 -9.01 22.79
C1 GLC G . -17.26 3.41 74.84
C2 GLC G . -15.86 3.81 74.39
C3 GLC G . -14.85 2.84 74.98
C4 GLC G . -14.97 2.81 76.51
C5 GLC G . -16.42 2.59 76.92
C6 GLC G . -16.54 2.68 78.44
O2 GLC G . -15.73 3.86 72.99
O3 GLC G . -13.53 3.21 74.61
O4 GLC G . -14.25 1.69 76.98
O5 GLC G . -17.30 3.50 76.27
O6 GLC G . -16.54 4.05 78.84
C1 GLC G . -12.90 2.00 77.37
C2 GLC G . -11.98 0.88 76.87
C3 GLC G . -12.33 -0.43 77.56
C4 GLC G . -12.37 -0.23 79.09
C5 GLC G . -13.30 0.94 79.44
C6 GLC G . -13.33 1.23 80.95
O2 GLC G . -12.00 0.76 75.45
O3 GLC G . -11.40 -1.44 77.21
O4 GLC G . -12.87 -1.42 79.66
O5 GLC G . -12.83 2.10 78.77
O6 GLC G . -14.02 2.42 81.21
C1 GLC G . -11.97 -1.99 80.63
C2 GLC G . -11.60 -3.41 80.21
C3 GLC G . -12.82 -4.32 80.22
C4 GLC G . -13.47 -4.24 81.61
C5 GLC G . -13.78 -2.80 82.00
C6 GLC G . -14.36 -2.70 83.42
O2 GLC G . -11.04 -3.42 78.93
O3 GLC G . -12.47 -5.65 79.91
O4 GLC G . -14.65 -5.04 81.62
O5 GLC G . -12.59 -2.03 81.91
O6 GLC G . -13.42 -3.11 84.43
C1 GLC G . -14.43 -6.12 82.54
C2 GLC G . -14.91 -7.45 81.95
C3 GLC G . -16.41 -7.40 81.66
C4 GLC G . -17.20 -6.91 82.87
C5 GLC G . -16.55 -5.67 83.50
C6 GLC G . -17.17 -5.21 84.82
O2 GLC G . -14.16 -7.77 80.80
O3 GLC G . -16.84 -8.69 81.24
O4 GLC G . -18.53 -6.64 82.46
O5 GLC G . -15.18 -5.91 83.73
O6 GLC G . -17.06 -6.21 85.80
C1 GLC G . -19.49 -7.37 83.29
C2 GLC G . -19.94 -8.68 82.62
C3 GLC G . -20.81 -8.44 81.38
C4 GLC G . -21.84 -7.36 81.58
C5 GLC G . -21.25 -6.16 82.31
C6 GLC G . -22.27 -5.04 82.57
O2 GLC G . -18.84 -9.46 82.23
O3 GLC G . -21.44 -9.65 81.03
O4 GLC G . -22.17 -6.95 80.28
O5 GLC G . -20.65 -6.58 83.52
O6 GLC G . -22.65 -5.02 83.94
C1 GLC G . -23.58 -7.01 80.01
C2 GLC G . -23.79 -7.79 78.71
C3 GLC G . -22.95 -7.16 77.62
C4 GLC G . -23.20 -5.65 77.55
C5 GLC G . -23.24 -4.99 78.94
C6 GLC G . -23.70 -3.53 78.86
O2 GLC G . -23.44 -9.16 78.85
O3 GLC G . -23.21 -7.79 76.37
O4 GLC G . -22.20 -5.02 76.76
O5 GLC G . -24.06 -5.71 79.86
O6 GLC G . -24.82 -3.46 78.00
C1 GLC G . -22.72 -4.71 75.44
C2 GLC G . -21.58 -4.77 74.41
C3 GLC G . -20.66 -3.55 74.47
C4 GLC G . -21.47 -2.26 74.39
C5 GLC G . -22.45 -2.31 75.56
C6 GLC G . -23.31 -1.08 75.71
O2 GLC G . -20.85 -5.96 74.62
O3 GLC G . -19.67 -3.59 73.47
O4 GLC G . -20.59 -1.14 74.41
O5 GLC G . -23.32 -3.41 75.40
O6 GLC G . -24.37 -1.17 74.81
C1 GLC G . -20.96 -0.16 73.40
C2 GLC G . -19.85 -0.01 72.35
C3 GLC G . -18.58 0.57 72.98
C4 GLC G . -18.81 1.89 73.74
C5 GLC G . -20.05 1.72 74.65
C6 GLC G . -20.59 3.05 75.21
O2 GLC G . -19.57 -1.29 71.82
O3 GLC G . -17.58 0.77 72.01
O4 GLC G . -17.57 2.07 74.39
O5 GLC G . -21.15 1.13 73.97
O6 GLC G . -21.01 3.89 74.17
C1 GLC H . -2.76 -20.88 -75.10
C2 GLC H . -2.19 -19.59 -74.54
C3 GLC H . -2.99 -18.43 -75.12
C4 GLC H . -3.06 -18.47 -76.66
C5 GLC H . -3.41 -19.88 -77.15
C6 GLC H . -3.27 -20.00 -78.67
O2 GLC H . -2.33 -19.64 -73.13
O3 GLC H . -2.47 -17.18 -74.70
O4 GLC H . -4.05 -17.54 -77.04
O5 GLC H . -2.60 -20.85 -76.50
O6 GLC H . -1.88 -19.95 -79.02
C1 GLC H . -3.47 -16.30 -77.51
C2 GLC H . -4.43 -15.15 -77.10
C3 GLC H . -5.74 -15.30 -77.85
C4 GLC H . -5.51 -15.40 -79.36
C5 GLC H . -4.46 -16.48 -79.68
C6 GLC H . -4.06 -16.52 -81.18
O2 GLC H . -4.63 -15.13 -75.67
O3 GLC H . -6.58 -14.21 -77.51
O4 GLC H . -6.74 -15.71 -80.03
O5 GLC H . -3.28 -16.26 -78.93
O6 GLC H . -2.96 -17.41 -81.41
C1 GLC H . -7.05 -14.72 -81.04
C2 GLC H . -8.41 -14.08 -80.77
C3 GLC H . -9.50 -15.13 -80.80
C4 GLC H . -9.49 -15.80 -82.17
C5 GLC H . -8.08 -16.31 -82.52
C6 GLC H . -7.99 -16.77 -83.98
O2 GLC H . -8.44 -13.38 -79.56
O3 GLC H . -10.75 -14.51 -80.55
O4 GLC H . -10.43 -16.86 -82.18
O5 GLC H . -7.09 -15.31 -82.33
O6 GLC H . -8.23 -15.68 -84.85
C1 GLC H . -11.36 -16.62 -83.28
C2 GLC H . -12.82 -16.53 -82.82
C3 GLC H . -13.30 -17.86 -82.26
C4 GLC H . -13.07 -19.00 -83.25
C5 GLC H . -11.65 -18.98 -83.81
C6 GLC H . -11.50 -19.84 -85.08
O2 GLC H . -12.94 -15.47 -81.89
O3 GLC H . -14.68 -17.78 -81.96
O4 GLC H . -13.33 -20.22 -82.59
O5 GLC H . -11.27 -17.68 -84.23
O6 GLC H . -11.85 -19.12 -86.25
C1 GLC H . -14.23 -21.08 -83.32
C2 GLC H . -15.10 -21.94 -82.37
C3 GLC H . -14.82 -23.44 -82.44
C4 GLC H . -13.38 -23.87 -82.75
C5 GLC H . -12.60 -22.75 -83.40
C6 GLC H . -11.46 -23.28 -84.27
O2 GLC H . -15.02 -21.52 -81.02
O3 GLC H . -15.68 -24.06 -83.39
O4 GLC H . -12.73 -24.29 -81.56
O5 GLC H . -13.48 -21.95 -84.17
O6 GLC H . -11.87 -24.43 -84.98
C1 GLC H . -12.80 -25.73 -81.40
C2 GLC H . -13.76 -26.07 -80.26
C3 GLC H . -13.36 -25.28 -79.02
C4 GLC H . -11.90 -25.63 -78.66
C5 GLC H . -10.96 -25.75 -79.86
C6 GLC H . -9.77 -26.64 -79.49
O2 GLC H . -15.11 -25.83 -80.60
O3 GLC H . -14.24 -25.58 -77.97
O4 GLC H . -11.40 -24.68 -77.74
O5 GLC H . -11.56 -26.28 -81.04
O6 GLC H . -9.03 -26.99 -80.64
C1 GLC H . -11.51 -25.27 -76.42
C2 GLC H . -11.62 -24.19 -75.33
C3 GLC H . -10.33 -23.40 -75.19
C4 GLC H . -9.13 -24.33 -74.93
C5 GLC H . -9.11 -25.44 -75.98
C6 GLC H . -8.19 -26.62 -75.63
O2 GLC H . -12.72 -23.34 -75.60
O3 GLC H . -10.47 -22.42 -74.17
O4 GLC H . -7.95 -23.55 -74.91
O5 GLC H . -10.36 -26.07 -76.14
O6 GLC H . -8.69 -27.27 -74.49
C1 GLC H . -6.97 -24.00 -73.92
C2 GLC H . -6.75 -22.91 -72.87
C3 GLC H . -5.92 -21.75 -73.42
C4 GLC H . -4.64 -22.18 -74.14
C5 GLC H . -5.00 -23.27 -75.17
C6 GLC H . -3.78 -23.96 -75.77
O2 GLC H . -8.01 -22.41 -72.53
O3 GLC H . -5.63 -20.83 -72.38
O4 GLC H . -4.15 -20.98 -74.69
O5 GLC H . -5.73 -24.32 -74.53
O6 GLC H . -3.05 -24.60 -74.74
C1 GOL I . 13.07 32.94 -30.66
O1 GOL I . 13.38 34.25 -31.04
C2 GOL I . 12.31 33.04 -29.32
O2 GOL I . 11.14 33.75 -29.44
C3 GOL I . 12.06 31.58 -28.94
O3 GOL I . 11.33 31.63 -27.77
C1 GOL J . 5.50 0.99 -30.90
O1 GOL J . 6.06 -0.11 -30.29
C2 GOL J . 4.05 1.00 -30.55
O2 GOL J . 3.55 2.32 -30.31
C3 GOL J . 3.44 0.22 -31.73
O3 GOL J . 2.18 0.67 -31.90
C1 GOL K . -16.71 31.76 -23.79
O1 GOL K . -15.59 32.13 -24.54
C2 GOL K . -17.72 32.96 -23.70
O2 GOL K . -17.18 34.12 -23.16
C3 GOL K . -18.24 33.19 -25.14
O3 GOL K . -17.56 34.31 -25.66
C1 PEG L . 9.30 26.19 -12.99
O1 PEG L . 10.45 26.76 -12.41
C2 PEG L . 9.44 24.67 -13.02
O2 PEG L . 10.48 24.37 -13.93
C3 PEG L . 11.11 23.16 -13.68
C4 PEG L . 10.16 22.03 -14.08
O4 PEG L . 10.93 20.91 -14.37
C1 PEG M . 17.81 14.42 -26.52
O1 PEG M . 17.88 14.60 -27.91
C2 PEG M . 18.82 15.37 -25.87
O2 PEG M . 18.98 16.47 -26.71
C3 PEG M . 18.03 17.49 -26.53
C4 PEG M . 18.63 18.55 -25.61
O4 PEG M . 20.00 18.70 -25.90
C1 EDO N . -9.52 9.16 -28.06
O1 EDO N . -10.25 8.32 -28.97
C2 EDO N . -8.32 8.39 -27.50
O2 EDO N . -7.31 9.32 -27.05
C1 EDO O . 4.19 32.77 -12.42
O1 EDO O . 2.92 32.63 -13.05
C2 EDO O . 4.02 33.62 -11.15
O2 EDO O . 2.87 33.14 -10.44
C1 EDO P . 5.16 -10.50 -26.10
O1 EDO P . 4.33 -10.24 -27.23
C2 EDO P . 4.65 -9.69 -24.90
O2 EDO P . 5.08 -8.33 -25.00
C1 GOL Q . -5.38 7.64 27.05
O1 GOL Q . -4.15 8.31 26.86
C2 GOL Q . -6.36 8.64 27.70
O2 GOL Q . -7.60 8.07 27.90
C3 GOL Q . -5.67 9.08 29.01
O3 GOL Q . -5.04 7.97 29.52
C1 GOL R . 5.38 8.60 32.11
O1 GOL R . 5.16 9.34 30.95
C2 GOL R . 5.56 7.13 31.69
O2 GOL R . 6.81 6.87 31.08
C3 GOL R . 5.33 6.33 33.01
O3 GOL R . 6.42 5.51 33.15
C1 PEG S . 35.48 -18.43 24.93
O1 PEG S . 34.37 -19.03 25.54
C2 PEG S . 35.03 -17.63 23.70
O2 PEG S . 34.63 -16.34 24.07
C3 PEG S . 33.39 -15.93 23.58
C4 PEG S . 33.56 -15.11 22.29
O4 PEG S . 34.20 -15.89 21.32
C1 EDO T . 14.91 -12.67 29.97
O1 EDO T . 15.27 -14.03 29.70
C2 EDO T . 13.53 -12.23 29.42
O2 EDO T . 13.44 -10.80 29.38
C1 EDO U . 27.16 -6.09 24.29
O1 EDO U . 28.08 -7.15 24.45
C2 EDO U . 26.63 -5.96 22.88
O2 EDO U . 25.65 -6.97 22.64
C1 EDO V . -4.30 24.53 28.00
O1 EDO V . -4.48 23.40 28.87
C2 EDO V . -5.08 25.72 28.53
O2 EDO V . -6.06 25.29 29.49
C1 EDO W . -6.43 -8.64 67.81
O1 EDO W . -6.38 -9.56 66.68
C2 EDO W . -5.05 -8.25 68.33
O2 EDO W . -4.18 -9.39 68.49
C1 PEG X . -27.66 25.01 67.89
O1 PEG X . -27.36 25.87 68.96
C2 PEG X . -28.47 23.82 68.43
O2 PEG X . -27.91 23.39 69.64
C3 PEG X . -26.62 22.84 69.56
C4 PEG X . -26.35 21.99 70.79
O4 PEG X . -26.00 22.79 71.89
C1 GOL Y . -13.46 -6.23 -68.37
O1 GOL Y . -14.15 -5.53 -69.32
C2 GOL Y . -13.57 -7.73 -68.74
O2 GOL Y . -12.31 -8.34 -68.95
C3 GOL Y . -14.43 -8.31 -67.56
O3 GOL Y . -13.88 -9.52 -67.22
#